data_8E3P
#
_entry.id   8E3P
#
_cell.length_a   137.353
_cell.length_b   178.943
_cell.length_c   180.474
_cell.angle_alpha   90.000
_cell.angle_beta   90.000
_cell.angle_gamma   90.000
#
_symmetry.space_group_name_H-M   'I 2 2 2'
#
loop_
_entity.id
_entity.type
_entity.pdbx_description
1 polymer 'Chaetomium alpha glucosidase'
2 non-polymer (2S,3S,4S,5R)-2-(hydroxymethyl)-1-{6-[3-nitro-5-(pyridin-4-yl)anilino]hexyl}piperidine-3,4,5-triol
3 non-polymer GLYCEROL
4 non-polymer 'SULFATE ION'
5 non-polymer 2-acetamido-2-deoxy-beta-D-glucopyranose
6 water water
#
_entity_poly.entity_id   1
_entity_poly.type   'polypeptide(L)'
_entity_poly.pdbx_seq_one_letter_code
;MGILPSPGMPALLSLVSLLSVLLMGCVAETGVEGESILHSEIGRLNNQSLLWGPYRPNIYFGTRPRIGKSLMTGLMWGKI
ESYTDFQHTVRYTCEQNEGMKGYGWDEYDPRRGGIQSIHDIQNGLDITTSFVKIPGGAHGGSWAARIKGTLNDDAPKDQK
TIVVFYVSQEGENSELEAVPSENEFGYEGDVILKGRSEALGNYKLVVTKGKGVIPQSDHDLSRLRGPGQTVVQSLTYPDE
VLWQAKPILFQQLKAGIDWLVENKYDVADPPPPWQVYLLANKPGSGNVHIVQKVFEGDFEFDILFSSESAGKEVTSKDLE
REVKQATEVFGERFARVFDLKAPFQGDNYKKFGKSMFSNLIGGIGYFYGHSLVDRSYAPEYDEENEGFWEDAAEARARHQ
EALEGPYELFTSIPSRPFFPRGFLWDEGFHLLPIADWDIDLALEIIKSWYNLMDEDGWIAREQILGAEARSKVPKEFQTQ
YPHYANPPTLFLVLDNFVERLRKNNASQPVVKDNLSLDETLSTASVDNPEVGLEYLRRLYPLLRRQFDWFRKTQAGDIKS
YDREAYSTKEAYRWRGRTVSHCLTSGLDDYPRPQPPHPGELHVDLMSWVGVMVKSLISIGSLLGATEDVEFYTKVLDAIE
HNLDDLHWSEKEGCYCDATIDEFEEHKLVCHKGYISLFPFLTGLLKPDSPKLGKLLALIGDESELWSPYGLRSLSKKDEF
YGTAENYWRSPVWININYLAIVQLYNIATQDGPYKETARDLYTRLRKNIVETVYRNWEETGFAWEQYNPETGKGQRTQHF
TGWTSLVVKIMSGHHHHHH
;
_entity_poly.pdbx_strand_id   A,B
#
loop_
_chem_comp.id
_chem_comp.type
_chem_comp.name
_chem_comp.formula
GOL non-polymer GLYCEROL 'C3 H8 O3'
NAG D-saccharide, beta linking 2-acetamido-2-deoxy-beta-D-glucopyranose 'C8 H15 N O6'
SO4 non-polymer 'SULFATE ION' 'O4 S -2'
UF6 non-polymer (2S,3S,4S,5R)-2-(hydroxymethyl)-1-{6-[3-nitro-5-(pyridin-4-yl)anilino]hexyl}piperidine-3,4,5-triol 'C23 H32 N4 O6'
#
# COMPACT_ATOMS: atom_id res chain seq x y z
N LEU A 38 -14.61 -1.15 31.83
CA LEU A 38 -14.83 -2.64 31.87
C LEU A 38 -14.51 -3.24 30.51
N HIS A 39 -14.95 -2.58 29.43
CA HIS A 39 -14.62 -3.01 28.08
C HIS A 39 -13.10 -3.14 27.96
N SER A 40 -12.37 -2.09 28.38
CA SER A 40 -10.91 -2.05 28.42
C SER A 40 -10.34 -3.24 29.23
N GLU A 41 -10.97 -3.54 30.37
CA GLU A 41 -10.55 -4.56 31.30
C GLU A 41 -10.70 -5.95 30.69
N ILE A 42 -11.84 -6.19 30.04
CA ILE A 42 -12.10 -7.50 29.45
C ILE A 42 -11.10 -7.76 28.33
N GLY A 43 -10.87 -6.72 27.50
CA GLY A 43 -9.92 -6.76 26.41
C GLY A 43 -8.54 -7.24 26.85
N ARG A 44 -8.04 -6.64 27.95
CA ARG A 44 -6.79 -6.97 28.60
C ARG A 44 -6.80 -8.43 29.05
N LEU A 45 -7.92 -8.89 29.63
CA LEU A 45 -8.05 -10.25 30.15
C LEU A 45 -8.11 -11.26 29.01
N ASN A 46 -8.73 -10.89 27.87
CA ASN A 46 -8.75 -11.71 26.67
C ASN A 46 -7.34 -11.81 26.08
N ASN A 47 -6.74 -10.63 25.85
CA ASN A 47 -5.36 -10.46 25.44
C ASN A 47 -4.53 -11.50 26.20
N GLN A 48 -4.60 -11.47 27.54
CA GLN A 48 -3.72 -12.26 28.40
C GLN A 48 -4.07 -13.74 28.32
N SER A 49 -5.35 -14.04 28.10
CA SER A 49 -5.81 -15.42 28.08
C SER A 49 -5.32 -16.10 26.79
N LEU A 50 -5.33 -15.37 25.68
CA LEU A 50 -5.13 -16.00 24.37
C LEU A 50 -3.70 -15.83 23.89
N LEU A 51 -2.82 -15.19 24.69
CA LEU A 51 -1.50 -14.84 24.19
C LEU A 51 -0.75 -16.05 23.64
N TRP A 52 -0.59 -17.11 24.45
CA TRP A 52 0.15 -18.31 24.04
C TRP A 52 -0.78 -19.33 23.40
N GLY A 53 -0.23 -20.08 22.43
CA GLY A 53 -0.92 -21.25 21.93
C GLY A 53 -0.02 -22.05 20.99
N PRO A 54 -0.50 -23.18 20.42
CA PRO A 54 0.24 -23.86 19.38
C PRO A 54 -0.18 -23.23 18.07
N TYR A 55 0.09 -21.92 17.92
CA TYR A 55 -0.51 -21.11 16.87
C TYR A 55 0.29 -21.23 15.57
N ARG A 56 0.80 -22.43 15.31
CA ARG A 56 1.58 -22.71 14.11
C ARG A 56 0.91 -23.88 13.37
N PRO A 57 -0.34 -23.72 12.88
CA PRO A 57 -1.08 -24.85 12.32
C PRO A 57 -0.45 -25.42 11.06
N ASN A 58 0.50 -24.69 10.45
CA ASN A 58 1.24 -25.10 9.24
C ASN A 58 2.29 -26.18 9.54
N ILE A 59 2.65 -26.39 10.82
CA ILE A 59 3.60 -27.48 11.11
C ILE A 59 2.88 -28.47 12.02
N TYR A 60 3.39 -29.70 12.11
CA TYR A 60 2.73 -30.72 12.94
C TYR A 60 2.59 -30.25 14.39
N PHE A 61 3.69 -29.74 14.97
CA PHE A 61 3.60 -29.24 16.33
C PHE A 61 4.62 -28.13 16.58
N GLY A 62 4.13 -26.98 17.05
CA GLY A 62 4.97 -25.91 17.58
C GLY A 62 4.11 -24.83 18.26
N THR A 63 4.77 -23.86 18.87
CA THR A 63 4.11 -22.82 19.65
C THR A 63 4.67 -21.47 19.25
N ARG A 64 3.83 -20.42 19.42
CA ARG A 64 4.21 -19.02 19.35
C ARG A 64 3.14 -18.21 20.06
N PRO A 65 3.49 -17.04 20.64
CA PRO A 65 2.48 -16.12 21.15
C PRO A 65 2.02 -15.23 20.00
N ARG A 66 0.99 -14.42 20.28
CA ARG A 66 0.43 -13.52 19.31
C ARG A 66 1.28 -12.24 19.30
N ILE A 67 2.56 -12.41 18.94
CA ILE A 67 3.52 -11.32 18.84
C ILE A 67 4.35 -11.60 17.60
N GLY A 68 4.44 -10.64 16.70
CA GLY A 68 5.16 -10.79 15.45
C GLY A 68 6.57 -11.36 15.62
N LYS A 69 7.40 -10.71 16.46
CA LYS A 69 8.83 -11.01 16.55
C LYS A 69 9.14 -11.48 17.98
N SER A 70 9.13 -12.79 18.20
CA SER A 70 9.13 -13.36 19.55
C SER A 70 9.68 -14.80 19.52
N LEU A 71 9.33 -15.59 20.56
CA LEU A 71 9.84 -16.93 20.78
C LEU A 71 8.91 -17.93 20.11
N MET A 72 9.49 -18.81 19.27
CA MET A 72 8.76 -19.87 18.57
C MET A 72 9.42 -21.24 18.79
N THR A 73 8.60 -22.31 18.79
CA THR A 73 9.13 -23.66 18.92
C THR A 73 8.57 -24.57 17.82
N GLY A 74 9.33 -25.62 17.47
CA GLY A 74 8.85 -26.58 16.49
C GLY A 74 9.38 -28.00 16.71
N LEU A 75 8.49 -28.99 16.53
CA LEU A 75 8.85 -30.40 16.67
C LEU A 75 9.23 -30.97 15.31
N MET A 76 10.31 -31.78 15.30
CA MET A 76 10.67 -32.62 14.16
C MET A 76 11.00 -34.02 14.67
N TRP A 77 10.68 -35.04 13.86
CA TRP A 77 11.09 -36.40 14.16
C TRP A 77 11.29 -37.12 12.84
N GLY A 78 12.03 -38.23 12.89
CA GLY A 78 12.15 -39.10 11.73
C GLY A 78 12.89 -40.38 12.10
N LYS A 79 12.50 -41.51 11.53
CA LYS A 79 13.25 -42.72 11.82
C LYS A 79 14.55 -42.65 11.04
N ILE A 80 15.61 -43.31 11.54
CA ILE A 80 16.88 -43.43 10.81
C ILE A 80 17.29 -44.90 10.70
N GLU A 81 17.38 -45.37 9.45
CA GLU A 81 17.70 -46.75 9.17
C GLU A 81 18.98 -46.88 8.35
N SER A 82 19.51 -45.76 7.83
CA SER A 82 20.61 -45.80 6.87
C SER A 82 21.35 -44.48 6.92
N TYR A 83 22.39 -44.36 6.08
CA TYR A 83 23.21 -43.16 6.03
C TYR A 83 22.48 -42.03 5.29
N THR A 84 21.38 -42.34 4.57
CA THR A 84 20.80 -41.32 3.69
C THR A 84 19.27 -41.13 3.84
N ASP A 85 18.63 -41.81 4.78
CA ASP A 85 17.17 -41.84 4.79
C ASP A 85 16.57 -40.68 5.59
N PHE A 86 17.28 -40.15 6.60
CA PHE A 86 16.67 -39.25 7.56
C PHE A 86 16.21 -37.96 6.89
N GLN A 87 16.92 -37.55 5.83
CA GLN A 87 16.54 -36.36 5.09
C GLN A 87 15.19 -36.58 4.42
N HIS A 88 14.83 -37.83 4.12
CA HIS A 88 13.56 -38.11 3.47
C HIS A 88 12.49 -38.44 4.51
N THR A 89 12.85 -38.84 5.73
CA THR A 89 11.84 -39.33 6.64
C THR A 89 11.43 -38.25 7.64
N VAL A 90 12.28 -37.24 7.81
CA VAL A 90 12.01 -36.22 8.82
C VAL A 90 10.71 -35.48 8.51
N ARG A 91 9.95 -35.25 9.58
CA ARG A 91 8.68 -34.55 9.53
C ARG A 91 8.85 -33.19 10.21
N TYR A 92 8.20 -32.17 9.62
CA TYR A 92 8.16 -30.85 10.18
C TYR A 92 6.89 -30.13 9.76
N THR A 93 6.83 -29.67 8.49
CA THR A 93 5.66 -28.98 7.98
C THR A 93 4.55 -29.99 7.64
N CYS A 94 3.29 -29.63 7.86
CA CYS A 94 2.15 -30.50 7.55
C CYS A 94 2.06 -30.88 6.08
N GLU A 95 1.87 -32.19 5.82
CA GLU A 95 1.56 -32.71 4.49
C GLU A 95 0.46 -33.74 4.62
N GLN A 96 0.00 -34.29 3.49
CA GLN A 96 -0.88 -35.45 3.53
C GLN A 96 -0.66 -36.26 2.27
N ASN A 97 -0.19 -37.50 2.44
CA ASN A 97 0.16 -38.41 1.35
C ASN A 97 0.07 -39.83 1.91
N GLU A 98 0.48 -40.84 1.12
CA GLU A 98 0.33 -42.26 1.44
C GLU A 98 1.19 -42.63 2.65
N GLY A 99 2.30 -41.92 2.89
CA GLY A 99 3.13 -42.13 4.06
C GLY A 99 2.47 -41.68 5.38
N MET A 100 1.33 -40.97 5.31
CA MET A 100 0.73 -40.45 6.54
C MET A 100 -0.73 -40.87 6.62
N LYS A 101 -1.06 -41.63 7.68
CA LYS A 101 -2.40 -42.16 7.81
C LYS A 101 -3.40 -41.05 8.14
N GLY A 102 -2.97 -40.15 9.03
CA GLY A 102 -3.80 -39.03 9.45
C GLY A 102 -3.24 -38.42 10.73
N TYR A 103 -3.88 -37.33 11.15
CA TYR A 103 -3.43 -36.57 12.29
C TYR A 103 -4.48 -35.52 12.59
N GLY A 104 -4.51 -35.02 13.83
CA GLY A 104 -5.37 -33.90 14.13
C GLY A 104 -5.57 -33.78 15.63
N TRP A 105 -6.39 -32.80 16.01
CA TRP A 105 -6.74 -32.57 17.40
C TRP A 105 -7.88 -33.47 17.81
N ASP A 106 -7.69 -34.13 18.96
CA ASP A 106 -8.76 -34.91 19.56
C ASP A 106 -9.63 -33.98 20.41
N GLU A 107 -8.97 -33.00 21.04
CA GLU A 107 -9.58 -32.02 21.91
C GLU A 107 -8.79 -30.73 21.75
N TYR A 108 -9.48 -29.60 21.76
CA TYR A 108 -8.71 -28.37 21.74
C TYR A 108 -9.59 -27.20 22.15
N ASP A 109 -8.98 -26.31 22.94
CA ASP A 109 -9.51 -25.00 23.29
C ASP A 109 -8.31 -24.06 23.38
N PRO A 110 -8.32 -22.91 22.65
CA PRO A 110 -7.17 -22.02 22.60
C PRO A 110 -6.83 -21.39 23.95
N ARG A 111 -7.78 -21.35 24.89
CA ARG A 111 -7.48 -20.82 26.20
C ARG A 111 -6.70 -21.83 27.05
N ARG A 112 -6.92 -23.13 26.82
CA ARG A 112 -6.54 -24.17 27.77
C ARG A 112 -5.42 -25.07 27.23
N GLY A 113 -5.43 -25.30 25.91
CA GLY A 113 -4.61 -26.34 25.30
C GLY A 113 -5.46 -27.47 24.73
N GLY A 114 -4.83 -28.64 24.53
CA GLY A 114 -5.52 -29.82 24.00
C GLY A 114 -4.54 -30.94 23.67
N ILE A 115 -5.02 -31.91 22.87
CA ILE A 115 -4.27 -33.13 22.58
C ILE A 115 -4.39 -33.44 21.09
N GLN A 116 -3.25 -33.75 20.48
CA GLN A 116 -3.15 -34.00 19.05
C GLN A 116 -2.58 -35.40 18.91
N SER A 117 -3.17 -36.21 18.01
CA SER A 117 -2.56 -37.47 17.65
C SER A 117 -2.15 -37.50 16.18
N ILE A 118 -0.98 -38.09 15.93
CA ILE A 118 -0.41 -38.19 14.60
C ILE A 118 -0.12 -39.66 14.32
N HIS A 119 -0.61 -40.15 13.17
CA HIS A 119 -0.44 -41.54 12.78
C HIS A 119 0.39 -41.57 11.50
N ASP A 120 1.67 -41.90 11.69
CA ASP A 120 2.70 -41.74 10.68
C ASP A 120 3.10 -43.13 10.20
N ILE A 121 2.77 -43.44 8.94
CA ILE A 121 3.08 -44.76 8.40
C ILE A 121 4.57 -44.87 8.09
N GLN A 122 5.10 -43.92 7.33
CA GLN A 122 6.50 -43.94 6.95
C GLN A 122 7.39 -44.18 8.17
N ASN A 123 7.10 -43.53 9.30
CA ASN A 123 8.03 -43.60 10.42
C ASN A 123 7.53 -44.57 11.49
N GLY A 124 6.47 -45.34 11.18
CA GLY A 124 6.00 -46.44 12.01
C GLY A 124 5.69 -45.99 13.44
N LEU A 125 5.09 -44.80 13.54
CA LEU A 125 4.97 -44.09 14.81
C LEU A 125 3.57 -43.49 14.95
N ASP A 126 3.01 -43.70 16.14
CA ASP A 126 1.83 -43.01 16.63
C ASP A 126 2.28 -41.99 17.67
N ILE A 127 2.05 -40.71 17.37
CA ILE A 127 2.49 -39.66 18.27
C ILE A 127 1.29 -38.93 18.88
N THR A 128 1.49 -38.47 20.10
CA THR A 128 0.57 -37.66 20.88
C THR A 128 1.34 -36.42 21.34
N THR A 129 0.73 -35.26 21.13
CA THR A 129 1.30 -34.00 21.57
C THR A 129 0.22 -33.31 22.37
N SER A 130 0.42 -33.28 23.70
CA SER A 130 -0.48 -32.66 24.65
C SER A 130 0.11 -31.30 24.96
N PHE A 131 -0.72 -30.26 24.92
CA PHE A 131 -0.25 -28.92 25.20
C PHE A 131 -1.20 -28.26 26.18
N VAL A 132 -0.66 -27.42 27.09
CA VAL A 132 -1.52 -26.88 28.13
C VAL A 132 -0.96 -25.55 28.58
N LYS A 133 -1.89 -24.64 28.87
CA LYS A 133 -1.52 -23.32 29.32
C LYS A 133 -1.73 -23.23 30.82
N ILE A 134 -0.81 -22.53 31.50
CA ILE A 134 -0.94 -22.32 32.93
C ILE A 134 -0.91 -20.82 33.18
N PRO A 135 -2.06 -20.20 33.50
CA PRO A 135 -2.13 -18.75 33.72
C PRO A 135 -1.30 -18.29 34.92
N GLY A 136 -0.89 -17.01 34.91
CA GLY A 136 -0.17 -16.38 36.00
C GLY A 136 0.85 -15.38 35.49
N GLY A 137 1.33 -14.48 36.37
CA GLY A 137 2.30 -13.46 35.98
C GLY A 137 1.69 -12.39 35.06
N ALA A 138 2.54 -11.68 34.31
CA ALA A 138 2.11 -10.49 33.61
C ALA A 138 2.43 -10.56 32.12
N HIS A 139 2.75 -11.77 31.64
CA HIS A 139 3.37 -11.93 30.34
C HIS A 139 2.62 -12.98 29.51
N GLY A 140 1.44 -13.35 29.98
CA GLY A 140 0.53 -14.24 29.28
C GLY A 140 0.62 -15.68 29.78
N GLY A 141 1.21 -15.89 30.94
CA GLY A 141 1.15 -17.20 31.58
C GLY A 141 2.25 -18.13 31.07
N SER A 142 2.15 -19.39 31.48
CA SER A 142 3.14 -20.43 31.21
C SER A 142 2.46 -21.52 30.39
N TRP A 143 3.24 -22.50 29.90
CA TRP A 143 2.67 -23.60 29.13
C TRP A 143 3.61 -24.80 29.19
N ALA A 144 3.05 -25.97 28.92
CA ALA A 144 3.81 -27.22 28.87
C ALA A 144 3.26 -28.12 27.75
N ALA A 145 4.12 -29.04 27.29
CA ALA A 145 3.69 -30.00 26.30
C ALA A 145 4.36 -31.34 26.58
N ARG A 146 3.68 -32.44 26.25
CA ARG A 146 4.24 -33.78 26.34
C ARG A 146 4.22 -34.40 24.96
N ILE A 147 5.40 -34.72 24.45
CA ILE A 147 5.54 -35.42 23.19
C ILE A 147 5.73 -36.89 23.52
N LYS A 148 4.78 -37.74 23.09
CA LYS A 148 4.88 -39.17 23.29
C LYS A 148 4.84 -39.88 21.94
N GLY A 149 5.88 -40.70 21.66
CA GLY A 149 5.89 -41.53 20.46
C GLY A 149 5.80 -43.01 20.83
N THR A 150 4.84 -43.73 20.25
CA THR A 150 4.68 -45.16 20.46
C THR A 150 4.80 -45.86 19.11
N LEU A 151 5.82 -46.71 18.92
CA LEU A 151 5.99 -47.43 17.66
C LEU A 151 4.73 -48.26 17.40
N ASN A 152 4.34 -48.41 16.13
CA ASN A 152 3.17 -49.23 15.83
C ASN A 152 3.62 -50.67 15.63
N ASP A 153 2.68 -51.54 15.24
CA ASP A 153 2.94 -52.98 15.18
C ASP A 153 3.87 -53.35 14.03
N ASP A 154 4.00 -52.50 13.00
CA ASP A 154 4.79 -52.89 11.85
C ASP A 154 6.22 -52.35 11.97
N ALA A 155 6.47 -51.52 12.98
CA ALA A 155 7.78 -50.90 13.10
C ALA A 155 8.77 -51.86 13.74
N PRO A 156 10.04 -51.90 13.25
CA PRO A 156 11.11 -52.61 13.95
C PRO A 156 11.13 -52.17 15.42
N LYS A 157 11.15 -53.16 16.33
CA LYS A 157 11.03 -52.91 17.76
C LYS A 157 12.23 -52.11 18.25
N ASP A 158 13.32 -52.15 17.47
CA ASP A 158 14.55 -51.48 17.83
C ASP A 158 14.79 -50.27 16.91
N GLN A 159 13.72 -49.72 16.30
CA GLN A 159 13.85 -48.55 15.44
C GLN A 159 14.55 -47.42 16.18
N LYS A 160 15.45 -46.75 15.47
CA LYS A 160 16.01 -45.49 15.91
C LYS A 160 15.24 -44.30 15.33
N THR A 161 14.67 -43.47 16.22
CA THR A 161 13.96 -42.25 15.87
C THR A 161 14.76 -41.03 16.36
N ILE A 162 15.12 -40.13 15.44
CA ILE A 162 15.67 -38.81 15.79
C ILE A 162 14.54 -37.83 16.08
N VAL A 163 14.65 -37.13 17.22
CA VAL A 163 13.67 -36.12 17.57
C VAL A 163 14.43 -34.82 17.81
N VAL A 164 13.89 -33.73 17.25
CA VAL A 164 14.42 -32.38 17.45
C VAL A 164 13.34 -31.48 18.02
N PHE A 165 13.71 -30.68 19.03
CA PHE A 165 12.93 -29.53 19.41
C PHE A 165 13.72 -28.28 19.03
N TYR A 166 13.12 -27.46 18.16
CA TYR A 166 13.79 -26.30 17.57
C TYR A 166 13.19 -25.05 18.20
N VAL A 167 14.06 -24.17 18.67
CA VAL A 167 13.63 -22.98 19.39
C VAL A 167 14.32 -21.80 18.72
N SER A 168 13.51 -20.82 18.33
CA SER A 168 14.03 -19.58 17.76
C SER A 168 13.44 -18.40 18.52
N GLN A 169 14.15 -17.26 18.49
CA GLN A 169 13.66 -16.00 19.04
C GLN A 169 14.13 -14.84 18.18
N GLU A 170 13.16 -14.00 17.78
CA GLU A 170 13.37 -12.83 16.95
C GLU A 170 13.19 -11.56 17.78
N GLY A 171 13.95 -10.52 17.44
CA GLY A 171 13.95 -9.27 18.21
C GLY A 171 15.36 -8.71 18.42
N GLU A 172 15.46 -7.40 18.64
CA GLU A 172 16.77 -6.76 18.76
C GLU A 172 17.36 -6.88 20.18
N ASN A 173 16.51 -6.77 21.21
CA ASN A 173 16.97 -6.56 22.58
C ASN A 173 16.51 -7.72 23.46
N SER A 174 16.91 -8.93 23.08
CA SER A 174 16.44 -10.11 23.78
C SER A 174 17.50 -11.22 23.72
N GLU A 175 17.43 -12.11 24.71
CA GLU A 175 18.51 -13.05 24.89
C GLU A 175 17.91 -14.42 25.15
N LEU A 176 18.68 -15.45 24.79
CA LEU A 176 18.30 -16.83 25.02
C LEU A 176 19.58 -17.67 25.03
N GLU A 177 19.72 -18.50 26.08
CA GLU A 177 20.95 -19.23 26.31
C GLU A 177 20.66 -20.62 26.89
N ALA A 178 21.29 -21.64 26.31
CA ALA A 178 21.35 -22.98 26.88
C ALA A 178 22.36 -23.02 28.02
N VAL A 179 21.87 -23.25 29.24
CA VAL A 179 22.72 -23.61 30.36
C VAL A 179 23.53 -24.85 29.98
N PRO A 180 24.89 -24.79 30.04
CA PRO A 180 25.73 -25.93 29.66
C PRO A 180 25.50 -27.20 30.48
N SER A 181 25.91 -28.35 29.93
CA SER A 181 25.79 -29.61 30.64
C SER A 181 26.97 -29.74 31.62
N GLU A 182 26.79 -30.57 32.67
CA GLU A 182 27.90 -30.93 33.55
C GLU A 182 28.76 -31.99 32.85
N ASN A 183 28.13 -32.81 32.00
CA ASN A 183 28.80 -33.88 31.27
C ASN A 183 29.56 -33.33 30.06
N GLU A 184 30.43 -34.16 29.49
CA GLU A 184 31.42 -33.68 28.54
C GLU A 184 30.80 -33.53 27.14
N PHE A 185 29.85 -34.40 26.79
CA PHE A 185 29.47 -34.64 25.40
C PHE A 185 28.01 -34.27 25.10
N GLY A 186 27.31 -33.77 26.12
CA GLY A 186 25.87 -33.66 26.01
C GLY A 186 25.21 -33.72 27.37
N TYR A 187 23.90 -33.96 27.42
CA TYR A 187 23.11 -33.85 28.63
C TYR A 187 22.65 -35.23 29.07
N GLU A 188 22.86 -35.56 30.35
CA GLU A 188 22.31 -36.78 30.92
C GLU A 188 20.85 -36.54 31.30
N GLY A 189 20.54 -35.31 31.70
CA GLY A 189 19.21 -34.93 32.19
C GLY A 189 18.55 -33.87 31.31
N ASP A 190 17.96 -32.85 31.96
CA ASP A 190 17.10 -31.90 31.27
C ASP A 190 17.97 -30.83 30.61
N VAL A 191 17.48 -30.25 29.50
CA VAL A 191 18.11 -29.08 28.89
C VAL A 191 17.37 -27.84 29.37
N ILE A 192 18.11 -26.87 29.93
CA ILE A 192 17.51 -25.63 30.40
C ILE A 192 17.95 -24.50 29.49
N LEU A 193 16.96 -23.84 28.89
CA LEU A 193 17.25 -22.59 28.20
C LEU A 193 16.67 -21.48 29.06
N LYS A 194 17.49 -20.43 29.24
CA LYS A 194 17.13 -19.22 29.97
C LYS A 194 17.08 -18.06 28.97
N GLY A 195 15.99 -17.30 29.03
CA GLY A 195 15.77 -16.25 28.04
C GLY A 195 15.07 -15.01 28.59
N ARG A 196 15.06 -13.96 27.76
CA ARG A 196 14.46 -12.70 28.15
C ARG A 196 14.12 -11.87 26.91
N SER A 197 12.95 -11.20 26.98
CA SER A 197 12.60 -10.15 26.01
C SER A 197 11.65 -9.15 26.66
N GLU A 198 11.49 -7.99 25.99
CA GLU A 198 10.54 -6.96 26.38
C GLU A 198 9.14 -7.57 26.52
N ALA A 199 8.72 -8.33 25.49
CA ALA A 199 7.39 -8.90 25.45
C ALA A 199 7.18 -9.97 26.53
N LEU A 200 8.16 -10.87 26.74
CA LEU A 200 7.87 -12.01 27.61
C LEU A 200 8.47 -11.81 29.01
N GLY A 201 9.24 -10.74 29.20
CA GLY A 201 10.02 -10.66 30.43
C GLY A 201 11.04 -11.79 30.46
N ASN A 202 11.43 -12.20 31.68
CA ASN A 202 12.32 -13.34 31.90
C ASN A 202 11.49 -14.63 31.86
N TYR A 203 12.09 -15.70 31.31
CA TYR A 203 11.45 -17.01 31.27
C TYR A 203 12.53 -18.11 31.19
N LYS A 204 12.11 -19.35 31.46
CA LYS A 204 12.95 -20.50 31.17
C LYS A 204 12.14 -21.54 30.41
N LEU A 205 12.85 -22.25 29.53
CA LEU A 205 12.23 -23.24 28.68
C LEU A 205 13.03 -24.54 28.83
N VAL A 206 12.35 -25.59 29.31
CA VAL A 206 13.03 -26.82 29.69
C VAL A 206 12.60 -27.98 28.79
N VAL A 207 13.61 -28.69 28.26
CA VAL A 207 13.34 -29.93 27.54
C VAL A 207 13.80 -31.07 28.43
N THR A 208 12.82 -31.85 28.94
CA THR A 208 13.12 -32.82 29.97
C THR A 208 13.85 -34.00 29.35
N LYS A 209 14.50 -34.79 30.23
CA LYS A 209 15.32 -35.91 29.80
C LYS A 209 14.42 -36.93 29.08
N GLY A 210 13.20 -37.11 29.61
CA GLY A 210 12.22 -38.00 29.02
C GLY A 210 12.45 -39.45 29.41
N LYS A 211 11.52 -40.30 28.97
CA LYS A 211 11.56 -41.74 29.16
C LYS A 211 11.86 -42.40 27.81
N GLY A 212 12.66 -43.46 27.84
CA GLY A 212 12.92 -44.28 26.67
C GLY A 212 14.40 -44.64 26.55
N VAL A 213 14.70 -45.71 25.80
CA VAL A 213 16.04 -46.22 25.65
C VAL A 213 16.82 -45.30 24.71
N ILE A 214 18.02 -44.93 25.16
CA ILE A 214 18.94 -44.12 24.38
C ILE A 214 20.01 -45.08 23.86
N PRO A 215 20.13 -45.29 22.53
CA PRO A 215 21.13 -46.21 21.98
C PRO A 215 22.53 -45.73 22.36
N GLN A 216 23.51 -46.64 22.43
CA GLN A 216 24.86 -46.29 22.85
C GLN A 216 25.85 -46.79 21.81
N SER A 217 26.85 -45.98 21.48
CA SER A 217 27.75 -46.40 20.41
C SER A 217 29.10 -46.81 20.97
N ASP A 218 29.61 -47.94 20.45
CA ASP A 218 30.81 -48.61 20.90
C ASP A 218 31.97 -48.14 20.02
N HIS A 219 31.65 -47.28 19.06
CA HIS A 219 32.60 -46.85 18.04
C HIS A 219 33.68 -45.95 18.65
N ASP A 220 34.83 -45.91 17.97
CA ASP A 220 35.91 -45.01 18.32
C ASP A 220 35.42 -43.56 18.48
N LEU A 221 34.45 -43.16 17.65
CA LEU A 221 33.93 -41.81 17.62
C LEU A 221 33.41 -41.37 18.99
N SER A 222 32.96 -42.36 19.78
CA SER A 222 32.37 -42.08 21.08
C SER A 222 33.36 -41.42 22.04
N ARG A 223 34.66 -41.56 21.75
CA ARG A 223 35.65 -40.86 22.55
C ARG A 223 35.57 -39.35 22.26
N LEU A 224 35.10 -38.97 21.06
CA LEU A 224 35.03 -37.55 20.73
C LEU A 224 33.60 -37.03 20.81
N ARG A 225 32.59 -37.88 20.53
CA ARG A 225 31.22 -37.39 20.44
C ARG A 225 30.38 -37.92 21.61
N GLY A 226 30.99 -38.78 22.41
CA GLY A 226 30.26 -39.45 23.47
C GLY A 226 29.56 -40.69 22.93
N PRO A 227 29.12 -41.62 23.80
CA PRO A 227 28.45 -42.85 23.36
C PRO A 227 27.06 -42.61 22.75
N GLY A 228 26.41 -41.49 23.13
CA GLY A 228 25.06 -41.15 22.68
C GLY A 228 24.26 -40.53 23.81
N GLN A 229 23.80 -39.27 23.61
CA GLN A 229 23.11 -38.51 24.63
C GLN A 229 22.40 -37.28 23.99
N THR A 230 21.49 -36.66 24.74
CA THR A 230 20.84 -35.43 24.33
C THR A 230 21.92 -34.39 24.06
N VAL A 231 21.73 -33.64 22.96
CA VAL A 231 22.67 -32.59 22.57
C VAL A 231 21.91 -31.31 22.23
N VAL A 232 22.65 -30.19 22.35
CA VAL A 232 22.17 -28.84 22.08
C VAL A 232 23.19 -28.09 21.23
N GLN A 233 22.70 -27.48 20.14
CA GLN A 233 23.48 -26.48 19.41
C GLN A 233 22.77 -25.14 19.48
N SER A 234 23.53 -24.14 19.94
CA SER A 234 23.06 -22.77 20.03
C SER A 234 23.70 -21.94 18.92
N LEU A 235 22.88 -21.35 18.04
CA LEU A 235 23.35 -20.67 16.83
C LEU A 235 22.76 -19.27 16.71
N THR A 236 23.30 -18.50 15.77
CA THR A 236 22.74 -17.21 15.43
C THR A 236 22.58 -17.07 13.91
N TYR A 237 21.36 -16.69 13.50
CA TYR A 237 21.11 -16.30 12.13
C TYR A 237 20.41 -14.95 12.16
N PRO A 238 20.42 -14.18 11.05
CA PRO A 238 19.63 -12.95 10.96
C PRO A 238 18.17 -13.35 11.09
N ASP A 239 17.45 -12.57 11.92
CA ASP A 239 16.14 -12.90 12.45
C ASP A 239 15.17 -13.40 11.39
N GLU A 240 15.23 -12.85 10.17
CA GLU A 240 14.17 -13.09 9.22
C GLU A 240 14.25 -14.47 8.58
N VAL A 241 15.24 -15.30 8.94
CA VAL A 241 15.34 -16.62 8.33
C VAL A 241 15.20 -17.73 9.37
N LEU A 242 14.93 -17.37 10.63
CA LEU A 242 14.91 -18.33 11.71
C LEU A 242 13.80 -19.36 11.50
N TRP A 243 12.76 -18.98 10.74
CA TRP A 243 11.64 -19.87 10.48
C TRP A 243 12.11 -21.07 9.66
N GLN A 244 13.29 -20.96 9.01
CA GLN A 244 13.66 -22.01 8.06
C GLN A 244 14.32 -23.18 8.79
N ALA A 245 13.56 -23.79 9.71
CA ALA A 245 14.14 -24.71 10.68
C ALA A 245 14.79 -25.90 9.98
N LYS A 246 14.14 -26.45 8.94
CA LYS A 246 14.66 -27.65 8.31
C LYS A 246 16.04 -27.40 7.67
N PRO A 247 16.22 -26.41 6.78
CA PRO A 247 17.56 -26.11 6.24
C PRO A 247 18.57 -25.70 7.32
N ILE A 248 18.09 -25.07 8.40
CA ILE A 248 19.04 -24.69 9.43
C ILE A 248 19.56 -25.95 10.12
N LEU A 249 18.65 -26.88 10.40
CA LEU A 249 19.06 -28.12 11.03
C LEU A 249 20.00 -28.87 10.09
N PHE A 250 19.65 -28.97 8.81
CA PHE A 250 20.41 -29.81 7.92
C PHE A 250 21.82 -29.26 7.70
N GLN A 251 21.95 -27.94 7.79
CA GLN A 251 23.24 -27.31 7.59
C GLN A 251 24.14 -27.87 8.69
N GLN A 252 23.61 -27.94 9.93
CA GLN A 252 24.36 -28.44 11.07
C GLN A 252 24.74 -29.92 10.88
N LEU A 253 23.79 -30.73 10.37
CA LEU A 253 24.05 -32.15 10.17
C LEU A 253 25.12 -32.36 9.10
N LYS A 254 24.95 -31.69 7.96
CA LYS A 254 25.95 -31.69 6.91
C LYS A 254 27.33 -31.37 7.50
N ALA A 255 27.42 -30.36 8.38
CA ALA A 255 28.72 -29.91 8.86
C ALA A 255 29.34 -30.98 9.77
N GLY A 256 28.53 -31.62 10.61
CA GLY A 256 28.96 -32.77 11.40
C GLY A 256 29.52 -33.91 10.53
N ILE A 257 28.80 -34.25 9.45
CA ILE A 257 29.24 -35.28 8.52
C ILE A 257 30.58 -34.89 7.86
N ASP A 258 30.70 -33.62 7.44
CA ASP A 258 31.94 -33.12 6.83
C ASP A 258 33.12 -33.29 7.79
N TRP A 259 32.86 -33.06 9.08
CA TRP A 259 33.86 -33.22 10.12
C TRP A 259 34.32 -34.69 10.25
N LEU A 260 33.40 -35.64 10.31
CA LEU A 260 33.73 -37.06 10.23
C LEU A 260 34.66 -37.33 9.04
N VAL A 261 34.29 -36.83 7.85
CA VAL A 261 35.06 -37.16 6.66
C VAL A 261 36.48 -36.61 6.83
N GLU A 262 36.58 -35.37 7.31
CA GLU A 262 37.86 -34.70 7.44
C GLU A 262 38.73 -35.42 8.48
N ASN A 263 38.09 -36.07 9.45
CA ASN A 263 38.77 -36.63 10.61
C ASN A 263 38.90 -38.16 10.51
N LYS A 264 38.78 -38.70 9.29
CA LYS A 264 39.18 -40.05 8.95
C LYS A 264 38.15 -41.10 9.40
N TYR A 265 36.91 -40.68 9.73
CA TYR A 265 35.86 -41.68 9.92
C TYR A 265 35.29 -42.02 8.55
N ASP A 266 35.31 -43.32 8.18
CA ASP A 266 35.13 -43.75 6.78
C ASP A 266 34.45 -45.12 6.69
N VAL A 267 34.39 -45.65 5.45
CA VAL A 267 33.57 -46.82 5.13
C VAL A 267 34.28 -48.13 5.51
N ALA A 268 35.58 -48.04 5.80
CA ALA A 268 36.30 -49.17 6.39
C ALA A 268 35.66 -49.51 7.74
N ASP A 269 35.34 -48.48 8.54
CA ASP A 269 34.74 -48.63 9.85
C ASP A 269 33.86 -47.43 10.17
N PRO A 270 32.59 -47.40 9.70
CA PRO A 270 31.74 -46.21 9.85
C PRO A 270 31.00 -46.25 11.18
N PRO A 271 30.76 -45.10 11.87
CA PRO A 271 29.94 -45.09 13.07
C PRO A 271 28.54 -45.49 12.62
N PRO A 272 27.64 -45.89 13.56
CA PRO A 272 26.27 -46.23 13.17
C PRO A 272 25.57 -44.96 12.63
N PRO A 273 24.54 -45.09 11.75
CA PRO A 273 23.84 -43.92 11.17
C PRO A 273 23.39 -42.88 12.18
N TRP A 274 22.82 -43.37 13.27
CA TRP A 274 22.19 -42.51 14.25
C TRP A 274 23.21 -41.66 15.00
N GLN A 275 24.46 -42.13 15.02
CA GLN A 275 25.52 -41.36 15.64
C GLN A 275 26.12 -40.41 14.60
N VAL A 276 26.17 -40.84 13.34
CA VAL A 276 26.60 -39.94 12.28
C VAL A 276 25.69 -38.72 12.22
N TYR A 277 24.41 -38.89 12.58
CA TYR A 277 23.40 -37.84 12.53
C TYR A 277 23.13 -37.19 13.89
N LEU A 278 24.05 -37.38 14.86
CA LEU A 278 23.87 -36.69 16.13
C LEU A 278 24.83 -35.51 16.19
N LEU A 279 24.28 -34.31 16.38
CA LEU A 279 25.08 -33.10 16.43
C LEU A 279 26.10 -33.13 17.58
N ALA A 280 27.32 -32.62 17.30
CA ALA A 280 28.28 -32.26 18.35
C ALA A 280 27.64 -31.25 19.29
N ASN A 281 27.55 -31.59 20.57
CA ASN A 281 26.98 -30.71 21.57
C ASN A 281 27.76 -29.39 21.60
N LYS A 282 27.07 -28.26 21.45
CA LYS A 282 27.74 -26.97 21.57
C LYS A 282 26.73 -25.93 22.05
N PRO A 283 26.26 -25.99 23.31
CA PRO A 283 25.28 -25.03 23.82
C PRO A 283 25.98 -23.71 24.08
N GLY A 284 25.17 -22.63 24.16
CA GLY A 284 25.59 -21.27 24.37
C GLY A 284 24.43 -20.29 24.18
N SER A 285 24.82 -19.12 23.65
CA SER A 285 23.95 -17.98 23.37
C SER A 285 23.62 -17.97 21.89
N GLY A 286 22.43 -17.47 21.56
CA GLY A 286 22.03 -17.24 20.18
C GLY A 286 20.52 -17.15 20.06
N ASN A 287 20.05 -16.99 18.81
CA ASN A 287 18.63 -16.80 18.54
C ASN A 287 18.01 -18.10 17.98
N VAL A 288 18.84 -19.15 17.82
CA VAL A 288 18.37 -20.48 17.45
C VAL A 288 18.98 -21.52 18.40
N HIS A 289 18.15 -22.43 18.92
CA HIS A 289 18.59 -23.52 19.79
C HIS A 289 18.06 -24.86 19.28
N ILE A 290 18.95 -25.78 18.85
CA ILE A 290 18.56 -27.10 18.41
C ILE A 290 18.81 -28.12 19.52
N VAL A 291 17.73 -28.75 20.01
CA VAL A 291 17.78 -29.79 21.01
C VAL A 291 17.43 -31.12 20.35
N GLN A 292 18.38 -32.06 20.35
CA GLN A 292 18.27 -33.32 19.64
C GLN A 292 18.38 -34.49 20.62
N LYS A 293 17.43 -35.44 20.50
CA LYS A 293 17.41 -36.70 21.20
C LYS A 293 17.34 -37.83 20.16
N VAL A 294 17.93 -38.98 20.50
CA VAL A 294 17.78 -40.21 19.72
C VAL A 294 17.23 -41.30 20.64
N PHE A 295 16.14 -41.92 20.20
CA PHE A 295 15.51 -42.96 20.99
C PHE A 295 15.42 -44.27 20.21
N GLU A 296 15.51 -45.37 20.96
CA GLU A 296 15.28 -46.71 20.46
C GLU A 296 13.98 -47.20 21.08
N GLY A 297 13.00 -47.53 20.23
CA GLY A 297 11.69 -47.93 20.74
C GLY A 297 10.87 -46.72 21.17
N ASP A 298 9.88 -46.96 22.03
CA ASP A 298 8.96 -45.93 22.49
C ASP A 298 9.74 -44.83 23.21
N PHE A 299 9.16 -43.62 23.25
CA PHE A 299 9.77 -42.48 23.93
C PHE A 299 8.69 -41.46 24.35
N GLU A 300 9.06 -40.63 25.32
CA GLU A 300 8.31 -39.43 25.65
C GLU A 300 9.22 -38.41 26.31
N PHE A 301 8.82 -37.15 26.22
CA PHE A 301 9.55 -36.08 26.88
C PHE A 301 8.64 -34.87 26.96
N ASP A 302 9.01 -33.96 27.88
CA ASP A 302 8.17 -32.81 28.16
C ASP A 302 8.88 -31.53 27.78
N ILE A 303 8.08 -30.51 27.45
CA ILE A 303 8.58 -29.16 27.32
C ILE A 303 7.85 -28.30 28.35
N LEU A 304 8.64 -27.60 29.16
CA LEU A 304 8.09 -26.76 30.21
C LEU A 304 8.56 -25.32 30.00
N PHE A 305 7.56 -24.43 29.83
CA PHE A 305 7.80 -23.02 29.65
C PHE A 305 7.32 -22.30 30.91
N SER A 306 8.27 -21.65 31.60
CA SER A 306 7.95 -21.02 32.88
C SER A 306 8.16 -19.52 32.76
N SER A 307 7.05 -18.77 32.85
CA SER A 307 7.15 -17.32 32.89
C SER A 307 7.62 -16.93 34.28
N GLU A 308 8.76 -16.23 34.34
CA GLU A 308 9.36 -15.90 35.62
C GLU A 308 8.42 -15.03 36.44
N SER A 309 7.75 -14.06 35.80
CA SER A 309 6.84 -13.17 36.49
C SER A 309 5.66 -13.89 37.13
N ALA A 310 5.40 -15.16 36.80
CA ALA A 310 4.38 -15.92 37.52
C ALA A 310 5.02 -16.56 38.75
N GLY A 311 4.23 -17.37 39.48
CA GLY A 311 4.71 -17.99 40.71
C GLY A 311 5.94 -18.89 40.51
N LYS A 312 5.80 -20.17 40.91
CA LYS A 312 6.91 -21.11 40.77
C LYS A 312 6.94 -21.61 39.33
N GLU A 313 8.07 -22.21 38.96
CA GLU A 313 8.26 -22.77 37.63
C GLU A 313 7.38 -24.01 37.44
N VAL A 314 7.07 -24.32 36.17
CA VAL A 314 6.16 -25.40 35.78
C VAL A 314 6.91 -26.72 35.85
N THR A 315 6.23 -27.76 36.37
CA THR A 315 6.82 -29.08 36.44
C THR A 315 5.99 -30.07 35.63
N SER A 316 6.57 -31.24 35.39
CA SER A 316 5.95 -32.34 34.67
C SER A 316 4.69 -32.84 35.40
N LYS A 317 4.60 -32.63 36.72
CA LYS A 317 3.41 -33.01 37.47
C LYS A 317 2.36 -31.92 37.27
N ASP A 318 2.83 -30.68 37.14
CA ASP A 318 1.95 -29.61 36.72
C ASP A 318 1.29 -30.00 35.39
N LEU A 319 2.11 -30.47 34.43
CA LEU A 319 1.65 -30.78 33.09
C LEU A 319 0.54 -31.84 33.12
N GLU A 320 0.86 -32.98 33.76
CA GLU A 320 -0.03 -34.14 33.83
C GLU A 320 -1.39 -33.73 34.39
N ARG A 321 -1.37 -32.98 35.50
CA ARG A 321 -2.60 -32.60 36.18
C ARG A 321 -3.39 -31.64 35.27
N GLU A 322 -2.71 -30.62 34.75
CA GLU A 322 -3.40 -29.59 33.98
C GLU A 322 -3.97 -30.18 32.67
N VAL A 323 -3.39 -31.27 32.19
CA VAL A 323 -3.92 -31.95 31.02
C VAL A 323 -5.21 -32.69 31.37
N LYS A 324 -5.23 -33.38 32.53
CA LYS A 324 -6.41 -34.14 32.96
C LYS A 324 -7.59 -33.19 33.10
N GLN A 325 -7.30 -32.02 33.69
CA GLN A 325 -8.28 -30.99 33.99
C GLN A 325 -8.82 -30.39 32.69
N ALA A 326 -7.95 -30.14 31.70
CA ALA A 326 -8.40 -29.55 30.45
C ALA A 326 -9.38 -30.48 29.74
N THR A 327 -9.07 -31.78 29.76
CA THR A 327 -9.94 -32.78 29.14
C THR A 327 -11.35 -32.66 29.71
N GLU A 328 -11.42 -32.49 31.04
CA GLU A 328 -12.68 -32.63 31.75
C GLU A 328 -13.58 -31.47 31.33
N VAL A 329 -12.98 -30.27 31.34
CA VAL A 329 -13.64 -29.04 31.00
C VAL A 329 -14.01 -29.06 29.51
N PHE A 330 -13.10 -29.59 28.67
CA PHE A 330 -13.44 -29.78 27.28
C PHE A 330 -14.71 -30.62 27.18
N GLY A 331 -14.71 -31.79 27.82
CA GLY A 331 -15.88 -32.67 27.79
C GLY A 331 -17.19 -31.97 28.20
N GLU A 332 -17.15 -31.26 29.33
CA GLU A 332 -18.34 -30.65 29.92
C GLU A 332 -18.88 -29.56 29.01
N ARG A 333 -17.97 -28.75 28.43
CA ARG A 333 -18.35 -27.63 27.56
C ARG A 333 -19.02 -28.17 26.29
N PHE A 334 -18.53 -29.30 25.78
CA PHE A 334 -19.01 -29.84 24.52
C PHE A 334 -20.46 -30.29 24.66
N ALA A 335 -20.73 -31.04 25.74
CA ALA A 335 -22.04 -31.65 25.95
C ALA A 335 -23.10 -30.56 26.05
N ARG A 336 -22.69 -29.40 26.57
CA ARG A 336 -23.53 -28.22 26.74
C ARG A 336 -23.67 -27.47 25.42
N VAL A 337 -22.54 -27.12 24.79
CA VAL A 337 -22.54 -26.28 23.60
C VAL A 337 -22.94 -27.08 22.36
N PHE A 338 -22.47 -28.32 22.25
CA PHE A 338 -22.73 -29.14 21.09
C PHE A 338 -23.52 -30.37 21.52
N ASP A 339 -24.77 -30.13 21.91
CA ASP A 339 -25.65 -31.19 22.35
C ASP A 339 -26.34 -31.70 21.10
N LEU A 340 -25.97 -32.91 20.66
CA LEU A 340 -26.35 -33.37 19.34
C LEU A 340 -27.75 -33.98 19.43
N LYS A 341 -28.65 -33.54 18.55
CA LYS A 341 -30.03 -33.99 18.54
C LYS A 341 -30.18 -35.21 17.65
N ALA A 342 -31.35 -35.86 17.79
CA ALA A 342 -31.68 -37.10 17.09
C ALA A 342 -31.58 -36.87 15.59
N PRO A 343 -31.12 -37.87 14.81
CA PRO A 343 -30.66 -39.16 15.35
C PRO A 343 -29.15 -39.26 15.59
N PHE A 344 -28.55 -38.17 16.07
CA PHE A 344 -27.10 -38.14 16.18
C PHE A 344 -26.63 -38.11 17.64
N GLN A 345 -27.51 -38.50 18.58
CA GLN A 345 -27.25 -38.35 20.00
C GLN A 345 -26.30 -39.44 20.48
N GLY A 346 -26.07 -40.46 19.66
CA GLY A 346 -25.24 -41.60 20.04
C GLY A 346 -23.75 -41.27 20.06
N ASP A 347 -22.96 -42.17 20.66
CA ASP A 347 -21.55 -41.94 21.00
C ASP A 347 -20.68 -41.87 19.75
N ASN A 348 -21.08 -42.59 18.70
CA ASN A 348 -20.32 -42.64 17.47
C ASN A 348 -20.25 -41.24 16.86
N TYR A 349 -21.37 -40.51 16.93
CA TYR A 349 -21.54 -39.17 16.40
C TYR A 349 -20.90 -38.12 17.31
N LYS A 350 -20.80 -38.45 18.60
CA LYS A 350 -20.27 -37.55 19.61
C LYS A 350 -18.76 -37.45 19.36
N LYS A 351 -18.16 -38.59 19.08
CA LYS A 351 -16.73 -38.70 18.81
C LYS A 351 -16.41 -37.96 17.52
N PHE A 352 -17.25 -38.21 16.50
CA PHE A 352 -17.19 -37.56 15.20
C PHE A 352 -17.28 -36.04 15.38
N GLY A 353 -18.25 -35.59 16.19
CA GLY A 353 -18.45 -34.17 16.42
C GLY A 353 -17.24 -33.54 17.09
N LYS A 354 -16.65 -34.26 18.04
CA LYS A 354 -15.51 -33.74 18.80
C LYS A 354 -14.32 -33.58 17.87
N SER A 355 -14.23 -34.50 16.90
CA SER A 355 -13.10 -34.53 16.01
C SER A 355 -13.27 -33.41 14.99
N MET A 356 -14.47 -33.26 14.46
CA MET A 356 -14.72 -32.19 13.50
C MET A 356 -14.56 -30.84 14.17
N PHE A 357 -15.13 -30.67 15.37
CA PHE A 357 -15.00 -29.40 16.07
C PHE A 357 -13.54 -29.08 16.40
N SER A 358 -12.86 -30.04 17.05
CA SER A 358 -11.51 -29.84 17.55
C SER A 358 -10.52 -29.51 16.43
N ASN A 359 -10.66 -30.15 15.27
CA ASN A 359 -9.83 -29.82 14.12
C ASN A 359 -10.07 -28.39 13.65
N LEU A 360 -11.34 -27.95 13.63
CA LEU A 360 -11.65 -26.62 13.15
C LEU A 360 -11.08 -25.55 14.11
N ILE A 361 -11.28 -25.72 15.41
CA ILE A 361 -10.84 -24.68 16.34
C ILE A 361 -9.34 -24.82 16.57
N GLY A 362 -8.84 -26.07 16.52
CA GLY A 362 -7.41 -26.39 16.56
C GLY A 362 -6.58 -25.80 15.39
N GLY A 363 -7.24 -25.43 14.29
CA GLY A 363 -6.59 -24.79 13.15
C GLY A 363 -6.13 -23.33 13.40
N ILE A 364 -6.48 -22.75 14.55
CA ILE A 364 -6.24 -21.33 14.78
C ILE A 364 -4.75 -21.04 14.73
N GLY A 365 -4.37 -20.05 13.95
CA GLY A 365 -2.98 -19.67 13.88
C GLY A 365 -2.78 -18.17 14.10
N TYR A 366 -1.52 -17.80 14.40
CA TYR A 366 -1.07 -16.42 14.40
C TYR A 366 -0.06 -16.24 13.26
N PHE A 367 -0.34 -15.27 12.40
CA PHE A 367 0.49 -15.00 11.22
C PHE A 367 0.97 -13.56 11.29
N TYR A 368 2.20 -13.30 10.82
CA TYR A 368 2.79 -11.97 10.90
C TYR A 368 3.71 -11.73 9.71
N GLY A 369 3.65 -10.53 9.12
CA GLY A 369 4.61 -10.18 8.08
C GLY A 369 4.03 -9.38 6.93
N HIS A 370 4.81 -9.27 5.84
CA HIS A 370 4.44 -8.52 4.64
C HIS A 370 3.59 -9.38 3.70
N SER A 371 2.68 -8.75 2.96
CA SER A 371 1.90 -9.33 1.87
C SER A 371 2.34 -8.68 0.57
N LEU A 372 1.97 -9.36 -0.54
CA LEU A 372 2.23 -8.94 -1.91
C LEU A 372 0.96 -8.39 -2.54
N VAL A 373 1.01 -7.09 -2.90
CA VAL A 373 -0.18 -6.35 -3.36
C VAL A 373 0.19 -5.47 -4.56
N ASP A 374 -0.68 -5.50 -5.57
CA ASP A 374 -0.65 -4.58 -6.70
C ASP A 374 -1.37 -3.32 -6.26
N ARG A 375 -0.60 -2.22 -6.04
CA ARG A 375 -1.16 -0.96 -5.60
C ARG A 375 -1.24 0.03 -6.76
N SER A 376 -1.09 -0.48 -7.99
CA SER A 376 -1.13 0.35 -9.18
C SER A 376 -2.54 0.94 -9.44
N TYR A 377 -3.59 0.26 -8.96
CA TYR A 377 -4.97 0.56 -9.35
C TYR A 377 -5.04 0.88 -10.86
N ALA A 378 -4.31 0.08 -11.67
CA ALA A 378 -4.37 0.25 -13.11
C ALA A 378 -5.81 0.47 -13.56
N PRO A 379 -6.05 1.35 -14.55
CA PRO A 379 -7.41 1.58 -15.07
C PRO A 379 -8.07 0.36 -15.72
N GLU A 380 -7.26 -0.56 -16.25
CA GLU A 380 -7.77 -1.82 -16.77
C GLU A 380 -8.51 -2.60 -15.69
N TYR A 381 -8.21 -2.36 -14.40
CA TYR A 381 -8.88 -3.16 -13.38
C TYR A 381 -10.32 -2.72 -13.23
N ASP A 382 -10.75 -1.70 -13.99
CA ASP A 382 -12.10 -1.17 -13.81
C ASP A 382 -13.15 -2.05 -14.50
N GLU A 383 -12.68 -2.80 -15.51
CA GLU A 383 -13.42 -3.79 -16.30
C GLU A 383 -14.64 -3.14 -16.95
N GLU A 384 -14.43 -1.96 -17.57
CA GLU A 384 -15.56 -1.16 -18.04
C GLU A 384 -15.88 -1.43 -19.50
N ASN A 385 -14.92 -2.04 -20.22
CA ASN A 385 -15.09 -2.34 -21.63
C ASN A 385 -15.38 -3.83 -21.83
N GLU A 386 -15.84 -4.18 -23.03
CA GLU A 386 -15.99 -5.57 -23.42
C GLU A 386 -14.59 -6.14 -23.62
N GLY A 387 -14.37 -7.38 -23.14
CA GLY A 387 -13.10 -8.08 -23.29
C GLY A 387 -12.09 -7.69 -22.22
N PHE A 388 -12.58 -7.28 -21.04
CA PHE A 388 -11.77 -6.66 -19.99
C PHE A 388 -10.72 -7.64 -19.47
N TRP A 389 -11.06 -8.93 -19.45
CA TRP A 389 -10.15 -9.89 -18.85
C TRP A 389 -8.78 -9.74 -19.50
N GLU A 390 -8.77 -9.38 -20.79
CA GLU A 390 -7.54 -9.33 -21.57
C GLU A 390 -6.68 -8.13 -21.15
N ASP A 391 -7.35 -7.00 -20.87
CA ASP A 391 -6.74 -5.76 -20.41
C ASP A 391 -6.17 -5.97 -19.02
N ALA A 392 -6.99 -6.54 -18.13
CA ALA A 392 -6.60 -6.91 -16.78
C ALA A 392 -5.35 -7.78 -16.79
N ALA A 393 -5.24 -8.71 -17.76
CA ALA A 393 -4.03 -9.52 -17.88
C ALA A 393 -2.80 -8.65 -18.19
N GLU A 394 -2.97 -7.70 -19.12
CA GLU A 394 -1.88 -6.85 -19.53
C GLU A 394 -1.36 -6.06 -18.33
N ALA A 395 -2.29 -5.51 -17.51
CA ALA A 395 -1.95 -4.74 -16.32
C ALA A 395 -1.14 -5.58 -15.33
N ARG A 396 -1.62 -6.81 -15.08
CA ARG A 396 -0.93 -7.74 -14.19
C ARG A 396 0.48 -8.00 -14.70
N ALA A 397 0.64 -8.06 -16.03
CA ALA A 397 1.95 -8.36 -16.61
C ALA A 397 2.88 -7.14 -16.48
N ARG A 398 2.39 -6.04 -15.92
CA ARG A 398 3.29 -4.95 -15.59
C ARG A 398 4.08 -5.29 -14.34
N HIS A 399 3.49 -6.15 -13.48
CA HIS A 399 4.09 -6.63 -12.24
C HIS A 399 4.51 -5.48 -11.33
N GLN A 400 3.57 -4.59 -11.03
CA GLN A 400 3.78 -3.45 -10.14
C GLN A 400 3.63 -3.85 -8.67
N GLU A 401 3.28 -5.11 -8.40
CA GLU A 401 3.00 -5.54 -7.03
C GLU A 401 4.26 -5.39 -6.17
N ALA A 402 4.08 -4.96 -4.93
CA ALA A 402 5.22 -4.90 -4.03
C ALA A 402 4.80 -5.35 -2.63
N LEU A 403 5.79 -5.72 -1.83
CA LEU A 403 5.55 -6.09 -0.44
C LEU A 403 5.13 -4.89 0.40
N GLU A 404 4.16 -5.08 1.27
CA GLU A 404 3.83 -4.04 2.24
C GLU A 404 3.48 -4.72 3.55
N GLY A 405 3.32 -3.89 4.59
CA GLY A 405 2.96 -4.34 5.92
C GLY A 405 3.93 -3.78 6.97
N PRO A 406 4.33 -4.54 8.01
CA PRO A 406 3.84 -5.91 8.20
C PRO A 406 2.41 -5.94 8.76
N TYR A 407 1.72 -7.08 8.56
CA TYR A 407 0.40 -7.30 9.15
C TYR A 407 0.46 -8.49 10.09
N GLU A 408 -0.51 -8.52 11.00
CA GLU A 408 -0.77 -9.69 11.82
C GLU A 408 -2.19 -10.16 11.55
N LEU A 409 -2.41 -11.46 11.72
CA LEU A 409 -3.76 -12.01 11.67
C LEU A 409 -3.82 -13.21 12.61
N PHE A 410 -4.88 -13.23 13.39
CA PHE A 410 -5.18 -14.38 14.23
C PHE A 410 -6.48 -14.95 13.67
N THR A 411 -6.44 -16.17 13.11
CA THR A 411 -7.57 -16.71 12.36
C THR A 411 -7.53 -18.24 12.34
N SER A 412 -8.69 -18.89 12.20
CA SER A 412 -8.70 -20.30 11.83
C SER A 412 -8.43 -20.44 10.33
N ILE A 413 -8.33 -21.67 9.81
CA ILE A 413 -7.83 -21.87 8.45
C ILE A 413 -8.60 -23.02 7.80
N PRO A 414 -8.66 -23.11 6.46
CA PRO A 414 -9.26 -24.29 5.82
C PRO A 414 -8.48 -25.60 5.87
N SER A 415 -7.13 -25.56 5.79
CA SER A 415 -6.34 -26.73 5.41
C SER A 415 -4.91 -26.64 5.94
N ARG A 416 -4.58 -27.45 6.96
CA ARG A 416 -3.25 -27.43 7.52
C ARG A 416 -2.25 -27.89 6.46
N PRO A 417 -2.44 -29.04 5.78
CA PRO A 417 -1.45 -29.49 4.79
C PRO A 417 -1.33 -28.65 3.52
N PHE A 418 -2.41 -28.00 3.06
CA PHE A 418 -2.32 -27.43 1.70
C PHE A 418 -2.47 -25.91 1.61
N PHE A 419 -3.17 -25.28 2.57
CA PHE A 419 -3.29 -23.85 2.53
C PHE A 419 -3.62 -23.31 3.92
N PRO A 420 -2.64 -23.35 4.84
CA PRO A 420 -2.91 -22.98 6.23
C PRO A 420 -2.82 -21.46 6.37
N ARG A 421 -3.90 -20.77 6.01
CA ARG A 421 -3.87 -19.31 6.08
C ARG A 421 -5.30 -18.78 5.97
N GLY A 422 -5.46 -17.49 6.30
CA GLY A 422 -6.77 -16.83 6.31
C GLY A 422 -7.39 -16.75 4.92
N PHE A 423 -8.64 -17.24 4.80
CA PHE A 423 -9.49 -16.98 3.63
C PHE A 423 -10.76 -16.28 4.11
N LEU A 424 -11.05 -15.14 3.46
CA LEU A 424 -12.03 -14.19 3.99
C LEU A 424 -13.43 -14.79 4.14
N TRP A 425 -14.05 -15.30 3.06
CA TRP A 425 -15.40 -15.86 3.25
C TRP A 425 -15.39 -17.21 3.98
N ASP A 426 -14.29 -17.99 3.89
CA ASP A 426 -14.21 -19.21 4.70
C ASP A 426 -14.38 -18.85 6.18
N GLU A 427 -13.81 -17.72 6.58
CA GLU A 427 -13.67 -17.51 8.01
C GLU A 427 -15.05 -17.29 8.61
N GLY A 428 -15.94 -16.75 7.80
CA GLY A 428 -17.32 -16.53 8.20
C GLY A 428 -17.99 -17.84 8.62
N PHE A 429 -17.66 -18.94 7.91
CA PHE A 429 -18.20 -20.25 8.21
C PHE A 429 -17.46 -20.88 9.38
N HIS A 430 -16.13 -20.67 9.47
CA HIS A 430 -15.34 -21.29 10.52
C HIS A 430 -15.85 -20.81 11.86
N LEU A 431 -16.26 -19.54 11.92
CA LEU A 431 -16.51 -18.94 13.21
C LEU A 431 -17.93 -19.27 13.71
N LEU A 432 -18.76 -19.88 12.87
CA LEU A 432 -20.10 -20.16 13.37
C LEU A 432 -20.04 -21.18 14.52
N PRO A 433 -19.37 -22.34 14.37
CA PRO A 433 -19.24 -23.26 15.49
C PRO A 433 -18.35 -22.67 16.57
N ILE A 434 -17.36 -21.86 16.16
CA ILE A 434 -16.40 -21.32 17.12
C ILE A 434 -17.11 -20.33 18.05
N ALA A 435 -18.00 -19.49 17.49
CA ALA A 435 -18.78 -18.53 18.27
C ALA A 435 -19.65 -19.26 19.29
N ASP A 436 -20.21 -20.41 18.91
CA ASP A 436 -21.00 -21.17 19.88
C ASP A 436 -20.11 -21.48 21.07
N TRP A 437 -18.91 -22.00 20.78
CA TRP A 437 -17.97 -22.45 21.80
C TRP A 437 -17.47 -21.31 22.66
N ASP A 438 -17.24 -20.14 22.06
CA ASP A 438 -16.52 -19.06 22.71
C ASP A 438 -16.73 -17.80 21.87
N ILE A 439 -17.75 -17.01 22.22
CA ILE A 439 -18.10 -15.85 21.42
C ILE A 439 -16.95 -14.83 21.50
N ASP A 440 -16.21 -14.82 22.60
CA ASP A 440 -15.19 -13.80 22.79
C ASP A 440 -13.98 -14.09 21.88
N LEU A 441 -13.71 -15.37 21.68
CA LEU A 441 -12.64 -15.76 20.78
C LEU A 441 -13.02 -15.37 19.36
N ALA A 442 -14.29 -15.66 18.97
CA ALA A 442 -14.76 -15.34 17.62
C ALA A 442 -14.66 -13.83 17.37
N LEU A 443 -15.07 -13.04 18.37
CA LEU A 443 -15.02 -11.58 18.27
C LEU A 443 -13.58 -11.11 18.07
N GLU A 444 -12.67 -11.76 18.78
CA GLU A 444 -11.24 -11.52 18.68
C GLU A 444 -10.77 -11.77 17.24
N ILE A 445 -11.24 -12.88 16.63
CA ILE A 445 -10.80 -13.23 15.29
C ILE A 445 -11.39 -12.21 14.31
N ILE A 446 -12.66 -11.83 14.52
CA ILE A 446 -13.29 -10.85 13.64
C ILE A 446 -12.49 -9.56 13.72
N LYS A 447 -12.17 -9.14 14.96
CA LYS A 447 -11.44 -7.92 15.20
C LYS A 447 -10.15 -7.95 14.38
N SER A 448 -9.38 -9.03 14.57
CA SER A 448 -8.13 -9.26 13.86
C SER A 448 -8.30 -9.10 12.35
N TRP A 449 -9.37 -9.67 11.79
CA TRP A 449 -9.57 -9.54 10.35
C TRP A 449 -9.87 -8.08 10.00
N TYR A 450 -10.73 -7.43 10.79
CA TYR A 450 -11.11 -6.07 10.40
C TYR A 450 -9.94 -5.09 10.53
N ASN A 451 -8.94 -5.42 11.34
CA ASN A 451 -7.78 -4.53 11.49
C ASN A 451 -6.89 -4.56 10.26
N LEU A 452 -7.18 -5.47 9.32
CA LEU A 452 -6.41 -5.54 8.08
C LEU A 452 -6.92 -4.50 7.09
N MET A 453 -8.18 -4.07 7.29
CA MET A 453 -8.88 -3.32 6.24
C MET A 453 -8.17 -1.99 5.99
N ASP A 454 -8.01 -1.65 4.71
CA ASP A 454 -7.29 -0.48 4.26
C ASP A 454 -8.24 0.71 4.28
N GLU A 455 -7.71 1.88 3.90
CA GLU A 455 -8.40 3.16 3.96
C GLU A 455 -9.68 3.16 3.12
N ASP A 456 -9.68 2.43 1.99
CA ASP A 456 -10.81 2.41 1.06
C ASP A 456 -11.89 1.40 1.48
N GLY A 457 -11.55 0.50 2.42
CA GLY A 457 -12.46 -0.55 2.87
C GLY A 457 -12.20 -1.93 2.26
N TRP A 458 -10.97 -2.19 1.79
CA TRP A 458 -10.63 -3.47 1.20
C TRP A 458 -9.87 -4.34 2.20
N ILE A 459 -10.28 -5.60 2.32
CA ILE A 459 -9.51 -6.65 2.97
C ILE A 459 -9.18 -7.69 1.90
N ALA A 460 -7.88 -8.01 1.73
CA ALA A 460 -7.49 -9.06 0.80
C ALA A 460 -8.18 -10.37 1.18
N ARG A 461 -8.59 -11.16 0.16
CA ARG A 461 -9.49 -12.29 0.41
C ARG A 461 -8.68 -13.51 0.85
N GLU A 462 -7.37 -13.44 0.61
CA GLU A 462 -6.42 -14.49 0.93
C GLU A 462 -5.21 -13.84 1.60
N GLN A 463 -4.96 -14.21 2.86
CA GLN A 463 -3.98 -13.51 3.67
C GLN A 463 -2.71 -14.36 3.80
N ILE A 464 -1.67 -13.97 3.06
CA ILE A 464 -0.36 -14.61 2.95
C ILE A 464 0.69 -13.72 3.62
N LEU A 465 0.84 -13.90 4.94
CA LEU A 465 1.58 -13.00 5.81
C LEU A 465 2.99 -13.53 6.12
N GLY A 466 4.03 -12.90 5.53
CA GLY A 466 5.39 -13.24 5.88
C GLY A 466 5.98 -14.37 5.03
N ALA A 467 7.30 -14.47 5.07
CA ALA A 467 8.04 -15.41 4.24
C ALA A 467 7.69 -16.86 4.57
N GLU A 468 7.44 -17.18 5.84
CA GLU A 468 7.04 -18.55 6.13
C GLU A 468 5.75 -18.92 5.37
N ALA A 469 4.73 -18.04 5.42
CA ALA A 469 3.47 -18.21 4.70
C ALA A 469 3.69 -18.26 3.19
N ARG A 470 4.56 -17.40 2.65
CA ARG A 470 4.82 -17.33 1.22
C ARG A 470 5.45 -18.62 0.70
N SER A 471 6.15 -19.34 1.58
CA SER A 471 6.80 -20.60 1.22
C SER A 471 5.79 -21.63 0.70
N LYS A 472 4.50 -21.48 1.06
CA LYS A 472 3.48 -22.46 0.68
C LYS A 472 2.82 -22.09 -0.63
N VAL A 473 3.13 -20.90 -1.16
CA VAL A 473 2.37 -20.32 -2.26
C VAL A 473 3.29 -20.01 -3.45
N PRO A 474 3.01 -20.55 -4.64
CA PRO A 474 3.79 -20.16 -5.83
C PRO A 474 3.66 -18.65 -6.06
N LYS A 475 4.77 -18.01 -6.43
CA LYS A 475 4.90 -16.54 -6.46
C LYS A 475 3.78 -15.96 -7.31
N GLU A 476 3.51 -16.66 -8.42
CA GLU A 476 2.46 -16.36 -9.39
C GLU A 476 1.08 -16.21 -8.73
N PHE A 477 0.85 -16.77 -7.53
CA PHE A 477 -0.48 -16.74 -6.95
C PHE A 477 -0.52 -15.98 -5.62
N GLN A 478 0.52 -15.20 -5.32
CA GLN A 478 0.60 -14.55 -4.02
C GLN A 478 -0.08 -13.19 -4.00
N THR A 479 -0.10 -12.51 -5.17
CA THR A 479 -0.41 -11.09 -5.29
C THR A 479 -1.91 -10.88 -5.08
N GLN A 480 -2.27 -10.03 -4.11
CA GLN A 480 -3.66 -9.64 -3.93
C GLN A 480 -3.96 -8.37 -4.74
N TYR A 481 -5.25 -8.23 -5.12
CA TYR A 481 -5.76 -7.16 -5.97
C TYR A 481 -6.81 -6.38 -5.20
N PRO A 482 -6.59 -5.06 -4.98
CA PRO A 482 -7.49 -4.25 -4.17
C PRO A 482 -8.89 -4.18 -4.75
N HIS A 483 -9.07 -4.64 -5.99
CA HIS A 483 -10.42 -4.66 -6.55
C HIS A 483 -11.10 -6.03 -6.42
N TYR A 484 -10.47 -6.99 -5.70
CA TYR A 484 -11.06 -8.32 -5.55
C TYR A 484 -11.82 -8.43 -4.22
N ALA A 485 -13.16 -8.58 -4.30
CA ALA A 485 -14.00 -8.83 -3.13
C ALA A 485 -14.03 -10.32 -2.82
N ASN A 486 -14.72 -10.66 -1.72
CA ASN A 486 -15.03 -12.02 -1.33
C ASN A 486 -16.31 -11.94 -0.52
N PRO A 487 -17.15 -13.00 -0.47
CA PRO A 487 -18.38 -12.89 0.31
C PRO A 487 -18.15 -12.42 1.73
N PRO A 488 -19.00 -11.48 2.22
CA PRO A 488 -18.88 -10.98 3.58
C PRO A 488 -19.59 -11.83 4.62
N THR A 489 -19.21 -13.11 4.70
CA THR A 489 -19.83 -14.07 5.61
C THR A 489 -19.51 -13.77 7.07
N LEU A 490 -18.50 -12.95 7.33
CA LEU A 490 -18.24 -12.59 8.72
C LEU A 490 -19.45 -11.86 9.33
N PHE A 491 -20.30 -11.24 8.48
CA PHE A 491 -21.51 -10.57 8.96
C PHE A 491 -22.44 -11.60 9.62
N LEU A 492 -22.48 -12.84 9.08
CA LEU A 492 -23.33 -13.89 9.65
C LEU A 492 -22.97 -14.17 11.11
N VAL A 493 -21.68 -13.99 11.44
CA VAL A 493 -21.22 -14.28 12.78
C VAL A 493 -21.70 -13.17 13.71
N LEU A 494 -21.52 -11.94 13.20
CA LEU A 494 -21.98 -10.72 13.84
C LEU A 494 -23.49 -10.79 14.08
N ASP A 495 -24.24 -11.22 13.07
CA ASP A 495 -25.67 -11.48 13.22
C ASP A 495 -25.93 -12.34 14.46
N ASN A 496 -25.14 -13.41 14.61
CA ASN A 496 -25.42 -14.39 15.66
C ASN A 496 -25.07 -13.80 17.03
N PHE A 497 -24.04 -12.95 17.02
CA PHE A 497 -23.65 -12.24 18.24
C PHE A 497 -24.75 -11.27 18.67
N VAL A 498 -25.30 -10.50 17.71
CA VAL A 498 -26.36 -9.53 17.93
C VAL A 498 -27.61 -10.20 18.52
N GLU A 499 -28.09 -11.32 17.95
CA GLU A 499 -29.20 -12.05 18.52
C GLU A 499 -28.85 -12.53 19.93
N ARG A 500 -27.59 -12.94 20.15
CA ARG A 500 -27.20 -13.42 21.46
C ARG A 500 -27.19 -12.26 22.47
N LEU A 501 -26.74 -11.08 22.01
CA LEU A 501 -26.73 -9.87 22.81
C LEU A 501 -28.15 -9.39 23.12
N ARG A 502 -29.05 -9.43 22.12
CA ARG A 502 -30.42 -8.96 22.27
C ARG A 502 -31.18 -9.79 23.31
N LYS A 503 -30.82 -11.07 23.52
CA LYS A 503 -31.47 -11.97 24.47
C LYS A 503 -30.53 -12.31 25.63
N LEU A 515 -18.58 -20.39 37.85
CA LEU A 515 -17.87 -20.43 36.54
C LEU A 515 -16.37 -20.17 36.77
N SER A 516 -15.50 -20.88 36.02
CA SER A 516 -14.07 -20.63 35.98
C SER A 516 -13.76 -19.33 35.20
N LEU A 517 -12.56 -18.78 35.40
CA LEU A 517 -12.14 -17.53 34.77
C LEU A 517 -12.25 -17.63 33.25
N ASP A 518 -11.94 -18.81 32.71
CA ASP A 518 -11.97 -19.08 31.27
C ASP A 518 -13.41 -19.06 30.77
N GLU A 519 -14.30 -19.79 31.46
CA GLU A 519 -15.70 -19.85 31.08
C GLU A 519 -16.29 -18.44 31.11
N THR A 520 -15.83 -17.63 32.07
CA THR A 520 -16.34 -16.29 32.26
C THR A 520 -16.01 -15.47 31.03
N LEU A 521 -14.71 -15.48 30.69
CA LEU A 521 -14.11 -14.70 29.63
C LEU A 521 -14.72 -15.10 28.27
N SER A 522 -15.09 -16.36 28.14
CA SER A 522 -15.64 -16.81 26.86
C SER A 522 -16.96 -16.10 26.52
N THR A 523 -17.74 -15.68 27.52
CA THR A 523 -19.02 -15.05 27.21
C THR A 523 -19.11 -13.61 27.72
N ALA A 524 -17.97 -13.05 28.16
CA ALA A 524 -17.92 -11.74 28.77
C ALA A 524 -18.58 -10.66 27.90
N SER A 525 -18.54 -10.84 26.58
CA SER A 525 -19.02 -9.81 25.67
C SER A 525 -20.50 -9.93 25.39
N VAL A 526 -21.14 -11.01 25.89
CA VAL A 526 -22.60 -11.08 25.84
C VAL A 526 -23.20 -10.79 27.22
N ASP A 527 -22.55 -11.28 28.28
CA ASP A 527 -23.08 -11.21 29.63
C ASP A 527 -23.01 -9.77 30.16
N ASN A 528 -22.03 -9.00 29.67
CA ASN A 528 -21.82 -7.61 30.00
C ASN A 528 -22.19 -6.75 28.78
N PRO A 529 -23.49 -6.44 28.59
CA PRO A 529 -23.97 -5.79 27.37
C PRO A 529 -23.27 -4.48 27.00
N GLU A 530 -22.65 -3.86 28.01
CA GLU A 530 -21.94 -2.61 27.81
C GLU A 530 -20.70 -2.89 26.95
N VAL A 531 -20.07 -4.05 27.18
CA VAL A 531 -18.86 -4.49 26.51
C VAL A 531 -19.16 -4.88 25.05
N GLY A 532 -20.21 -5.70 24.86
CA GLY A 532 -20.68 -6.05 23.52
C GLY A 532 -20.88 -4.81 22.65
N LEU A 533 -21.50 -3.79 23.23
CA LEU A 533 -21.91 -2.59 22.52
C LEU A 533 -20.68 -1.77 22.14
N GLU A 534 -19.70 -1.69 23.05
CA GLU A 534 -18.50 -0.91 22.77
C GLU A 534 -17.75 -1.57 21.62
N TYR A 535 -17.77 -2.91 21.61
CA TYR A 535 -17.12 -3.67 20.56
C TYR A 535 -17.76 -3.33 19.21
N LEU A 536 -19.10 -3.32 19.17
CA LEU A 536 -19.85 -3.06 17.95
C LEU A 536 -19.62 -1.61 17.51
N ARG A 537 -19.58 -0.70 18.50
CA ARG A 537 -19.38 0.72 18.30
CA ARG A 537 -19.39 0.72 18.27
C ARG A 537 -18.06 0.95 17.55
N ARG A 538 -17.03 0.22 17.98
CA ARG A 538 -15.71 0.38 17.39
C ARG A 538 -15.60 -0.25 16.00
N LEU A 539 -16.34 -1.35 15.75
CA LEU A 539 -16.23 -2.11 14.50
C LEU A 539 -17.15 -1.50 13.43
N TYR A 540 -18.26 -0.92 13.91
CA TYR A 540 -19.34 -0.40 13.07
C TYR A 540 -18.81 0.46 11.93
N PRO A 541 -17.93 1.45 12.18
CA PRO A 541 -17.37 2.24 11.08
C PRO A 541 -16.70 1.40 10.00
N LEU A 542 -16.00 0.32 10.40
CA LEU A 542 -15.28 -0.46 9.40
C LEU A 542 -16.27 -1.31 8.62
N LEU A 543 -17.33 -1.80 9.29
CA LEU A 543 -18.42 -2.48 8.59
C LEU A 543 -18.97 -1.58 7.48
N ARG A 544 -19.30 -0.33 7.84
CA ARG A 544 -19.90 0.61 6.90
C ARG A 544 -18.91 0.91 5.77
N ARG A 545 -17.64 1.09 6.15
CA ARG A 545 -16.61 1.28 5.15
C ARG A 545 -16.67 0.13 4.14
N GLN A 546 -16.82 -1.11 4.63
CA GLN A 546 -16.79 -2.26 3.73
C GLN A 546 -18.01 -2.23 2.81
N PHE A 547 -19.19 -2.00 3.40
CA PHE A 547 -20.45 -1.85 2.69
C PHE A 547 -20.28 -0.81 1.57
N ASP A 548 -19.73 0.36 1.95
CA ASP A 548 -19.58 1.43 0.98
C ASP A 548 -18.64 0.95 -0.11
N TRP A 549 -17.64 0.15 0.29
CA TRP A 549 -16.59 -0.29 -0.62
C TRP A 549 -17.16 -1.24 -1.66
N PHE A 550 -18.05 -2.15 -1.23
CA PHE A 550 -18.74 -3.03 -2.17
C PHE A 550 -19.50 -2.19 -3.21
N ARG A 551 -20.20 -1.13 -2.74
CA ARG A 551 -21.04 -0.30 -3.60
C ARG A 551 -20.23 0.55 -4.57
N LYS A 552 -18.98 0.86 -4.19
CA LYS A 552 -18.13 1.67 -5.04
C LYS A 552 -17.36 0.79 -6.02
N THR A 553 -16.90 -0.39 -5.59
CA THR A 553 -15.97 -1.13 -6.46
C THR A 553 -16.67 -2.26 -7.20
N GLN A 554 -17.72 -2.83 -6.61
CA GLN A 554 -18.37 -4.00 -7.21
C GLN A 554 -19.72 -3.60 -7.84
N ALA A 555 -19.79 -2.41 -8.48
CA ALA A 555 -21.06 -1.84 -8.91
C ALA A 555 -21.49 -2.41 -10.27
N GLY A 556 -22.76 -2.83 -10.35
CA GLY A 556 -23.35 -3.14 -11.64
C GLY A 556 -23.91 -1.88 -12.30
N ASP A 557 -24.11 -1.97 -13.62
CA ASP A 557 -24.55 -0.89 -14.46
C ASP A 557 -25.98 -1.11 -14.94
N ILE A 558 -26.93 -0.35 -14.40
CA ILE A 558 -28.30 -0.30 -14.89
C ILE A 558 -28.46 0.79 -15.95
N LYS A 559 -27.96 2.00 -15.64
CA LYS A 559 -28.37 3.22 -16.32
C LYS A 559 -27.96 3.25 -17.79
N SER A 560 -26.90 2.53 -18.14
CA SER A 560 -26.34 2.61 -19.48
C SER A 560 -27.06 1.69 -20.48
N TYR A 561 -28.16 1.05 -20.05
CA TYR A 561 -28.78 0.01 -20.86
C TYR A 561 -30.30 0.13 -20.80
N ASP A 562 -30.96 -0.60 -21.70
CA ASP A 562 -32.43 -0.76 -21.69
C ASP A 562 -32.83 -1.59 -20.48
N ARG A 563 -32.60 -1.06 -19.28
CA ARG A 563 -32.87 -1.78 -18.05
C ARG A 563 -33.78 -0.91 -17.19
N GLU A 564 -34.89 -1.49 -16.74
CA GLU A 564 -35.82 -0.78 -15.86
C GLU A 564 -35.93 -1.59 -14.59
N ALA A 565 -36.15 -0.88 -13.47
CA ALA A 565 -36.23 -1.52 -12.17
C ALA A 565 -36.60 -0.47 -11.14
N TYR A 566 -37.26 -0.93 -10.08
CA TYR A 566 -37.64 -0.10 -8.95
C TYR A 566 -36.54 0.87 -8.53
N SER A 567 -35.26 0.44 -8.57
CA SER A 567 -34.12 1.26 -8.16
C SER A 567 -33.10 1.37 -9.28
N THR A 568 -32.54 2.57 -9.49
CA THR A 568 -31.51 2.75 -10.51
C THR A 568 -30.12 2.50 -9.91
N LYS A 569 -30.08 2.29 -8.59
CA LYS A 569 -28.88 2.19 -7.76
C LYS A 569 -28.43 0.73 -7.60
N GLU A 570 -29.35 -0.14 -7.16
CA GLU A 570 -29.02 -1.46 -6.62
C GLU A 570 -28.80 -2.50 -7.70
N ALA A 571 -27.53 -2.77 -8.01
CA ALA A 571 -27.11 -3.71 -9.04
C ALA A 571 -25.61 -3.99 -8.86
N TYR A 572 -25.20 -5.26 -8.92
CA TYR A 572 -23.83 -5.61 -8.55
C TYR A 572 -23.14 -6.56 -9.51
N ARG A 573 -21.83 -6.36 -9.70
CA ARG A 573 -21.06 -7.26 -10.56
C ARG A 573 -19.70 -7.55 -9.92
N TRP A 574 -19.40 -8.85 -9.67
CA TRP A 574 -18.10 -9.26 -9.13
C TRP A 574 -16.99 -8.86 -10.08
N ARG A 575 -16.05 -8.08 -9.55
CA ARG A 575 -14.83 -7.79 -10.29
C ARG A 575 -13.94 -9.02 -10.25
N GLY A 576 -13.16 -9.23 -11.32
CA GLY A 576 -12.05 -10.17 -11.33
C GLY A 576 -12.35 -11.45 -12.11
N ARG A 577 -13.40 -11.42 -12.93
CA ARG A 577 -13.79 -12.67 -13.53
C ARG A 577 -13.01 -12.87 -14.83
N THR A 578 -12.80 -14.15 -15.15
CA THR A 578 -12.16 -14.54 -16.39
C THR A 578 -13.14 -15.40 -17.17
N VAL A 579 -12.72 -15.88 -18.36
CA VAL A 579 -13.61 -16.61 -19.23
C VAL A 579 -14.21 -17.78 -18.43
N SER A 580 -13.36 -18.50 -17.68
CA SER A 580 -13.83 -19.74 -17.09
C SER A 580 -14.10 -19.61 -15.59
N HIS A 581 -13.63 -18.53 -14.96
CA HIS A 581 -13.65 -18.45 -13.50
C HIS A 581 -14.28 -17.18 -12.98
N CYS A 582 -14.77 -17.27 -11.71
CA CYS A 582 -15.07 -16.12 -10.87
C CYS A 582 -14.65 -16.40 -9.42
N LEU A 583 -13.34 -16.26 -9.16
CA LEU A 583 -12.76 -16.68 -7.88
C LEU A 583 -13.27 -15.83 -6.72
N THR A 584 -13.55 -14.55 -6.98
CA THR A 584 -13.86 -13.63 -5.90
C THR A 584 -15.21 -13.99 -5.31
N SER A 585 -16.12 -14.57 -6.10
CA SER A 585 -17.43 -14.95 -5.58
C SER A 585 -17.29 -16.12 -4.60
N GLY A 586 -16.18 -16.86 -4.72
CA GLY A 586 -15.96 -18.06 -3.93
C GLY A 586 -16.43 -19.35 -4.63
N LEU A 587 -17.35 -19.23 -5.61
CA LEU A 587 -17.77 -20.42 -6.36
C LEU A 587 -17.03 -20.47 -7.69
N ASP A 588 -15.80 -21.00 -7.64
CA ASP A 588 -14.76 -20.74 -8.62
C ASP A 588 -15.26 -20.89 -10.05
N ASP A 589 -15.84 -22.05 -10.39
CA ASP A 589 -16.13 -22.32 -11.80
C ASP A 589 -17.63 -22.47 -11.99
N TYR A 590 -18.42 -21.97 -11.04
CA TYR A 590 -19.87 -22.04 -11.27
C TYR A 590 -20.11 -21.30 -12.57
N PRO A 591 -20.94 -21.85 -13.49
CA PRO A 591 -21.21 -21.23 -14.78
C PRO A 591 -21.88 -19.85 -14.67
N ARG A 592 -21.34 -18.90 -15.42
CA ARG A 592 -21.75 -17.51 -15.36
C ARG A 592 -22.03 -17.05 -16.79
N PRO A 593 -22.61 -15.84 -17.05
CA PRO A 593 -22.77 -15.37 -18.42
C PRO A 593 -21.52 -15.54 -19.29
N GLN A 594 -21.74 -15.98 -20.54
CA GLN A 594 -20.68 -16.10 -21.52
C GLN A 594 -21.00 -15.20 -22.72
N PRO A 595 -20.03 -14.34 -23.13
CA PRO A 595 -18.74 -14.23 -22.43
C PRO A 595 -18.95 -13.31 -21.23
N PRO A 596 -17.94 -13.08 -20.36
CA PRO A 596 -18.09 -12.12 -19.28
C PRO A 596 -18.22 -10.74 -19.90
N HIS A 597 -18.82 -9.81 -19.16
CA HIS A 597 -19.34 -8.63 -19.80
C HIS A 597 -19.58 -7.58 -18.72
N PRO A 598 -19.20 -6.29 -18.95
CA PRO A 598 -19.40 -5.23 -17.96
C PRO A 598 -20.85 -5.03 -17.56
N GLY A 599 -21.77 -5.54 -18.38
CA GLY A 599 -23.19 -5.44 -18.08
C GLY A 599 -23.71 -6.58 -17.20
N GLU A 600 -22.85 -7.55 -16.85
CA GLU A 600 -23.28 -8.63 -15.97
C GLU A 600 -23.83 -8.09 -14.65
N LEU A 601 -24.83 -8.79 -14.12
CA LEU A 601 -25.26 -8.62 -12.74
C LEU A 601 -25.31 -10.00 -12.10
N HIS A 602 -24.85 -10.09 -10.84
CA HIS A 602 -24.65 -11.38 -10.20
C HIS A 602 -25.56 -11.43 -8.99
N VAL A 603 -26.49 -12.39 -9.00
CA VAL A 603 -27.54 -12.41 -8.00
C VAL A 603 -26.95 -12.75 -6.62
N ASP A 604 -25.88 -13.58 -6.57
CA ASP A 604 -25.24 -13.89 -5.28
C ASP A 604 -24.66 -12.63 -4.61
N LEU A 605 -23.98 -11.79 -5.40
CA LEU A 605 -23.39 -10.57 -4.88
C LEU A 605 -24.47 -9.66 -4.28
N MET A 606 -25.59 -9.45 -4.99
CA MET A 606 -26.62 -8.56 -4.49
C MET A 606 -27.16 -9.12 -3.18
N SER A 607 -27.24 -10.45 -3.12
CA SER A 607 -27.77 -11.09 -1.92
C SER A 607 -26.84 -10.82 -0.75
N TRP A 608 -25.52 -10.85 -0.99
CA TRP A 608 -24.55 -10.56 0.07
C TRP A 608 -24.68 -9.10 0.55
N VAL A 609 -24.88 -8.16 -0.39
CA VAL A 609 -25.12 -6.78 -0.02
C VAL A 609 -26.36 -6.72 0.85
N GLY A 610 -27.36 -7.52 0.48
CA GLY A 610 -28.54 -7.70 1.30
C GLY A 610 -28.22 -8.16 2.71
N VAL A 611 -27.26 -9.10 2.82
CA VAL A 611 -26.87 -9.60 4.14
C VAL A 611 -26.23 -8.47 4.96
N MET A 612 -25.39 -7.67 4.30
CA MET A 612 -24.64 -6.63 4.98
C MET A 612 -25.58 -5.54 5.48
N VAL A 613 -26.57 -5.19 4.64
CA VAL A 613 -27.51 -4.12 4.96
C VAL A 613 -28.43 -4.52 6.13
N LYS A 614 -28.85 -5.78 6.21
CA LYS A 614 -29.67 -6.21 7.34
C LYS A 614 -28.85 -6.17 8.62
N SER A 615 -27.55 -6.47 8.48
CA SER A 615 -26.65 -6.48 9.62
C SER A 615 -26.42 -5.04 10.08
N LEU A 616 -26.28 -4.13 9.09
CA LEU A 616 -26.06 -2.74 9.40
C LEU A 616 -27.27 -2.16 10.13
N ILE A 617 -28.50 -2.52 9.70
CA ILE A 617 -29.74 -2.10 10.36
C ILE A 617 -29.69 -2.47 11.84
N SER A 618 -29.37 -3.74 12.16
CA SER A 618 -29.40 -4.19 13.55
C SER A 618 -28.33 -3.50 14.37
N ILE A 619 -27.14 -3.34 13.78
CA ILE A 619 -26.01 -2.83 14.53
C ILE A 619 -26.15 -1.31 14.67
N GLY A 620 -26.41 -0.62 13.55
CA GLY A 620 -26.76 0.79 13.58
C GLY A 620 -27.82 1.09 14.65
N SER A 621 -28.86 0.26 14.72
CA SER A 621 -30.00 0.50 15.59
C SER A 621 -29.60 0.35 17.05
N LEU A 622 -28.69 -0.57 17.36
CA LEU A 622 -28.26 -0.69 18.74
C LEU A 622 -27.44 0.54 19.13
N LEU A 623 -26.91 1.26 18.13
CA LEU A 623 -26.03 2.39 18.41
C LEU A 623 -26.75 3.73 18.16
N GLY A 624 -28.04 3.65 17.83
CA GLY A 624 -28.89 4.80 17.51
C GLY A 624 -28.32 5.67 16.39
N ALA A 625 -27.70 5.04 15.36
CA ALA A 625 -27.21 5.78 14.21
C ALA A 625 -28.34 6.00 13.22
N THR A 626 -29.29 6.85 13.63
CA THR A 626 -30.64 6.92 13.10
C THR A 626 -30.61 7.19 11.59
N GLU A 627 -29.75 8.14 11.20
CA GLU A 627 -29.72 8.69 9.86
C GLU A 627 -29.24 7.63 8.86
N ASP A 628 -28.36 6.75 9.35
CA ASP A 628 -27.81 5.63 8.60
C ASP A 628 -28.85 4.51 8.44
N VAL A 629 -29.52 4.18 9.54
CA VAL A 629 -30.60 3.19 9.57
C VAL A 629 -31.70 3.59 8.58
N GLU A 630 -31.88 4.90 8.36
CA GLU A 630 -32.77 5.40 7.33
C GLU A 630 -32.19 5.09 5.95
N PHE A 631 -30.89 5.32 5.77
CA PHE A 631 -30.23 5.01 4.51
C PHE A 631 -30.30 3.51 4.24
N TYR A 632 -30.05 2.71 5.28
CA TYR A 632 -29.99 1.26 5.16
C TYR A 632 -31.35 0.71 4.72
N THR A 633 -32.42 1.20 5.36
CA THR A 633 -33.78 0.76 5.09
C THR A 633 -34.15 1.01 3.62
N LYS A 634 -33.72 2.17 3.10
CA LYS A 634 -34.03 2.54 1.73
C LYS A 634 -33.31 1.56 0.78
N VAL A 635 -32.07 1.18 1.14
CA VAL A 635 -31.27 0.25 0.35
C VAL A 635 -31.91 -1.14 0.40
N LEU A 636 -32.24 -1.64 1.61
CA LEU A 636 -32.79 -3.00 1.70
C LEU A 636 -34.03 -3.12 0.81
N ASP A 637 -34.92 -2.13 0.91
CA ASP A 637 -36.16 -2.06 0.15
C ASP A 637 -35.85 -2.11 -1.35
N ALA A 638 -34.84 -1.34 -1.77
CA ALA A 638 -34.50 -1.32 -3.19
C ALA A 638 -33.98 -2.68 -3.66
N ILE A 639 -33.26 -3.40 -2.78
CA ILE A 639 -32.68 -4.69 -3.11
C ILE A 639 -33.77 -5.75 -3.27
N GLU A 640 -34.69 -5.85 -2.29
CA GLU A 640 -35.84 -6.74 -2.39
C GLU A 640 -36.59 -6.58 -3.72
N HIS A 641 -36.79 -5.32 -4.14
CA HIS A 641 -37.44 -5.09 -5.43
C HIS A 641 -36.51 -5.48 -6.57
N ASN A 642 -35.25 -5.01 -6.52
CA ASN A 642 -34.36 -5.16 -7.66
C ASN A 642 -33.93 -6.62 -7.84
N LEU A 643 -34.01 -7.41 -6.75
CA LEU A 643 -33.79 -8.84 -6.83
C LEU A 643 -34.82 -9.44 -7.79
N ASP A 644 -36.10 -9.05 -7.63
CA ASP A 644 -37.15 -9.51 -8.53
C ASP A 644 -36.97 -8.91 -9.93
N ASP A 645 -36.89 -7.57 -10.02
CA ASP A 645 -36.93 -6.90 -11.33
C ASP A 645 -35.77 -7.37 -12.20
N LEU A 646 -34.62 -7.60 -11.57
CA LEU A 646 -33.41 -7.81 -12.36
C LEU A 646 -32.99 -9.28 -12.39
N HIS A 647 -33.45 -10.06 -11.40
CA HIS A 647 -32.89 -11.40 -11.22
C HIS A 647 -33.92 -12.54 -11.33
N TRP A 648 -35.21 -12.27 -11.07
CA TRP A 648 -36.20 -13.34 -11.02
C TRP A 648 -36.59 -13.81 -12.42
N SER A 649 -36.58 -15.14 -12.61
CA SER A 649 -37.10 -15.77 -13.82
C SER A 649 -38.43 -16.45 -13.50
N GLU A 650 -39.55 -15.82 -13.90
CA GLU A 650 -40.85 -16.48 -13.77
C GLU A 650 -40.86 -17.75 -14.62
N LYS A 651 -40.17 -17.73 -15.76
CA LYS A 651 -40.13 -18.85 -16.69
C LYS A 651 -39.46 -20.06 -16.04
N GLU A 652 -38.27 -19.85 -15.43
CA GLU A 652 -37.45 -20.92 -14.89
C GLU A 652 -37.80 -21.21 -13.43
N GLY A 653 -38.52 -20.31 -12.78
CA GLY A 653 -38.86 -20.51 -11.37
C GLY A 653 -37.67 -20.42 -10.40
N CYS A 654 -36.68 -19.58 -10.71
CA CYS A 654 -35.55 -19.38 -9.80
C CYS A 654 -34.89 -18.03 -10.09
N TYR A 655 -34.00 -17.60 -9.18
CA TYR A 655 -33.16 -16.45 -9.48
C TYR A 655 -32.10 -16.84 -10.50
N CYS A 656 -31.67 -15.85 -11.25
CA CYS A 656 -30.63 -16.03 -12.24
C CYS A 656 -29.74 -14.78 -12.25
N ASP A 657 -28.50 -14.94 -12.70
CA ASP A 657 -27.60 -13.86 -13.04
C ASP A 657 -28.13 -13.24 -14.33
N ALA A 658 -27.57 -12.10 -14.74
CA ALA A 658 -28.02 -11.39 -15.94
C ALA A 658 -26.84 -10.83 -16.71
N THR A 659 -26.96 -10.79 -18.04
CA THR A 659 -25.96 -10.12 -18.86
C THR A 659 -26.62 -9.06 -19.74
N ILE A 660 -25.86 -8.64 -20.75
CA ILE A 660 -26.34 -7.77 -21.81
C ILE A 660 -26.04 -8.51 -23.11
N ASP A 661 -27.10 -8.63 -23.93
CA ASP A 661 -27.19 -9.33 -25.20
C ASP A 661 -26.14 -8.82 -26.18
N GLU A 662 -26.02 -9.49 -27.34
CA GLU A 662 -25.36 -8.89 -28.49
C GLU A 662 -26.22 -7.73 -29.03
N PHE A 663 -27.49 -7.68 -28.62
CA PHE A 663 -28.41 -6.64 -29.06
C PHE A 663 -28.57 -5.60 -27.96
N GLU A 664 -27.78 -5.75 -26.90
CA GLU A 664 -27.69 -4.76 -25.83
C GLU A 664 -28.94 -4.73 -24.95
N GLU A 665 -29.62 -5.89 -24.81
CA GLU A 665 -30.71 -5.98 -23.85
C GLU A 665 -30.32 -6.91 -22.68
N HIS A 666 -30.90 -6.61 -21.52
CA HIS A 666 -30.84 -7.38 -20.28
C HIS A 666 -31.41 -8.76 -20.53
N LYS A 667 -30.54 -9.79 -20.50
CA LYS A 667 -30.91 -11.18 -20.69
C LYS A 667 -30.55 -11.94 -19.41
N LEU A 668 -31.52 -12.70 -18.88
CA LEU A 668 -31.30 -13.63 -17.78
C LEU A 668 -30.47 -14.82 -18.29
N VAL A 669 -29.51 -15.28 -17.47
CA VAL A 669 -28.77 -16.49 -17.77
C VAL A 669 -28.92 -17.41 -16.56
N CYS A 670 -29.64 -18.53 -16.78
CA CYS A 670 -30.07 -19.37 -15.66
C CYS A 670 -29.30 -20.68 -15.65
N HIS A 671 -28.66 -20.94 -14.52
CA HIS A 671 -27.93 -22.18 -14.33
C HIS A 671 -28.38 -22.68 -12.96
N LYS A 672 -29.28 -23.66 -13.00
CA LYS A 672 -29.95 -24.07 -11.78
C LYS A 672 -28.92 -24.75 -10.89
N GLY A 673 -28.80 -24.19 -9.68
CA GLY A 673 -27.81 -24.64 -8.73
C GLY A 673 -27.78 -23.68 -7.55
N TYR A 674 -26.65 -23.68 -6.82
CA TYR A 674 -26.49 -22.85 -5.64
C TYR A 674 -26.83 -21.39 -5.90
N ILE A 675 -26.26 -20.82 -6.99
CA ILE A 675 -26.48 -19.41 -7.28
C ILE A 675 -27.98 -19.13 -7.32
N SER A 676 -28.75 -20.03 -7.95
CA SER A 676 -30.18 -19.87 -8.20
C SER A 676 -30.96 -19.60 -6.92
N LEU A 677 -30.45 -20.10 -5.79
CA LEU A 677 -31.17 -20.09 -4.51
C LEU A 677 -30.74 -18.94 -3.60
N PHE A 678 -29.82 -18.09 -4.07
CA PHE A 678 -29.12 -17.16 -3.19
C PHE A 678 -30.04 -16.29 -2.33
N PRO A 679 -31.09 -15.65 -2.88
CA PRO A 679 -31.94 -14.78 -2.05
C PRO A 679 -32.49 -15.58 -0.86
N PHE A 680 -32.83 -16.85 -1.10
CA PHE A 680 -33.23 -17.75 -0.02
C PHE A 680 -32.07 -18.07 0.92
N LEU A 681 -30.88 -18.39 0.39
CA LEU A 681 -29.79 -18.90 1.22
C LEU A 681 -29.37 -17.85 2.24
N THR A 682 -29.51 -16.57 1.85
CA THR A 682 -29.03 -15.42 2.60
C THR A 682 -30.16 -14.76 3.38
N GLY A 683 -31.34 -15.42 3.42
CA GLY A 683 -32.41 -15.10 4.35
C GLY A 683 -33.16 -13.82 3.98
N LEU A 684 -33.35 -13.59 2.68
CA LEU A 684 -33.85 -12.33 2.19
C LEU A 684 -35.35 -12.37 1.82
N LEU A 685 -35.90 -13.58 1.68
CA LEU A 685 -37.28 -13.77 1.22
C LEU A 685 -38.26 -13.88 2.38
N LYS A 686 -39.51 -13.41 2.15
CA LYS A 686 -40.58 -13.58 3.11
C LYS A 686 -40.99 -15.06 3.18
N PRO A 687 -41.32 -15.58 4.39
CA PRO A 687 -41.74 -16.98 4.52
C PRO A 687 -43.03 -17.35 3.79
N ASP A 688 -43.75 -16.33 3.30
CA ASP A 688 -45.01 -16.54 2.59
C ASP A 688 -44.73 -16.33 1.11
N SER A 689 -43.50 -15.91 0.79
CA SER A 689 -43.18 -15.58 -0.58
C SER A 689 -43.50 -16.77 -1.50
N PRO A 690 -44.26 -16.56 -2.60
CA PRO A 690 -44.39 -17.57 -3.65
C PRO A 690 -43.07 -17.95 -4.32
N LYS A 691 -42.14 -16.99 -4.39
CA LYS A 691 -40.85 -17.23 -5.02
C LYS A 691 -40.09 -18.28 -4.23
N LEU A 692 -40.07 -18.10 -2.91
CA LEU A 692 -39.48 -19.07 -2.01
C LEU A 692 -40.05 -20.47 -2.25
N GLY A 693 -41.39 -20.55 -2.42
CA GLY A 693 -42.07 -21.81 -2.66
C GLY A 693 -41.51 -22.55 -3.88
N LYS A 694 -41.23 -21.81 -4.95
CA LYS A 694 -40.70 -22.36 -6.18
C LYS A 694 -39.24 -22.82 -5.95
N LEU A 695 -38.52 -22.10 -5.09
CA LEU A 695 -37.16 -22.46 -4.73
C LEU A 695 -37.19 -23.73 -3.90
N LEU A 696 -38.23 -23.90 -3.05
CA LEU A 696 -38.31 -25.11 -2.24
C LEU A 696 -38.47 -26.32 -3.14
N ALA A 697 -39.29 -26.15 -4.18
CA ALA A 697 -39.52 -27.21 -5.15
C ALA A 697 -38.21 -27.59 -5.84
N LEU A 698 -37.40 -26.58 -6.20
CA LEU A 698 -36.15 -26.82 -6.92
C LEU A 698 -35.17 -27.55 -6.02
N ILE A 699 -35.12 -27.16 -4.75
CA ILE A 699 -34.18 -27.71 -3.79
C ILE A 699 -34.47 -29.18 -3.59
N GLY A 700 -35.77 -29.51 -3.45
CA GLY A 700 -36.24 -30.85 -3.11
C GLY A 700 -36.29 -31.79 -4.32
N ASP A 701 -36.15 -31.23 -5.52
CA ASP A 701 -36.31 -31.96 -6.78
C ASP A 701 -35.07 -32.81 -7.07
N GLU A 702 -35.25 -34.13 -7.04
CA GLU A 702 -34.14 -35.06 -7.14
C GLU A 702 -33.45 -34.97 -8.50
N SER A 703 -34.24 -34.69 -9.56
CA SER A 703 -33.75 -34.66 -10.93
C SER A 703 -32.91 -33.40 -11.15
N GLU A 704 -32.94 -32.46 -10.18
CA GLU A 704 -32.25 -31.18 -10.28
C GLU A 704 -31.08 -31.14 -9.28
N LEU A 705 -31.34 -30.68 -8.05
CA LEU A 705 -30.35 -30.44 -7.03
C LEU A 705 -30.25 -31.56 -5.98
N TRP A 706 -31.30 -32.40 -5.81
CA TRP A 706 -31.40 -33.19 -4.56
C TRP A 706 -30.74 -34.57 -4.71
N SER A 707 -29.53 -34.73 -4.16
CA SER A 707 -28.92 -36.03 -4.20
C SER A 707 -29.13 -36.67 -2.85
N PRO A 708 -28.95 -38.00 -2.72
CA PRO A 708 -29.04 -38.65 -1.42
C PRO A 708 -27.95 -38.14 -0.46
N TYR A 709 -26.98 -37.39 -1.00
CA TYR A 709 -25.82 -36.97 -0.22
C TYR A 709 -25.87 -35.49 0.13
N GLY A 710 -26.84 -34.76 -0.43
CA GLY A 710 -27.04 -33.35 -0.16
C GLY A 710 -27.32 -32.59 -1.46
N LEU A 711 -27.41 -31.27 -1.36
CA LEU A 711 -27.69 -30.47 -2.55
C LEU A 711 -26.45 -30.43 -3.42
N ARG A 712 -26.62 -30.84 -4.69
CA ARG A 712 -25.68 -30.62 -5.76
C ARG A 712 -25.48 -29.13 -5.99
N SER A 713 -24.23 -28.72 -6.23
CA SER A 713 -23.85 -27.34 -6.51
C SER A 713 -24.51 -26.85 -7.80
N LEU A 714 -24.64 -27.74 -8.80
CA LEU A 714 -25.24 -27.47 -10.10
C LEU A 714 -26.24 -28.57 -10.47
N SER A 715 -27.38 -28.21 -11.09
CA SER A 715 -28.40 -29.19 -11.46
C SER A 715 -27.83 -30.18 -12.47
N LYS A 716 -28.25 -31.45 -12.35
CA LYS A 716 -27.96 -32.50 -13.30
C LYS A 716 -28.55 -32.16 -14.68
N LYS A 717 -29.58 -31.30 -14.72
CA LYS A 717 -30.21 -30.92 -15.98
C LYS A 717 -29.42 -29.79 -16.64
N ASP A 718 -28.62 -29.05 -15.85
CA ASP A 718 -27.88 -27.94 -16.41
C ASP A 718 -26.89 -28.47 -17.44
N GLU A 719 -26.70 -27.72 -18.51
CA GLU A 719 -25.81 -28.14 -19.58
C GLU A 719 -24.35 -28.22 -19.11
N PHE A 720 -24.00 -27.53 -18.01
CA PHE A 720 -22.61 -27.53 -17.57
C PHE A 720 -22.34 -28.51 -16.42
N TYR A 721 -23.33 -29.36 -16.11
CA TYR A 721 -23.17 -30.36 -15.06
C TYR A 721 -21.96 -31.25 -15.34
N GLY A 722 -21.04 -31.35 -14.38
CA GLY A 722 -19.92 -32.27 -14.51
C GLY A 722 -18.83 -31.87 -15.51
N THR A 723 -18.91 -30.66 -16.06
CA THR A 723 -17.93 -30.24 -17.06
C THR A 723 -16.73 -29.52 -16.42
N ALA A 724 -15.67 -29.37 -17.22
CA ALA A 724 -14.45 -28.63 -16.93
C ALA A 724 -13.72 -29.26 -15.75
N GLU A 725 -13.34 -28.44 -14.77
CA GLU A 725 -12.66 -28.98 -13.59
C GLU A 725 -13.72 -29.48 -12.61
N ASN A 726 -14.98 -29.18 -12.90
CA ASN A 726 -16.08 -29.77 -12.14
C ASN A 726 -15.91 -29.49 -10.65
N TYR A 727 -15.50 -28.26 -10.32
CA TYR A 727 -15.26 -27.87 -8.95
C TYR A 727 -16.59 -27.58 -8.25
N TRP A 728 -17.33 -26.59 -8.77
CA TRP A 728 -18.60 -26.16 -8.24
C TRP A 728 -19.69 -26.51 -9.26
N ARG A 729 -19.46 -27.55 -10.08
CA ARG A 729 -20.40 -27.85 -11.16
C ARG A 729 -21.15 -29.16 -10.94
N SER A 730 -21.26 -29.63 -9.69
CA SER A 730 -21.98 -30.84 -9.33
C SER A 730 -21.72 -31.19 -7.88
N PRO A 731 -20.47 -31.15 -7.38
CA PRO A 731 -20.19 -31.69 -6.04
C PRO A 731 -21.03 -31.04 -4.94
N VAL A 732 -21.12 -31.73 -3.80
CA VAL A 732 -21.85 -31.29 -2.64
C VAL A 732 -20.86 -30.55 -1.73
N TRP A 733 -21.16 -29.28 -1.46
CA TRP A 733 -20.29 -28.48 -0.61
C TRP A 733 -21.03 -28.18 0.68
N ILE A 734 -20.33 -28.34 1.80
CA ILE A 734 -20.96 -28.29 3.10
C ILE A 734 -21.41 -26.87 3.47
N ASN A 735 -20.69 -25.84 3.01
CA ASN A 735 -20.98 -24.49 3.48
C ASN A 735 -22.33 -23.99 2.93
N ILE A 736 -22.60 -24.23 1.64
CA ILE A 736 -23.86 -23.83 1.05
C ILE A 736 -24.99 -24.71 1.59
N ASN A 737 -24.70 -25.99 1.80
CA ASN A 737 -25.69 -26.88 2.39
C ASN A 737 -26.06 -26.43 3.80
N TYR A 738 -25.06 -25.93 4.56
CA TYR A 738 -25.31 -25.39 5.89
C TYR A 738 -26.30 -24.24 5.79
N LEU A 739 -26.11 -23.35 4.81
CA LEU A 739 -27.00 -22.21 4.66
C LEU A 739 -28.42 -22.69 4.30
N ALA A 740 -28.57 -23.70 3.44
CA ALA A 740 -29.89 -24.20 3.08
C ALA A 740 -30.58 -24.74 4.32
N ILE A 741 -29.85 -25.53 5.11
CA ILE A 741 -30.39 -26.17 6.29
C ILE A 741 -30.89 -25.11 7.27
N VAL A 742 -30.08 -24.08 7.52
CA VAL A 742 -30.46 -23.04 8.46
C VAL A 742 -31.74 -22.34 7.97
N GLN A 743 -31.84 -22.08 6.66
CA GLN A 743 -33.00 -21.40 6.13
C GLN A 743 -34.27 -22.28 6.11
N LEU A 744 -34.12 -23.61 5.92
CA LEU A 744 -35.23 -24.54 5.96
C LEU A 744 -35.83 -24.59 7.37
N TYR A 745 -34.95 -24.74 8.38
CA TYR A 745 -35.35 -24.68 9.78
C TYR A 745 -36.10 -23.39 10.13
N ASN A 746 -35.63 -22.24 9.60
CA ASN A 746 -36.25 -20.97 9.89
C ASN A 746 -37.71 -21.00 9.43
N ILE A 747 -37.91 -21.46 8.19
CA ILE A 747 -39.25 -21.60 7.64
C ILE A 747 -40.01 -22.68 8.38
N ALA A 748 -39.33 -23.77 8.76
CA ALA A 748 -40.00 -24.89 9.42
C ALA A 748 -40.60 -24.52 10.78
N THR A 749 -40.09 -23.46 11.44
CA THR A 749 -40.44 -23.19 12.83
C THR A 749 -41.23 -21.88 12.95
N GLN A 750 -42.19 -21.71 12.05
CA GLN A 750 -42.81 -20.42 11.81
C GLN A 750 -44.08 -20.66 10.99
N ASP A 751 -45.14 -19.89 11.29
CA ASP A 751 -46.39 -19.99 10.55
C ASP A 751 -46.23 -19.56 9.10
N GLY A 752 -46.73 -20.40 8.18
CA GLY A 752 -46.84 -20.04 6.78
C GLY A 752 -47.17 -21.24 5.89
N PRO A 753 -47.37 -21.03 4.57
CA PRO A 753 -47.74 -22.12 3.66
C PRO A 753 -46.71 -23.22 3.41
N TYR A 754 -45.43 -22.95 3.73
CA TYR A 754 -44.39 -23.90 3.40
C TYR A 754 -43.79 -24.51 4.67
N LYS A 755 -44.22 -24.04 5.84
CA LYS A 755 -43.76 -24.61 7.10
C LYS A 755 -43.54 -26.14 6.99
N GLU A 756 -44.44 -26.84 6.28
CA GLU A 756 -44.47 -28.29 6.29
C GLU A 756 -43.51 -28.88 5.25
N THR A 757 -43.42 -28.31 4.05
CA THR A 757 -42.38 -28.80 3.14
C THR A 757 -41.01 -28.53 3.76
N ALA A 758 -40.84 -27.29 4.25
CA ALA A 758 -39.63 -26.84 4.90
C ALA A 758 -39.20 -27.85 5.97
N ARG A 759 -40.15 -28.34 6.77
CA ARG A 759 -39.86 -29.29 7.83
C ARG A 759 -39.34 -30.61 7.25
N ASP A 760 -39.96 -31.12 6.18
CA ASP A 760 -39.50 -32.38 5.62
C ASP A 760 -38.10 -32.23 5.02
N LEU A 761 -37.85 -31.09 4.34
CA LEU A 761 -36.60 -30.87 3.65
C LEU A 761 -35.48 -30.67 4.66
N TYR A 762 -35.75 -29.84 5.69
CA TYR A 762 -34.84 -29.67 6.80
C TYR A 762 -34.44 -31.05 7.32
N THR A 763 -35.44 -31.84 7.72
CA THR A 763 -35.21 -33.09 8.42
C THR A 763 -34.25 -33.95 7.61
N ARG A 764 -34.52 -34.02 6.31
CA ARG A 764 -33.86 -34.96 5.42
C ARG A 764 -32.48 -34.43 5.04
N LEU A 765 -32.37 -33.11 4.78
CA LEU A 765 -31.10 -32.58 4.30
C LEU A 765 -30.07 -32.70 5.41
N ARG A 766 -30.47 -32.33 6.63
CA ARG A 766 -29.66 -32.41 7.84
C ARG A 766 -29.08 -33.81 8.00
N LYS A 767 -29.97 -34.79 7.78
CA LYS A 767 -29.64 -36.20 7.86
C LYS A 767 -28.63 -36.57 6.78
N ASN A 768 -28.91 -36.23 5.51
CA ASN A 768 -28.06 -36.62 4.39
C ASN A 768 -26.65 -36.02 4.54
N ILE A 769 -26.58 -34.71 4.80
CA ILE A 769 -25.32 -34.00 4.95
C ILE A 769 -24.51 -34.59 6.12
N VAL A 770 -25.11 -34.64 7.31
CA VAL A 770 -24.36 -35.16 8.44
C VAL A 770 -23.87 -36.57 8.16
N GLU A 771 -24.76 -37.44 7.66
CA GLU A 771 -24.44 -38.85 7.51
C GLU A 771 -23.35 -39.04 6.45
N THR A 772 -23.37 -38.21 5.39
CA THR A 772 -22.35 -38.28 4.36
C THR A 772 -20.97 -37.92 4.95
N VAL A 773 -20.94 -36.86 5.75
CA VAL A 773 -19.65 -36.41 6.28
C VAL A 773 -19.20 -37.39 7.34
N TYR A 774 -20.13 -37.88 8.15
CA TYR A 774 -19.79 -38.90 9.13
C TYR A 774 -19.22 -40.16 8.47
N ARG A 775 -19.95 -40.68 7.49
CA ARG A 775 -19.62 -41.93 6.82
C ARG A 775 -18.18 -41.86 6.29
N ASN A 776 -17.85 -40.77 5.56
CA ASN A 776 -16.51 -40.51 5.07
C ASN A 776 -15.48 -40.33 6.20
N TRP A 777 -15.84 -39.64 7.28
CA TRP A 777 -14.89 -39.56 8.40
C TRP A 777 -14.61 -40.94 8.99
N GLU A 778 -15.67 -41.75 9.18
CA GLU A 778 -15.53 -43.09 9.75
C GLU A 778 -14.60 -43.92 8.88
N GLU A 779 -14.78 -43.86 7.55
CA GLU A 779 -13.96 -44.72 6.69
C GLU A 779 -12.54 -44.18 6.42
N THR A 780 -12.31 -42.85 6.42
CA THR A 780 -11.02 -42.33 5.96
C THR A 780 -10.27 -41.58 7.07
N GLY A 781 -11.00 -41.19 8.14
CA GLY A 781 -10.50 -40.33 9.21
C GLY A 781 -10.46 -38.84 8.85
N PHE A 782 -10.98 -38.47 7.67
CA PHE A 782 -10.85 -37.10 7.22
C PHE A 782 -12.19 -36.40 7.00
N ALA A 783 -12.16 -35.09 7.21
CA ALA A 783 -13.10 -34.16 6.62
C ALA A 783 -12.63 -33.89 5.20
N TRP A 784 -13.56 -33.86 4.23
CA TRP A 784 -13.18 -33.52 2.86
C TRP A 784 -13.77 -32.17 2.43
N GLU A 785 -13.16 -31.60 1.38
CA GLU A 785 -13.50 -30.31 0.80
C GLU A 785 -14.91 -30.34 0.20
N GLN A 786 -15.32 -31.49 -0.34
CA GLN A 786 -16.58 -31.61 -1.05
C GLN A 786 -16.91 -33.10 -1.19
N TYR A 787 -18.17 -33.41 -1.54
CA TYR A 787 -18.59 -34.80 -1.60
C TYR A 787 -19.27 -35.06 -2.94
N ASN A 788 -18.98 -36.26 -3.48
CA ASN A 788 -19.46 -36.71 -4.78
C ASN A 788 -20.95 -36.98 -4.69
N PRO A 789 -21.80 -36.35 -5.53
CA PRO A 789 -23.25 -36.56 -5.41
C PRO A 789 -23.74 -37.92 -5.92
N GLU A 790 -22.91 -38.61 -6.72
CA GLU A 790 -23.22 -39.94 -7.27
C GLU A 790 -22.86 -41.02 -6.24
N THR A 791 -21.72 -40.86 -5.57
CA THR A 791 -21.21 -41.95 -4.76
C THR A 791 -21.20 -41.58 -3.27
N GLY A 792 -21.34 -40.30 -2.93
CA GLY A 792 -21.19 -39.88 -1.54
C GLY A 792 -19.74 -39.82 -1.06
N LYS A 793 -18.77 -40.08 -1.95
CA LYS A 793 -17.36 -40.11 -1.54
C LYS A 793 -16.83 -38.69 -1.27
N GLY A 794 -16.01 -38.54 -0.23
CA GLY A 794 -15.25 -37.31 -0.07
C GLY A 794 -14.23 -37.21 -1.20
N GLN A 795 -14.08 -36.01 -1.79
CA GLN A 795 -13.10 -35.83 -2.85
C GLN A 795 -12.44 -34.45 -2.73
N ARG A 796 -11.49 -34.15 -3.64
CA ARG A 796 -10.57 -33.02 -3.49
C ARG A 796 -9.77 -33.22 -2.20
N THR A 797 -9.55 -32.14 -1.44
CA THR A 797 -8.55 -32.21 -0.39
C THR A 797 -9.15 -32.72 0.92
N GLN A 798 -8.30 -33.46 1.67
CA GLN A 798 -8.57 -33.88 3.05
C GLN A 798 -8.11 -32.81 4.04
N HIS A 799 -8.35 -33.07 5.34
CA HIS A 799 -8.02 -32.14 6.41
C HIS A 799 -8.71 -30.78 6.16
N PHE A 800 -9.87 -30.80 5.48
CA PHE A 800 -10.63 -29.58 5.24
C PHE A 800 -11.51 -29.22 6.43
N THR A 801 -10.89 -28.59 7.45
CA THR A 801 -11.56 -28.13 8.66
C THR A 801 -11.18 -26.68 8.97
N GLY A 802 -11.65 -25.69 8.19
CA GLY A 802 -12.47 -25.89 7.00
C GLY A 802 -13.95 -25.96 7.33
N TRP A 803 -14.78 -25.53 6.38
CA TRP A 803 -16.20 -25.33 6.66
C TRP A 803 -16.93 -26.67 6.67
N THR A 804 -16.24 -27.75 6.31
CA THR A 804 -16.88 -29.04 6.48
C THR A 804 -17.26 -29.24 7.94
N SER A 805 -16.52 -28.61 8.86
CA SER A 805 -16.76 -28.78 10.29
C SER A 805 -18.08 -28.14 10.75
N LEU A 806 -18.78 -27.42 9.86
CA LEU A 806 -20.12 -26.91 10.12
C LEU A 806 -21.07 -28.02 10.56
N VAL A 807 -20.69 -29.25 10.26
CA VAL A 807 -21.50 -30.43 10.51
C VAL A 807 -21.73 -30.56 12.01
N VAL A 808 -20.81 -30.05 12.85
CA VAL A 808 -20.99 -30.14 14.28
C VAL A 808 -22.18 -29.29 14.72
N LYS A 809 -22.42 -28.16 14.05
CA LYS A 809 -23.52 -27.27 14.40
C LYS A 809 -24.83 -27.72 13.72
N ILE A 810 -24.73 -28.39 12.56
CA ILE A 810 -25.92 -28.98 11.96
C ILE A 810 -26.50 -30.03 12.91
N MET A 811 -25.64 -30.83 13.55
CA MET A 811 -26.11 -31.89 14.43
C MET A 811 -26.73 -31.30 15.70
N SER A 812 -26.26 -30.10 16.09
CA SER A 812 -26.65 -29.42 17.32
C SER A 812 -28.05 -28.80 17.21
N GLY A 813 -28.40 -28.29 16.02
CA GLY A 813 -29.68 -27.67 15.71
C GLY A 813 -30.02 -26.44 16.58
N HIS A 814 -31.33 -26.25 16.81
CA HIS A 814 -31.88 -25.20 17.68
C HIS A 814 -31.41 -23.81 17.24
N HIS A 815 -31.64 -23.48 15.96
CA HIS A 815 -31.05 -22.30 15.33
C HIS A 815 -31.66 -20.97 15.87
N GLU B 35 12.16 25.96 -38.01
CA GLU B 35 12.29 26.07 -39.49
C GLU B 35 13.59 26.81 -39.83
N SER B 36 13.84 27.97 -39.19
CA SER B 36 15.03 28.74 -39.46
C SER B 36 16.27 28.04 -38.90
N ILE B 37 17.37 28.15 -39.64
CA ILE B 37 18.68 27.57 -39.34
C ILE B 37 19.14 27.96 -37.94
N LEU B 38 18.99 29.25 -37.58
CA LEU B 38 19.52 29.78 -36.34
C LEU B 38 18.66 29.30 -35.17
N HIS B 39 17.35 29.43 -35.31
CA HIS B 39 16.47 28.97 -34.24
C HIS B 39 16.72 27.49 -33.96
N SER B 40 16.86 26.66 -35.00
CA SER B 40 17.23 25.27 -34.78
C SER B 40 18.55 25.13 -34.02
N GLU B 41 19.60 25.79 -34.52
CA GLU B 41 20.92 25.65 -33.96
C GLU B 41 20.87 26.08 -32.49
N ILE B 42 20.20 27.18 -32.21
CA ILE B 42 20.14 27.59 -30.81
C ILE B 42 19.38 26.53 -30.01
N GLY B 43 18.25 26.06 -30.53
CA GLY B 43 17.53 24.97 -29.89
C GLY B 43 18.48 23.80 -29.61
N ARG B 44 19.28 23.41 -30.61
CA ARG B 44 20.18 22.28 -30.49
C ARG B 44 21.21 22.51 -29.37
N LEU B 45 21.74 23.74 -29.30
CA LEU B 45 22.75 24.07 -28.31
C LEU B 45 22.15 24.07 -26.91
N ASN B 46 20.89 24.50 -26.85
CA ASN B 46 20.23 24.62 -25.56
C ASN B 46 19.93 23.22 -25.02
N ASN B 47 19.46 22.38 -25.94
CA ASN B 47 19.13 20.98 -25.74
C ASN B 47 20.39 20.26 -25.21
N GLN B 48 21.54 20.47 -25.87
CA GLN B 48 22.76 19.79 -25.47
C GLN B 48 23.25 20.34 -24.12
N SER B 49 23.03 21.63 -23.87
CA SER B 49 23.45 22.23 -22.62
C SER B 49 22.64 21.65 -21.44
N LEU B 50 21.33 21.42 -21.65
CA LEU B 50 20.42 21.13 -20.55
C LEU B 50 20.18 19.62 -20.33
N LEU B 51 20.74 18.77 -21.21
CA LEU B 51 20.42 17.35 -21.31
C LEU B 51 20.57 16.63 -19.98
N TRP B 52 21.74 16.76 -19.33
CA TRP B 52 22.01 16.06 -18.09
C TRP B 52 21.65 16.93 -16.90
N GLY B 53 21.20 16.30 -15.80
CA GLY B 53 21.05 17.02 -14.55
C GLY B 53 20.65 16.11 -13.41
N PRO B 54 20.56 16.62 -12.17
CA PRO B 54 20.03 15.82 -11.05
C PRO B 54 18.50 15.83 -11.15
N TYR B 55 17.98 15.47 -12.31
CA TYR B 55 16.61 15.80 -12.67
C TYR B 55 15.60 14.85 -12.03
N ARG B 56 15.87 14.39 -10.79
CA ARG B 56 15.00 13.45 -10.10
C ARG B 56 14.74 13.98 -8.71
N PRO B 57 13.97 15.09 -8.63
CA PRO B 57 13.76 15.80 -7.38
C PRO B 57 12.93 15.00 -6.37
N ASN B 58 12.34 13.89 -6.83
CA ASN B 58 11.55 13.04 -5.93
C ASN B 58 12.46 12.31 -4.94
N ILE B 59 13.73 12.08 -5.30
CA ILE B 59 14.67 11.40 -4.40
C ILE B 59 15.74 12.38 -3.90
N TYR B 60 16.37 12.08 -2.76
CA TYR B 60 17.45 12.88 -2.20
C TYR B 60 18.54 13.17 -3.25
N PHE B 61 19.02 12.17 -3.99
CA PHE B 61 20.03 12.42 -5.00
C PHE B 61 20.02 11.35 -6.08
N GLY B 62 19.93 11.80 -7.33
CA GLY B 62 20.06 10.90 -8.45
C GLY B 62 20.09 11.75 -9.71
N THR B 63 20.42 11.12 -10.85
CA THR B 63 20.52 11.88 -12.07
C THR B 63 19.76 11.15 -13.17
N ARG B 64 19.36 11.90 -14.20
CA ARG B 64 18.91 11.32 -15.44
C ARG B 64 19.04 12.35 -16.55
N PRO B 65 19.12 11.95 -17.84
CA PRO B 65 19.04 12.90 -18.95
C PRO B 65 17.57 13.18 -19.28
N ARG B 66 17.32 14.18 -20.11
CA ARG B 66 15.99 14.48 -20.60
C ARG B 66 15.69 13.55 -21.77
N ILE B 67 15.71 12.23 -21.48
CA ILE B 67 15.32 11.18 -22.40
C ILE B 67 14.44 10.20 -21.62
N GLY B 68 13.28 9.86 -22.20
CA GLY B 68 12.30 9.01 -21.54
C GLY B 68 12.88 7.69 -21.04
N LYS B 69 13.55 6.96 -21.93
CA LYS B 69 14.13 5.66 -21.61
C LYS B 69 15.64 5.79 -21.78
N SER B 70 16.37 5.77 -20.65
CA SER B 70 17.80 5.98 -20.72
C SER B 70 18.44 5.62 -19.38
N LEU B 71 19.62 6.19 -19.10
CA LEU B 71 20.40 5.86 -17.92
C LEU B 71 19.92 6.68 -16.72
N MET B 72 19.68 6.04 -15.56
CA MET B 72 19.29 6.78 -14.36
C MET B 72 20.12 6.35 -13.15
N THR B 73 20.27 7.24 -12.17
CA THR B 73 21.04 6.90 -10.99
C THR B 73 20.27 7.32 -9.76
N GLY B 74 20.60 6.75 -8.59
CA GLY B 74 20.07 7.21 -7.33
C GLY B 74 20.91 6.71 -6.14
N LEU B 75 20.90 7.46 -5.04
CA LEU B 75 21.71 7.22 -3.85
C LEU B 75 20.82 6.75 -2.71
N MET B 76 21.29 5.74 -1.96
CA MET B 76 20.63 5.37 -0.71
C MET B 76 21.70 5.28 0.37
N TRP B 77 21.32 5.62 1.61
CA TRP B 77 22.24 5.40 2.72
C TRP B 77 21.40 5.10 3.95
N GLY B 78 22.03 4.44 4.94
CA GLY B 78 21.37 4.09 6.18
C GLY B 78 22.40 3.51 7.15
N LYS B 79 22.28 3.89 8.42
CA LYS B 79 23.06 3.27 9.47
C LYS B 79 22.60 1.83 9.63
N ILE B 80 23.50 0.95 10.07
CA ILE B 80 23.08 -0.41 10.39
C ILE B 80 23.65 -0.84 11.74
N GLU B 81 22.73 -1.18 12.64
CA GLU B 81 23.07 -1.58 14.01
C GLU B 81 22.64 -3.01 14.30
N SER B 82 21.76 -3.61 13.46
CA SER B 82 21.17 -4.90 13.82
C SER B 82 20.71 -5.67 12.58
N TYR B 83 20.10 -6.84 12.82
CA TYR B 83 19.67 -7.69 11.74
C TYR B 83 18.44 -7.13 11.00
N THR B 84 17.78 -6.13 11.59
CA THR B 84 16.44 -5.76 11.14
C THR B 84 16.21 -4.24 11.08
N ASP B 85 17.26 -3.42 11.25
CA ASP B 85 17.03 -1.98 11.34
C ASP B 85 17.20 -1.30 9.99
N PHE B 86 18.04 -1.84 9.09
CA PHE B 86 18.36 -1.11 7.87
C PHE B 86 17.10 -0.71 7.09
N GLN B 87 16.11 -1.59 7.07
CA GLN B 87 14.84 -1.38 6.39
C GLN B 87 14.16 -0.09 6.91
N HIS B 88 14.35 0.22 8.20
CA HIS B 88 13.76 1.41 8.81
C HIS B 88 14.65 2.65 8.67
N THR B 89 15.96 2.46 8.41
CA THR B 89 16.87 3.58 8.46
C THR B 89 17.21 4.09 7.07
N VAL B 90 17.03 3.25 6.04
CA VAL B 90 17.54 3.55 4.71
C VAL B 90 16.80 4.76 4.12
N ARG B 91 17.53 5.60 3.37
CA ARG B 91 17.04 6.83 2.77
C ARG B 91 17.09 6.66 1.26
N TYR B 92 15.98 7.03 0.58
CA TYR B 92 15.92 7.01 -0.87
C TYR B 92 15.07 8.18 -1.40
N THR B 93 13.75 8.12 -1.16
CA THR B 93 12.73 9.07 -1.58
C THR B 93 12.69 10.23 -0.58
N CYS B 94 12.56 11.46 -1.10
CA CYS B 94 12.38 12.64 -0.25
C CYS B 94 11.15 12.46 0.64
N GLU B 95 11.31 12.83 1.93
CA GLU B 95 10.30 12.82 3.00
C GLU B 95 10.59 14.04 3.86
N GLN B 96 9.71 14.32 4.82
CA GLN B 96 10.06 15.30 5.83
C GLN B 96 9.28 14.95 7.09
N ASN B 97 10.02 14.72 8.19
CA ASN B 97 9.53 14.18 9.45
C ASN B 97 10.64 14.44 10.47
N GLU B 98 10.33 14.25 11.76
CA GLU B 98 11.21 14.51 12.89
C GLU B 98 12.61 13.94 12.68
N GLY B 99 12.73 12.79 12.00
CA GLY B 99 14.03 12.18 11.78
C GLY B 99 14.92 12.93 10.78
N MET B 100 14.39 13.95 10.08
CA MET B 100 15.18 14.76 9.17
C MET B 100 15.17 16.21 9.63
N LYS B 101 16.38 16.76 9.84
CA LYS B 101 16.49 18.17 10.19
C LYS B 101 16.06 19.00 8.99
N GLY B 102 16.69 18.73 7.84
CA GLY B 102 16.45 19.51 6.64
C GLY B 102 17.30 18.99 5.49
N TYR B 103 17.00 19.46 4.28
CA TYR B 103 17.87 19.27 3.13
C TYR B 103 17.53 20.34 2.11
N GLY B 104 18.40 20.48 1.11
CA GLY B 104 18.11 21.40 0.03
C GLY B 104 19.40 21.84 -0.66
N TRP B 105 19.22 22.64 -1.72
CA TRP B 105 20.36 23.10 -2.49
C TRP B 105 20.89 24.39 -1.88
N ASP B 106 22.21 24.47 -1.71
CA ASP B 106 22.84 25.68 -1.20
C ASP B 106 23.04 26.64 -2.38
N GLU B 107 23.16 26.04 -3.57
CA GLU B 107 23.36 26.77 -4.79
C GLU B 107 23.11 25.81 -5.94
N TYR B 108 22.65 26.32 -7.08
CA TYR B 108 22.31 25.45 -8.18
C TYR B 108 22.06 26.24 -9.44
N ASP B 109 22.48 25.63 -10.55
CA ASP B 109 22.23 26.14 -11.87
C ASP B 109 22.21 24.92 -12.78
N PRO B 110 21.08 24.68 -13.49
CA PRO B 110 20.95 23.50 -14.35
C PRO B 110 22.01 23.31 -15.44
N ARG B 111 22.72 24.40 -15.80
CA ARG B 111 23.74 24.31 -16.84
C ARG B 111 25.09 23.87 -16.25
N ARG B 112 25.29 24.18 -14.97
CA ARG B 112 26.60 24.08 -14.37
C ARG B 112 26.62 23.02 -13.29
N GLY B 113 25.56 22.98 -12.46
CA GLY B 113 25.54 22.05 -11.34
C GLY B 113 25.22 22.77 -10.03
N GLY B 114 25.55 22.11 -8.92
CA GLY B 114 25.34 22.77 -7.65
C GLY B 114 25.73 21.84 -6.52
N ILE B 115 25.28 22.19 -5.31
CA ILE B 115 25.68 21.53 -4.10
C ILE B 115 24.45 21.44 -3.21
N GLN B 116 24.18 20.24 -2.68
CA GLN B 116 23.01 19.98 -1.87
C GLN B 116 23.50 19.53 -0.50
N SER B 117 22.84 19.99 0.56
CA SER B 117 23.12 19.54 1.92
C SER B 117 21.94 18.75 2.47
N ILE B 118 22.25 17.65 3.18
CA ILE B 118 21.21 16.81 3.78
C ILE B 118 21.61 16.60 5.24
N HIS B 119 20.71 16.99 6.16
CA HIS B 119 20.90 16.89 7.60
C HIS B 119 19.95 15.84 8.17
N ASP B 120 20.48 14.63 8.31
CA ASP B 120 19.72 13.44 8.65
C ASP B 120 19.98 13.17 10.13
N ILE B 121 18.94 13.34 10.96
CA ILE B 121 19.08 13.09 12.38
C ILE B 121 19.09 11.58 12.62
N GLN B 122 18.16 10.87 11.95
CA GLN B 122 17.98 9.45 12.26
C GLN B 122 19.31 8.71 12.08
N ASN B 123 20.05 9.04 11.01
CA ASN B 123 21.26 8.33 10.62
C ASN B 123 22.50 9.10 11.07
N GLY B 124 22.31 10.19 11.82
CA GLY B 124 23.40 10.89 12.47
C GLY B 124 24.43 11.41 11.47
N LEU B 125 23.96 11.86 10.30
CA LEU B 125 24.84 12.17 9.19
C LEU B 125 24.47 13.53 8.58
N ASP B 126 25.50 14.35 8.33
CA ASP B 126 25.36 15.50 7.45
C ASP B 126 26.07 15.16 6.14
N ILE B 127 25.36 15.35 5.03
CA ILE B 127 25.84 14.87 3.76
C ILE B 127 25.82 16.02 2.77
N THR B 128 26.82 16.07 1.89
CA THR B 128 26.77 16.98 0.78
C THR B 128 26.85 16.16 -0.50
N THR B 129 26.07 16.57 -1.50
CA THR B 129 26.11 15.96 -2.80
C THR B 129 26.33 17.12 -3.77
N SER B 130 27.56 17.24 -4.25
CA SER B 130 27.90 18.26 -5.23
C SER B 130 27.91 17.62 -6.61
N PHE B 131 27.35 18.36 -7.57
CA PHE B 131 27.14 17.83 -8.90
C PHE B 131 27.68 18.86 -9.90
N VAL B 132 28.40 18.42 -10.93
CA VAL B 132 28.98 19.35 -11.89
C VAL B 132 28.85 18.73 -13.27
N LYS B 133 28.61 19.61 -14.26
CA LYS B 133 28.46 19.26 -15.66
C LYS B 133 29.68 19.76 -16.44
N ILE B 134 30.10 19.01 -17.45
CA ILE B 134 31.33 19.31 -18.19
C ILE B 134 31.03 19.13 -19.66
N PRO B 135 30.87 20.23 -20.44
CA PRO B 135 30.50 20.11 -21.86
C PRO B 135 31.62 19.44 -22.67
N GLY B 136 31.25 18.92 -23.84
CA GLY B 136 32.15 18.07 -24.60
C GLY B 136 31.40 16.93 -25.29
N GLY B 137 31.71 16.74 -26.57
CA GLY B 137 31.13 15.64 -27.32
C GLY B 137 29.77 16.04 -27.88
N ALA B 138 29.04 15.02 -28.35
CA ALA B 138 27.87 15.22 -29.19
C ALA B 138 26.60 14.81 -28.45
N HIS B 139 26.73 14.42 -27.17
CA HIS B 139 25.68 13.68 -26.49
C HIS B 139 25.33 14.33 -25.16
N GLY B 140 25.52 15.64 -25.04
CA GLY B 140 25.13 16.36 -23.82
C GLY B 140 26.22 16.39 -22.75
N GLY B 141 27.42 15.95 -23.12
CA GLY B 141 28.60 16.13 -22.27
C GLY B 141 28.66 15.10 -21.14
N SER B 142 29.44 15.46 -20.11
CA SER B 142 29.86 14.59 -19.03
C SER B 142 29.44 15.21 -17.70
N TRP B 143 29.50 14.43 -16.62
CA TRP B 143 29.16 14.98 -15.32
C TRP B 143 29.91 14.21 -14.24
N ALA B 144 29.92 14.79 -13.05
CA ALA B 144 30.58 14.17 -11.91
C ALA B 144 29.83 14.56 -10.66
N ALA B 145 29.97 13.75 -9.61
CA ALA B 145 29.35 14.09 -8.34
C ALA B 145 30.23 13.59 -7.23
N ARG B 146 30.30 14.36 -6.14
CA ARG B 146 30.98 13.90 -4.94
C ARG B 146 29.94 13.73 -3.84
N ILE B 147 30.00 12.57 -3.17
CA ILE B 147 29.11 12.27 -2.07
C ILE B 147 29.94 12.23 -0.79
N LYS B 148 29.65 13.12 0.16
CA LYS B 148 30.51 13.19 1.32
C LYS B 148 29.65 13.13 2.58
N GLY B 149 29.88 12.11 3.41
CA GLY B 149 29.15 11.96 4.66
C GLY B 149 30.03 12.20 5.90
N THR B 150 29.48 12.99 6.84
CA THR B 150 30.15 13.45 8.05
C THR B 150 29.23 13.21 9.24
N LEU B 151 29.64 12.31 10.14
CA LEU B 151 28.83 11.98 11.31
C LEU B 151 28.69 13.23 12.16
N ASN B 152 27.49 13.46 12.69
CA ASN B 152 27.28 14.58 13.61
C ASN B 152 27.85 14.18 14.96
N ASP B 153 27.77 15.12 15.93
CA ASP B 153 28.31 15.02 17.27
C ASP B 153 27.62 13.92 18.10
N ASP B 154 26.36 13.61 17.77
CA ASP B 154 25.55 12.71 18.57
C ASP B 154 25.82 11.27 18.14
N ALA B 155 26.40 11.11 16.96
CA ALA B 155 26.50 9.80 16.34
C ALA B 155 27.64 9.00 16.98
N PRO B 156 27.47 7.67 17.14
CA PRO B 156 28.61 6.82 17.52
C PRO B 156 29.75 6.94 16.50
N LYS B 157 31.00 7.13 16.97
CA LYS B 157 32.12 7.48 16.12
C LYS B 157 32.48 6.30 15.22
N ASP B 158 32.00 5.11 15.59
CA ASP B 158 32.27 3.89 14.85
C ASP B 158 31.01 3.42 14.12
N GLN B 159 30.00 4.32 14.01
CA GLN B 159 28.78 3.96 13.31
C GLN B 159 29.11 3.35 11.95
N LYS B 160 28.38 2.29 11.59
CA LYS B 160 28.50 1.68 10.26
C LYS B 160 27.37 2.18 9.39
N THR B 161 27.73 2.84 8.28
CA THR B 161 26.74 3.37 7.34
C THR B 161 26.83 2.59 6.04
N ILE B 162 25.69 2.02 5.58
CA ILE B 162 25.60 1.47 4.24
C ILE B 162 25.27 2.60 3.27
N VAL B 163 25.93 2.56 2.10
CA VAL B 163 25.71 3.50 1.03
C VAL B 163 25.57 2.73 -0.28
N VAL B 164 24.51 3.05 -1.04
CA VAL B 164 24.28 2.36 -2.30
C VAL B 164 24.16 3.39 -3.42
N PHE B 165 24.81 3.09 -4.53
CA PHE B 165 24.59 3.84 -5.76
C PHE B 165 23.94 2.90 -6.76
N TYR B 166 22.68 3.19 -7.10
CA TYR B 166 21.87 2.38 -7.99
C TYR B 166 21.85 3.00 -9.39
N VAL B 167 22.07 2.15 -10.38
CA VAL B 167 22.18 2.58 -11.75
C VAL B 167 21.26 1.69 -12.57
N SER B 168 20.47 2.32 -13.45
CA SER B 168 19.54 1.58 -14.27
C SER B 168 19.57 2.14 -15.69
N GLN B 169 19.17 1.29 -16.65
CA GLN B 169 19.15 1.72 -18.05
C GLN B 169 18.02 1.03 -18.77
N GLU B 170 17.12 1.87 -19.29
CA GLU B 170 15.96 1.41 -20.04
C GLU B 170 16.22 1.75 -21.49
N GLY B 171 15.74 0.89 -22.39
CA GLY B 171 15.80 1.19 -23.81
C GLY B 171 16.22 -0.03 -24.61
N GLU B 172 15.66 -0.15 -25.82
CA GLU B 172 16.12 -1.13 -26.81
C GLU B 172 17.53 -0.72 -27.23
N ASN B 173 18.32 -1.72 -27.66
CA ASN B 173 19.63 -1.55 -28.28
C ASN B 173 20.51 -0.68 -27.39
N SER B 174 20.63 -1.06 -26.12
CA SER B 174 21.52 -0.36 -25.21
C SER B 174 22.18 -1.32 -24.21
N GLU B 175 23.41 -0.99 -23.80
CA GLU B 175 24.27 -1.93 -23.10
C GLU B 175 24.81 -1.25 -21.83
N LEU B 176 24.99 -2.04 -20.79
CA LEU B 176 25.66 -1.54 -19.60
C LEU B 176 26.30 -2.72 -18.87
N GLU B 177 27.57 -2.54 -18.48
CA GLU B 177 28.38 -3.66 -18.03
C GLU B 177 29.37 -3.15 -16.97
N ALA B 178 29.48 -3.90 -15.87
CA ALA B 178 30.45 -3.60 -14.84
C ALA B 178 31.72 -4.43 -15.06
N VAL B 179 32.86 -3.75 -15.16
CA VAL B 179 34.15 -4.42 -15.37
C VAL B 179 34.49 -5.19 -14.10
N PRO B 180 34.72 -6.52 -14.17
CA PRO B 180 35.13 -7.32 -13.00
C PRO B 180 36.32 -6.75 -12.24
N SER B 181 36.34 -7.00 -10.93
CA SER B 181 37.52 -6.63 -10.16
C SER B 181 38.61 -7.67 -10.38
N GLU B 182 39.75 -7.47 -9.71
CA GLU B 182 40.87 -8.39 -9.78
C GLU B 182 41.13 -8.97 -8.39
N ASN B 183 40.05 -9.06 -7.59
CA ASN B 183 40.03 -9.64 -6.25
C ASN B 183 38.76 -10.47 -6.15
N GLU B 184 38.76 -11.50 -5.30
CA GLU B 184 37.72 -12.50 -5.49
C GLU B 184 36.35 -11.97 -5.08
N PHE B 185 36.29 -11.26 -3.94
CA PHE B 185 35.02 -11.01 -3.26
C PHE B 185 34.45 -9.61 -3.51
N GLY B 186 35.11 -8.80 -4.34
CA GLY B 186 34.72 -7.41 -4.52
C GLY B 186 35.89 -6.51 -4.96
N TYR B 187 35.74 -5.19 -4.74
CA TYR B 187 36.63 -4.20 -5.33
C TYR B 187 37.43 -3.50 -4.23
N GLU B 188 38.74 -3.44 -4.51
CA GLU B 188 39.72 -2.67 -3.76
C GLU B 188 39.59 -1.21 -4.14
N GLY B 189 39.39 -0.96 -5.44
CA GLY B 189 39.43 0.41 -5.95
C GLY B 189 38.10 0.84 -6.53
N ASP B 190 38.16 1.42 -7.73
CA ASP B 190 37.07 2.04 -8.45
C ASP B 190 36.24 0.95 -9.12
N VAL B 191 34.92 1.15 -9.16
CA VAL B 191 34.02 0.34 -9.97
C VAL B 191 33.81 1.07 -11.28
N ILE B 192 33.96 0.36 -12.40
CA ILE B 192 33.80 0.90 -13.73
C ILE B 192 32.61 0.25 -14.44
N LEU B 193 31.64 1.07 -14.86
CA LEU B 193 30.56 0.61 -15.72
C LEU B 193 30.79 1.20 -17.10
N LYS B 194 30.75 0.34 -18.14
CA LYS B 194 30.84 0.75 -19.53
C LYS B 194 29.49 0.51 -20.22
N GLY B 195 29.01 1.55 -20.91
CA GLY B 195 27.69 1.48 -21.52
C GLY B 195 27.66 2.14 -22.89
N ARG B 196 26.56 1.89 -23.60
CA ARG B 196 26.33 2.49 -24.91
C ARG B 196 24.82 2.52 -25.11
N SER B 197 24.31 3.61 -25.68
CA SER B 197 22.93 3.68 -26.16
C SER B 197 22.94 4.58 -27.39
N GLU B 198 21.84 4.59 -28.16
CA GLU B 198 21.71 5.48 -29.31
C GLU B 198 21.86 6.93 -28.85
N ALA B 199 21.12 7.31 -27.80
CA ALA B 199 21.08 8.67 -27.31
C ALA B 199 22.43 9.12 -26.75
N LEU B 200 23.14 8.22 -26.05
CA LEU B 200 24.26 8.68 -25.25
C LEU B 200 25.61 8.33 -25.89
N GLY B 201 25.59 7.47 -26.92
CA GLY B 201 26.80 6.93 -27.51
C GLY B 201 27.49 6.02 -26.49
N ASN B 202 28.83 5.92 -26.55
CA ASN B 202 29.59 5.18 -25.56
C ASN B 202 29.82 6.08 -24.36
N TYR B 203 29.84 5.49 -23.17
CA TYR B 203 30.15 6.26 -21.98
C TYR B 203 30.72 5.31 -20.93
N LYS B 204 31.31 5.93 -19.92
CA LYS B 204 31.90 5.24 -18.81
C LYS B 204 31.33 5.93 -17.57
N LEU B 205 30.83 5.15 -16.61
CA LEU B 205 30.43 5.67 -15.31
C LEU B 205 31.28 4.96 -14.27
N VAL B 206 31.98 5.75 -13.45
CA VAL B 206 32.92 5.24 -12.46
C VAL B 206 32.42 5.59 -11.06
N VAL B 207 32.48 4.63 -10.13
CA VAL B 207 32.26 4.95 -8.73
C VAL B 207 33.59 4.73 -7.99
N THR B 208 34.17 5.83 -7.48
CA THR B 208 35.53 5.77 -6.99
C THR B 208 35.61 5.05 -5.65
N LYS B 209 36.86 4.65 -5.33
CA LYS B 209 37.15 3.94 -4.10
C LYS B 209 36.57 4.74 -2.95
N GLY B 210 36.88 6.04 -2.98
CA GLY B 210 36.47 6.99 -1.94
C GLY B 210 37.43 6.99 -0.77
N LYS B 211 37.02 7.63 0.32
CA LYS B 211 37.88 7.80 1.47
C LYS B 211 37.00 7.49 2.69
N GLY B 212 37.57 6.70 3.62
CA GLY B 212 37.00 6.44 4.94
C GLY B 212 37.25 4.99 5.32
N VAL B 213 37.04 4.65 6.60
CA VAL B 213 37.35 3.31 7.03
C VAL B 213 36.28 2.35 6.52
N ILE B 214 36.76 1.26 5.89
CA ILE B 214 35.98 0.09 5.51
C ILE B 214 36.07 -0.93 6.64
N PRO B 215 34.98 -1.29 7.37
CA PRO B 215 35.09 -2.23 8.49
C PRO B 215 35.48 -3.60 7.96
N GLN B 216 36.17 -4.40 8.80
CA GLN B 216 36.65 -5.69 8.36
C GLN B 216 36.05 -6.74 9.29
N SER B 217 35.67 -7.89 8.72
CA SER B 217 35.09 -8.97 9.50
C SER B 217 36.07 -10.14 9.64
N ASP B 218 36.20 -10.65 10.88
CA ASP B 218 37.00 -11.84 11.14
C ASP B 218 36.11 -13.07 11.34
N HIS B 219 34.81 -12.95 11.05
CA HIS B 219 33.85 -14.03 11.19
C HIS B 219 34.10 -15.09 10.11
N ASP B 220 33.73 -16.34 10.41
CA ASP B 220 33.89 -17.42 9.46
C ASP B 220 33.22 -17.11 8.11
N LEU B 221 32.13 -16.33 8.12
CA LEU B 221 31.45 -15.92 6.89
C LEU B 221 32.40 -15.24 5.88
N SER B 222 33.44 -14.54 6.38
CA SER B 222 34.37 -13.84 5.49
C SER B 222 34.96 -14.76 4.42
N ARG B 223 35.05 -16.06 4.72
CA ARG B 223 35.78 -16.93 3.82
C ARG B 223 34.93 -17.22 2.59
N LEU B 224 33.61 -16.98 2.74
CA LEU B 224 32.67 -17.08 1.62
C LEU B 224 32.43 -15.69 1.01
N ARG B 225 32.45 -14.63 1.83
CA ARG B 225 31.95 -13.31 1.43
C ARG B 225 33.06 -12.26 1.41
N GLY B 226 34.30 -12.65 1.74
CA GLY B 226 35.38 -11.70 1.90
C GLY B 226 35.28 -10.95 3.22
N PRO B 227 36.36 -10.27 3.69
CA PRO B 227 36.33 -9.59 4.99
C PRO B 227 35.57 -8.26 5.01
N GLY B 228 35.23 -7.76 3.81
CA GLY B 228 34.56 -6.47 3.71
C GLY B 228 35.14 -5.62 2.59
N GLN B 229 34.28 -5.28 1.61
CA GLN B 229 34.72 -4.56 0.43
C GLN B 229 33.50 -4.02 -0.33
N THR B 230 33.77 -3.01 -1.17
CA THR B 230 32.87 -2.55 -2.22
C THR B 230 32.46 -3.78 -3.05
N VAL B 231 31.16 -3.86 -3.35
CA VAL B 231 30.64 -4.96 -4.16
C VAL B 231 29.69 -4.36 -5.21
N VAL B 232 29.47 -5.13 -6.30
CA VAL B 232 28.56 -4.74 -7.34
C VAL B 232 27.70 -5.95 -7.71
N GLN B 233 26.40 -5.72 -7.89
CA GLN B 233 25.53 -6.71 -8.50
C GLN B 233 24.97 -6.15 -9.81
N SER B 234 25.16 -6.88 -10.89
CA SER B 234 24.63 -6.50 -12.18
C SER B 234 23.49 -7.47 -12.46
N LEU B 235 22.28 -6.94 -12.71
CA LEU B 235 21.07 -7.73 -12.76
C LEU B 235 20.26 -7.31 -13.98
N THR B 236 19.31 -8.15 -14.37
CA THR B 236 18.32 -7.80 -15.38
C THR B 236 16.93 -7.87 -14.75
N TYR B 237 16.15 -6.78 -14.87
CA TYR B 237 14.75 -6.74 -14.46
C TYR B 237 13.91 -6.24 -15.62
N PRO B 238 12.56 -6.42 -15.55
CA PRO B 238 11.64 -5.84 -16.54
C PRO B 238 11.69 -4.30 -16.48
N ASP B 239 11.64 -3.66 -17.67
CA ASP B 239 11.68 -2.22 -17.76
C ASP B 239 10.69 -1.56 -16.80
N GLU B 240 9.50 -2.15 -16.63
CA GLU B 240 8.39 -1.49 -15.94
C GLU B 240 8.68 -1.28 -14.46
N VAL B 241 9.81 -1.84 -14.01
CA VAL B 241 10.03 -2.00 -12.59
C VAL B 241 11.36 -1.34 -12.20
N LEU B 242 12.11 -0.82 -13.20
CA LEU B 242 13.43 -0.24 -12.95
C LEU B 242 13.38 0.89 -11.90
N TRP B 243 12.25 1.62 -11.84
CA TRP B 243 12.05 2.68 -10.87
C TRP B 243 11.94 2.14 -9.44
N GLN B 244 11.47 0.90 -9.23
CA GLN B 244 11.24 0.46 -7.86
C GLN B 244 12.59 0.12 -7.22
N ALA B 245 13.46 1.12 -7.06
CA ALA B 245 14.86 0.85 -6.77
C ALA B 245 15.03 0.21 -5.39
N LYS B 246 14.31 0.71 -4.40
CA LYS B 246 14.40 0.23 -3.03
C LYS B 246 13.89 -1.21 -2.92
N PRO B 247 12.66 -1.54 -3.37
CA PRO B 247 12.25 -2.94 -3.41
C PRO B 247 13.27 -3.85 -4.09
N ILE B 248 13.90 -3.35 -5.15
CA ILE B 248 14.92 -4.16 -5.81
C ILE B 248 16.10 -4.42 -4.87
N LEU B 249 16.61 -3.36 -4.22
CA LEU B 249 17.68 -3.53 -3.26
C LEU B 249 17.27 -4.56 -2.21
N PHE B 250 16.08 -4.43 -1.63
CA PHE B 250 15.70 -5.29 -0.51
C PHE B 250 15.50 -6.74 -0.94
N GLN B 251 15.10 -6.93 -2.20
CA GLN B 251 14.98 -8.26 -2.77
C GLN B 251 16.35 -8.93 -2.78
N GLN B 252 17.39 -8.17 -3.20
CA GLN B 252 18.76 -8.64 -3.26
C GLN B 252 19.27 -8.90 -1.84
N LEU B 253 18.95 -8.03 -0.88
CA LEU B 253 19.42 -8.22 0.47
C LEU B 253 18.74 -9.45 1.09
N LYS B 254 17.43 -9.61 0.84
CA LYS B 254 16.69 -10.76 1.34
C LYS B 254 17.29 -12.06 0.78
N ALA B 255 17.54 -12.09 -0.53
CA ALA B 255 18.13 -13.28 -1.15
C ALA B 255 19.50 -13.60 -0.54
N GLY B 256 20.27 -12.54 -0.17
CA GLY B 256 21.62 -12.65 0.36
C GLY B 256 21.63 -13.32 1.73
N ILE B 257 20.49 -13.18 2.41
CA ILE B 257 20.31 -13.68 3.76
C ILE B 257 19.75 -15.11 3.70
N ASP B 258 18.80 -15.35 2.79
CA ASP B 258 18.32 -16.71 2.53
C ASP B 258 19.47 -17.67 2.23
N TRP B 259 20.51 -17.14 1.58
CA TRP B 259 21.64 -17.86 1.02
C TRP B 259 22.50 -18.40 2.16
N LEU B 260 22.44 -17.72 3.31
CA LEU B 260 23.16 -18.09 4.53
C LEU B 260 22.80 -19.52 4.97
N VAL B 261 21.50 -19.84 5.02
CA VAL B 261 21.03 -21.13 5.50
C VAL B 261 21.34 -22.25 4.51
N GLU B 262 21.83 -21.92 3.29
CA GLU B 262 22.10 -22.94 2.28
C GLU B 262 23.61 -23.18 2.08
N ASN B 263 24.46 -22.48 2.84
CA ASN B 263 25.90 -22.54 2.57
C ASN B 263 26.67 -22.75 3.88
N LYS B 264 27.84 -23.41 3.75
CA LYS B 264 28.62 -23.92 4.87
C LYS B 264 29.56 -22.83 5.44
N TYR B 265 29.25 -22.36 6.65
CA TYR B 265 30.12 -21.52 7.46
C TYR B 265 29.62 -21.66 8.90
N ASP B 266 30.40 -21.19 9.88
CA ASP B 266 30.16 -21.52 11.27
C ASP B 266 29.23 -20.47 11.87
N VAL B 267 28.20 -20.93 12.59
CA VAL B 267 27.12 -20.03 12.99
C VAL B 267 26.99 -19.93 14.51
N ALA B 268 28.06 -20.31 15.21
CA ALA B 268 28.08 -20.25 16.67
C ALA B 268 28.12 -18.79 17.12
N ASP B 269 28.82 -17.95 16.34
CA ASP B 269 28.99 -16.56 16.71
C ASP B 269 28.14 -15.64 15.83
N PRO B 270 27.48 -14.60 16.40
CA PRO B 270 26.74 -13.62 15.60
C PRO B 270 27.63 -12.91 14.59
N PRO B 271 27.35 -12.97 13.28
CA PRO B 271 28.16 -12.25 12.29
C PRO B 271 27.79 -10.79 12.43
N PRO B 272 28.63 -9.83 11.95
CA PRO B 272 28.30 -8.41 12.03
C PRO B 272 27.14 -8.07 11.09
N PRO B 273 26.13 -7.30 11.56
CA PRO B 273 25.00 -6.87 10.72
C PRO B 273 25.42 -6.28 9.38
N TRP B 274 26.42 -5.42 9.38
CA TRP B 274 26.80 -4.82 8.12
C TRP B 274 27.23 -5.91 7.15
N GLN B 275 27.79 -7.01 7.67
CA GLN B 275 28.28 -8.03 6.76
C GLN B 275 27.14 -8.92 6.22
N VAL B 276 26.11 -9.19 7.02
CA VAL B 276 25.00 -9.97 6.45
C VAL B 276 24.20 -9.12 5.45
N TYR B 277 24.30 -7.79 5.55
CA TYR B 277 23.66 -6.88 4.60
C TYR B 277 24.61 -6.43 3.50
N LEU B 278 25.75 -7.12 3.35
CA LEU B 278 26.66 -6.79 2.27
C LEU B 278 26.45 -7.78 1.12
N LEU B 279 25.95 -7.28 0.01
CA LEU B 279 25.63 -8.15 -1.12
C LEU B 279 26.87 -8.91 -1.59
N ALA B 280 26.64 -10.13 -2.10
CA ALA B 280 27.64 -10.92 -2.81
C ALA B 280 28.02 -10.19 -4.09
N ASN B 281 29.32 -10.23 -4.40
CA ASN B 281 29.84 -9.56 -5.56
C ASN B 281 29.47 -10.34 -6.83
N LYS B 282 28.70 -9.72 -7.74
CA LYS B 282 28.26 -10.39 -8.97
C LYS B 282 28.30 -9.43 -10.17
N PRO B 283 29.44 -8.76 -10.46
CA PRO B 283 29.48 -7.80 -11.57
C PRO B 283 29.28 -8.51 -12.91
N GLY B 284 28.77 -7.76 -13.88
CA GLY B 284 28.49 -8.23 -15.22
C GLY B 284 27.60 -7.27 -16.00
N SER B 285 26.93 -7.85 -16.99
CA SER B 285 26.02 -7.21 -17.91
C SER B 285 24.63 -7.19 -17.27
N GLY B 286 23.84 -6.14 -17.54
CA GLY B 286 22.46 -5.99 -17.09
C GLY B 286 21.94 -4.55 -17.20
N ASN B 287 20.67 -4.35 -16.84
CA ASN B 287 20.03 -3.04 -16.91
C ASN B 287 19.85 -2.47 -15.51
N VAL B 288 20.37 -3.17 -14.50
CA VAL B 288 20.41 -2.69 -13.12
C VAL B 288 21.77 -3.07 -12.54
N HIS B 289 22.48 -2.07 -12.00
CA HIS B 289 23.71 -2.27 -11.27
C HIS B 289 23.60 -1.61 -9.88
N ILE B 290 23.86 -2.40 -8.86
CA ILE B 290 23.87 -1.96 -7.48
C ILE B 290 25.33 -1.95 -7.04
N VAL B 291 25.84 -0.76 -6.74
CA VAL B 291 27.18 -0.66 -6.20
C VAL B 291 27.03 -0.33 -4.73
N GLN B 292 27.60 -1.17 -3.86
CA GLN B 292 27.39 -1.01 -2.43
C GLN B 292 28.75 -0.82 -1.75
N LYS B 293 28.78 0.02 -0.70
CA LYS B 293 29.96 0.25 0.14
C LYS B 293 29.51 0.32 1.59
N VAL B 294 30.33 -0.18 2.51
CA VAL B 294 30.07 0.02 3.92
C VAL B 294 31.20 0.89 4.44
N PHE B 295 30.86 1.92 5.23
CA PHE B 295 31.87 2.78 5.82
C PHE B 295 31.70 2.76 7.33
N GLU B 296 32.81 3.05 8.02
CA GLU B 296 32.81 3.25 9.46
C GLU B 296 33.32 4.66 9.73
N GLY B 297 32.54 5.43 10.51
CA GLY B 297 32.73 6.87 10.62
C GLY B 297 32.54 7.58 9.27
N ASP B 298 33.25 8.71 9.09
CA ASP B 298 33.06 9.63 7.97
C ASP B 298 33.44 8.95 6.66
N PHE B 299 32.86 9.42 5.54
CA PHE B 299 33.19 8.86 4.24
C PHE B 299 32.96 9.88 3.13
N GLU B 300 33.58 9.61 1.98
CA GLU B 300 33.29 10.34 0.77
C GLU B 300 33.63 9.42 -0.39
N PHE B 301 32.92 9.58 -1.51
CA PHE B 301 33.30 8.98 -2.78
C PHE B 301 32.71 9.86 -3.89
N ASP B 302 33.16 9.64 -5.14
CA ASP B 302 32.70 10.41 -6.27
C ASP B 302 32.16 9.46 -7.33
N ILE B 303 31.38 10.06 -8.25
CA ILE B 303 30.80 9.36 -9.38
C ILE B 303 31.22 10.15 -10.62
N LEU B 304 31.90 9.49 -11.56
CA LEU B 304 32.47 10.18 -12.70
C LEU B 304 31.86 9.59 -13.96
N PHE B 305 31.13 10.41 -14.71
CA PHE B 305 30.50 9.98 -15.93
C PHE B 305 31.18 10.70 -17.09
N SER B 306 31.76 9.91 -18.02
CA SER B 306 32.54 10.39 -19.15
C SER B 306 31.85 10.01 -20.46
N SER B 307 31.39 11.03 -21.18
CA SER B 307 30.89 10.87 -22.54
C SER B 307 32.09 10.53 -23.43
N GLU B 308 32.01 9.45 -24.22
CA GLU B 308 33.14 9.08 -25.04
C GLU B 308 33.43 10.15 -26.10
N SER B 309 32.38 10.73 -26.70
CA SER B 309 32.55 11.72 -27.75
C SER B 309 33.23 13.02 -27.25
N ALA B 310 33.31 13.23 -25.93
CA ALA B 310 34.10 14.33 -25.38
C ALA B 310 35.60 14.12 -25.62
N GLY B 311 36.00 12.86 -25.84
CA GLY B 311 37.38 12.46 -26.11
C GLY B 311 38.27 12.73 -24.91
N LYS B 312 37.66 12.66 -23.71
CA LYS B 312 38.29 13.14 -22.50
C LYS B 312 37.53 12.62 -21.28
N GLU B 313 38.17 11.71 -20.56
CA GLU B 313 37.64 11.10 -19.37
C GLU B 313 37.64 12.13 -18.24
N VAL B 314 36.57 12.16 -17.45
CA VAL B 314 36.46 13.08 -16.34
C VAL B 314 37.21 12.47 -15.17
N THR B 315 37.97 13.31 -14.43
CA THR B 315 38.72 12.84 -13.27
C THR B 315 38.17 13.48 -12.01
N SER B 316 38.58 12.93 -10.87
CA SER B 316 38.30 13.56 -9.60
C SER B 316 38.91 14.96 -9.49
N LYS B 317 40.03 15.22 -10.19
CA LYS B 317 40.64 16.55 -10.17
C LYS B 317 39.68 17.52 -10.87
N ASP B 318 39.24 17.14 -12.08
CA ASP B 318 38.21 17.82 -12.84
C ASP B 318 37.00 18.14 -11.98
N LEU B 319 36.49 17.15 -11.24
CA LEU B 319 35.33 17.36 -10.39
C LEU B 319 35.62 18.50 -9.41
N GLU B 320 36.71 18.40 -8.66
CA GLU B 320 37.01 19.36 -7.61
C GLU B 320 37.10 20.77 -8.22
N ARG B 321 37.75 20.86 -9.38
CA ARG B 321 38.05 22.15 -9.98
C ARG B 321 36.76 22.76 -10.52
N GLU B 322 35.92 21.94 -11.17
CA GLU B 322 34.67 22.40 -11.75
C GLU B 322 33.69 22.85 -10.66
N VAL B 323 33.75 22.21 -9.49
CA VAL B 323 32.89 22.59 -8.39
C VAL B 323 33.20 24.02 -7.94
N LYS B 324 34.47 24.35 -7.74
CA LYS B 324 34.87 25.67 -7.25
C LYS B 324 34.56 26.74 -8.31
N GLN B 325 34.77 26.41 -9.59
CA GLN B 325 34.46 27.30 -10.70
C GLN B 325 32.96 27.62 -10.72
N ALA B 326 32.11 26.59 -10.51
CA ALA B 326 30.67 26.77 -10.52
C ALA B 326 30.23 27.64 -9.35
N THR B 327 30.81 27.42 -8.17
CA THR B 327 30.42 28.18 -6.99
C THR B 327 30.75 29.66 -7.19
N GLU B 328 31.82 29.94 -7.94
CA GLU B 328 32.25 31.31 -8.13
C GLU B 328 31.25 32.01 -9.05
N VAL B 329 31.00 31.37 -10.20
CA VAL B 329 30.11 31.87 -11.24
C VAL B 329 28.68 32.04 -10.69
N PHE B 330 28.27 31.19 -9.74
CA PHE B 330 26.93 31.28 -9.18
C PHE B 330 26.79 32.55 -8.35
N GLY B 331 27.77 32.80 -7.47
CA GLY B 331 27.81 33.99 -6.62
C GLY B 331 27.72 35.30 -7.41
N GLU B 332 28.39 35.36 -8.57
CA GLU B 332 28.50 36.59 -9.33
C GLU B 332 27.19 36.77 -10.08
N ARG B 333 26.72 35.66 -10.66
CA ARG B 333 25.43 35.66 -11.33
C ARG B 333 24.31 36.11 -10.38
N PHE B 334 24.38 35.69 -9.11
CA PHE B 334 23.32 35.99 -8.16
C PHE B 334 23.33 37.47 -7.79
N ALA B 335 24.53 38.02 -7.54
CA ALA B 335 24.70 39.44 -7.29
C ALA B 335 24.16 40.30 -8.44
N ARG B 336 24.34 39.89 -9.70
CA ARG B 336 23.89 40.65 -10.86
C ARG B 336 22.37 40.53 -11.01
N VAL B 337 21.85 39.31 -10.83
CA VAL B 337 20.48 38.99 -11.23
C VAL B 337 19.52 39.32 -10.08
N PHE B 338 19.86 38.95 -8.84
CA PHE B 338 18.98 39.27 -7.73
C PHE B 338 19.71 40.25 -6.81
N ASP B 339 19.85 41.49 -7.28
CA ASP B 339 20.49 42.55 -6.52
C ASP B 339 19.52 43.02 -5.43
N LEU B 340 19.80 42.67 -4.18
CA LEU B 340 18.82 42.88 -3.14
C LEU B 340 18.75 44.36 -2.80
N LYS B 341 17.54 44.84 -2.50
CA LYS B 341 17.34 46.26 -2.24
C LYS B 341 17.06 46.45 -0.76
N ALA B 342 17.23 47.70 -0.28
CA ALA B 342 16.96 48.05 1.10
C ALA B 342 15.51 47.72 1.43
N PRO B 343 15.23 47.23 2.66
CA PRO B 343 16.28 47.00 3.66
C PRO B 343 16.79 45.57 3.78
N PHE B 344 17.07 44.91 2.64
CA PHE B 344 17.52 43.52 2.67
C PHE B 344 18.89 43.36 2.01
N GLN B 345 19.81 44.30 2.26
CA GLN B 345 21.09 44.31 1.58
C GLN B 345 22.13 43.54 2.38
N GLY B 346 21.81 43.23 3.65
CA GLY B 346 22.65 42.44 4.54
C GLY B 346 22.94 41.03 4.03
N ASP B 347 24.06 40.47 4.52
CA ASP B 347 24.52 39.14 4.20
C ASP B 347 23.47 38.08 4.56
N ASN B 348 22.80 38.25 5.70
CA ASN B 348 21.77 37.31 6.14
C ASN B 348 20.66 37.19 5.09
N TYR B 349 20.24 38.32 4.51
CA TYR B 349 19.16 38.31 3.53
C TYR B 349 19.65 37.70 2.22
N LYS B 350 20.91 37.94 1.90
CA LYS B 350 21.58 37.35 0.76
C LYS B 350 21.62 35.81 0.88
N LYS B 351 22.00 35.30 2.05
CA LYS B 351 22.09 33.86 2.23
C LYS B 351 20.67 33.27 2.11
N PHE B 352 19.67 34.01 2.60
CA PHE B 352 18.29 33.61 2.53
C PHE B 352 17.84 33.54 1.08
N GLY B 353 18.13 34.59 0.31
CA GLY B 353 17.73 34.62 -1.09
C GLY B 353 18.39 33.50 -1.90
N LYS B 354 19.66 33.23 -1.56
CA LYS B 354 20.37 32.18 -2.26
C LYS B 354 19.69 30.84 -2.02
N SER B 355 19.31 30.61 -0.78
CA SER B 355 18.69 29.36 -0.39
C SER B 355 17.34 29.22 -1.10
N MET B 356 16.55 30.30 -1.10
CA MET B 356 15.17 30.21 -1.58
C MET B 356 15.18 29.97 -3.08
N PHE B 357 16.13 30.62 -3.77
CA PHE B 357 16.17 30.56 -5.20
C PHE B 357 16.74 29.21 -5.66
N SER B 358 17.75 28.73 -4.92
CA SER B 358 18.46 27.48 -5.22
C SER B 358 17.53 26.28 -5.08
N ASN B 359 16.71 26.31 -4.02
CA ASN B 359 15.68 25.29 -3.85
C ASN B 359 14.68 25.33 -5.01
N LEU B 360 14.28 26.53 -5.44
CA LEU B 360 13.28 26.62 -6.50
C LEU B 360 13.82 26.05 -7.80
N ILE B 361 14.98 26.55 -8.26
CA ILE B 361 15.50 26.12 -9.53
C ILE B 361 16.04 24.69 -9.39
N GLY B 362 16.39 24.29 -8.16
CA GLY B 362 16.96 22.98 -7.93
C GLY B 362 15.92 21.87 -8.01
N GLY B 363 14.64 22.25 -8.00
CA GLY B 363 13.56 21.28 -8.05
C GLY B 363 13.23 20.85 -9.48
N ILE B 364 13.97 21.35 -10.47
CA ILE B 364 13.60 21.02 -11.84
C ILE B 364 13.71 19.49 -12.03
N GLY B 365 12.61 18.88 -12.48
CA GLY B 365 12.64 17.47 -12.82
C GLY B 365 12.41 17.23 -14.31
N TYR B 366 12.90 16.08 -14.80
CA TYR B 366 12.44 15.53 -16.05
C TYR B 366 11.53 14.34 -15.78
N PHE B 367 10.32 14.41 -16.36
CA PHE B 367 9.28 13.43 -16.10
C PHE B 367 8.83 12.82 -17.41
N TYR B 368 8.61 11.49 -17.41
CA TYR B 368 8.24 10.79 -18.63
C TYR B 368 7.36 9.57 -18.34
N GLY B 369 6.30 9.41 -19.14
CA GLY B 369 5.47 8.21 -19.15
C GLY B 369 4.03 8.55 -19.52
N HIS B 370 3.13 7.63 -19.19
CA HIS B 370 1.73 7.83 -19.53
C HIS B 370 1.04 8.58 -18.40
N SER B 371 -0.07 9.21 -18.78
CA SER B 371 -0.90 10.05 -17.94
C SER B 371 -2.29 9.43 -17.92
N LEU B 372 -3.06 9.66 -16.86
CA LEU B 372 -4.40 9.10 -16.76
C LEU B 372 -5.50 10.14 -17.04
N VAL B 373 -6.27 9.91 -18.12
CA VAL B 373 -7.21 10.91 -18.59
C VAL B 373 -8.58 10.29 -18.87
N ASP B 374 -9.64 10.99 -18.42
CA ASP B 374 -10.99 10.62 -18.83
C ASP B 374 -11.33 11.31 -20.15
N ARG B 375 -11.29 10.57 -21.27
CA ARG B 375 -11.51 11.12 -22.59
C ARG B 375 -12.93 10.85 -23.08
N SER B 376 -13.91 10.71 -22.17
CA SER B 376 -15.24 10.28 -22.59
C SER B 376 -16.05 11.45 -23.13
N TYR B 377 -15.76 12.66 -22.60
CA TYR B 377 -16.52 13.88 -22.81
C TYR B 377 -17.99 13.65 -22.47
N ALA B 378 -18.23 12.87 -21.41
CA ALA B 378 -19.55 12.69 -20.84
C ALA B 378 -20.37 13.98 -20.92
N PRO B 379 -21.63 13.93 -21.44
CA PRO B 379 -22.53 15.09 -21.44
C PRO B 379 -22.75 15.66 -20.04
N GLU B 380 -22.49 14.88 -19.00
CA GLU B 380 -22.59 15.41 -17.64
C GLU B 380 -21.47 16.43 -17.36
N TYR B 381 -20.37 16.37 -18.13
CA TYR B 381 -19.23 17.25 -17.88
C TYR B 381 -19.53 18.69 -18.33
N ASP B 382 -20.46 18.85 -19.29
CA ASP B 382 -20.96 20.13 -19.78
C ASP B 382 -21.45 20.99 -18.62
N GLU B 383 -21.93 20.36 -17.53
CA GLU B 383 -22.35 21.06 -16.31
C GLU B 383 -23.52 22.02 -16.55
N GLU B 384 -24.57 21.58 -17.25
CA GLU B 384 -25.69 22.44 -17.60
C GLU B 384 -26.78 22.48 -16.51
N ASN B 385 -26.94 21.40 -15.74
CA ASN B 385 -28.06 21.34 -14.81
C ASN B 385 -27.62 21.83 -13.44
N GLU B 386 -28.58 22.28 -12.62
CA GLU B 386 -28.40 22.37 -11.18
C GLU B 386 -27.96 20.99 -10.70
N GLY B 387 -27.35 20.95 -9.51
CA GLY B 387 -26.75 19.74 -8.97
C GLY B 387 -25.84 19.01 -9.96
N PHE B 388 -25.07 19.76 -10.78
CA PHE B 388 -24.23 19.25 -11.86
C PHE B 388 -23.08 18.41 -11.31
N TRP B 389 -22.73 18.58 -10.02
CA TRP B 389 -21.66 17.79 -9.43
C TRP B 389 -22.09 16.32 -9.27
N GLU B 390 -23.35 16.09 -8.88
CA GLU B 390 -23.86 14.73 -8.78
C GLU B 390 -23.78 14.06 -10.16
N ASP B 391 -24.17 14.78 -11.22
CA ASP B 391 -24.13 14.20 -12.54
C ASP B 391 -22.68 13.82 -12.89
N ALA B 392 -21.74 14.64 -12.38
CA ALA B 392 -20.33 14.50 -12.66
C ALA B 392 -19.80 13.26 -11.96
N ALA B 393 -20.14 13.15 -10.65
CA ALA B 393 -19.88 12.01 -9.79
C ALA B 393 -20.33 10.71 -10.46
N GLU B 394 -21.48 10.76 -11.14
CA GLU B 394 -22.00 9.54 -11.72
C GLU B 394 -21.29 9.24 -13.04
N ALA B 395 -20.85 10.28 -13.75
CA ALA B 395 -20.08 10.01 -14.96
C ALA B 395 -18.71 9.43 -14.60
N ARG B 396 -18.18 9.84 -13.44
CA ARG B 396 -16.90 9.35 -12.94
C ARG B 396 -17.03 7.86 -12.62
N ALA B 397 -18.18 7.47 -12.02
CA ALA B 397 -18.41 6.10 -11.59
C ALA B 397 -18.46 5.14 -12.78
N ARG B 398 -18.49 5.68 -14.00
CA ARG B 398 -18.49 4.86 -15.20
C ARG B 398 -17.07 4.50 -15.66
N HIS B 399 -16.06 5.10 -15.01
CA HIS B 399 -14.66 4.71 -15.14
C HIS B 399 -14.18 4.54 -16.58
N GLN B 400 -14.34 5.59 -17.41
CA GLN B 400 -13.90 5.57 -18.81
C GLN B 400 -12.42 5.93 -18.93
N GLU B 401 -11.81 6.46 -17.85
CA GLU B 401 -10.44 6.96 -17.93
C GLU B 401 -9.51 5.84 -18.37
N ALA B 402 -8.46 6.22 -19.11
CA ALA B 402 -7.44 5.31 -19.64
C ALA B 402 -6.08 6.00 -19.60
N LEU B 403 -4.99 5.21 -19.70
CA LEU B 403 -3.66 5.76 -19.68
C LEU B 403 -3.36 6.15 -21.12
N GLU B 404 -2.65 7.29 -21.29
CA GLU B 404 -2.33 7.79 -22.63
C GLU B 404 -0.99 8.51 -22.63
N GLY B 405 -0.42 8.68 -23.82
CA GLY B 405 0.94 9.15 -23.95
C GLY B 405 1.75 8.12 -24.72
N PRO B 406 3.04 7.90 -24.38
CA PRO B 406 3.67 8.54 -23.21
C PRO B 406 3.97 10.02 -23.48
N TYR B 407 4.17 10.80 -22.39
CA TYR B 407 4.45 12.23 -22.42
C TYR B 407 5.74 12.54 -21.66
N GLU B 408 6.35 13.69 -21.96
CA GLU B 408 7.52 14.15 -21.20
C GLU B 408 7.24 15.56 -20.66
N LEU B 409 7.86 15.91 -19.53
CA LEU B 409 7.73 17.24 -18.96
C LEU B 409 9.01 17.64 -18.24
N PHE B 410 9.61 18.75 -18.67
CA PHE B 410 10.70 19.40 -17.97
C PHE B 410 10.14 20.61 -17.22
N THR B 411 10.10 20.54 -15.89
CA THR B 411 9.40 21.56 -15.13
C THR B 411 9.99 21.67 -13.73
N SER B 412 9.86 22.85 -13.16
CA SER B 412 9.98 23.14 -11.74
C SER B 412 8.82 22.47 -10.99
N ILE B 413 8.88 22.39 -9.65
CA ILE B 413 7.92 21.64 -8.84
C ILE B 413 7.66 22.42 -7.55
N PRO B 414 6.46 22.28 -6.94
CA PRO B 414 6.21 22.82 -5.60
C PRO B 414 6.94 22.19 -4.40
N SER B 415 7.13 20.86 -4.40
CA SER B 415 7.46 20.11 -3.18
C SER B 415 8.20 18.79 -3.49
N ARG B 416 9.49 18.72 -3.17
CA ARG B 416 10.20 17.46 -3.31
C ARG B 416 9.51 16.35 -2.52
N PRO B 417 9.25 16.51 -1.20
CA PRO B 417 8.71 15.41 -0.41
C PRO B 417 7.25 15.04 -0.67
N PHE B 418 6.41 16.04 -1.02
CA PHE B 418 4.97 15.80 -0.94
C PHE B 418 4.29 15.77 -2.31
N PHE B 419 4.77 16.56 -3.26
CA PHE B 419 4.17 16.55 -4.59
C PHE B 419 5.22 16.97 -5.61
N PRO B 420 6.21 16.10 -5.90
CA PRO B 420 7.29 16.44 -6.81
C PRO B 420 6.85 16.28 -8.26
N ARG B 421 5.93 17.14 -8.72
CA ARG B 421 5.50 17.09 -10.12
C ARG B 421 5.02 18.46 -10.57
N GLY B 422 4.59 18.56 -11.85
CA GLY B 422 4.20 19.86 -12.38
C GLY B 422 2.74 20.21 -12.06
N PHE B 423 2.53 21.41 -11.53
CA PHE B 423 1.20 22.00 -11.41
C PHE B 423 1.11 23.23 -12.33
N LEU B 424 -0.01 23.33 -13.07
CA LEU B 424 -0.10 24.27 -14.19
C LEU B 424 0.07 25.73 -13.73
N TRP B 425 -0.68 26.22 -12.75
CA TRP B 425 -0.55 27.63 -12.35
C TRP B 425 0.63 27.88 -11.41
N ASP B 426 1.11 26.84 -10.69
CA ASP B 426 2.33 26.99 -9.90
C ASP B 426 3.49 27.39 -10.81
N GLU B 427 3.51 26.82 -12.02
CA GLU B 427 4.69 26.94 -12.85
C GLU B 427 4.90 28.39 -13.32
N GLY B 428 3.80 29.12 -13.53
CA GLY B 428 3.82 30.52 -13.86
C GLY B 428 4.60 31.33 -12.81
N PHE B 429 4.30 31.09 -11.53
CA PHE B 429 5.02 31.71 -10.43
C PHE B 429 6.46 31.25 -10.43
N HIS B 430 6.67 29.92 -10.54
CA HIS B 430 8.00 29.30 -10.47
C HIS B 430 8.94 30.00 -11.44
N LEU B 431 8.41 30.28 -12.64
CA LEU B 431 9.28 30.71 -13.72
C LEU B 431 9.58 32.21 -13.65
N LEU B 432 8.84 32.98 -12.83
CA LEU B 432 9.19 34.39 -12.64
C LEU B 432 10.63 34.54 -12.14
N PRO B 433 11.07 33.98 -10.98
CA PRO B 433 12.50 34.04 -10.62
C PRO B 433 13.44 33.31 -11.59
N ILE B 434 13.04 32.14 -12.07
CA ILE B 434 13.88 31.37 -12.96
C ILE B 434 14.15 32.15 -14.26
N ALA B 435 13.12 32.82 -14.82
CA ALA B 435 13.23 33.62 -16.04
C ALA B 435 14.28 34.73 -15.92
N ASP B 436 14.31 35.41 -14.76
CA ASP B 436 15.33 36.41 -14.43
C ASP B 436 16.72 35.79 -14.53
N TRP B 437 16.90 34.61 -13.90
CA TRP B 437 18.16 33.91 -13.93
C TRP B 437 18.57 33.50 -15.34
N ASP B 438 17.64 32.92 -16.11
CA ASP B 438 18.00 32.20 -17.32
C ASP B 438 16.78 32.13 -18.24
N ILE B 439 16.62 33.12 -19.14
CA ILE B 439 15.36 33.26 -19.85
C ILE B 439 15.15 32.05 -20.76
N ASP B 440 16.27 31.56 -21.33
CA ASP B 440 16.24 30.45 -22.27
C ASP B 440 15.75 29.16 -21.59
N LEU B 441 16.13 28.96 -20.31
CA LEU B 441 15.68 27.85 -19.49
C LEU B 441 14.16 27.95 -19.33
N ALA B 442 13.67 29.13 -18.96
CA ALA B 442 12.25 29.29 -18.74
C ALA B 442 11.46 29.05 -20.03
N LEU B 443 11.97 29.54 -21.17
CA LEU B 443 11.21 29.41 -22.42
C LEU B 443 11.08 27.92 -22.75
N GLU B 444 12.14 27.17 -22.42
CA GLU B 444 12.26 25.73 -22.59
C GLU B 444 11.23 24.99 -21.73
N ILE B 445 11.05 25.39 -20.47
CA ILE B 445 10.03 24.77 -19.61
C ILE B 445 8.65 25.14 -20.15
N ILE B 446 8.49 26.37 -20.64
CA ILE B 446 7.21 26.78 -21.20
C ILE B 446 6.94 25.96 -22.47
N LYS B 447 7.98 25.73 -23.26
CA LYS B 447 7.83 24.90 -24.44
C LYS B 447 7.36 23.51 -24.02
N SER B 448 7.96 22.96 -22.95
CA SER B 448 7.66 21.62 -22.48
C SER B 448 6.16 21.52 -22.18
N TRP B 449 5.70 22.43 -21.32
CA TRP B 449 4.30 22.47 -20.94
C TRP B 449 3.39 22.57 -22.17
N TYR B 450 3.63 23.55 -23.04
CA TYR B 450 2.72 23.77 -24.15
C TYR B 450 2.74 22.59 -25.13
N ASN B 451 3.84 21.83 -25.15
CA ASN B 451 3.92 20.59 -25.88
C ASN B 451 2.94 19.52 -25.39
N LEU B 452 2.34 19.71 -24.21
CA LEU B 452 1.40 18.72 -23.70
C LEU B 452 -0.01 19.07 -24.14
N MET B 453 -0.19 20.22 -24.79
CA MET B 453 -1.55 20.67 -25.01
C MET B 453 -2.19 19.75 -26.07
N ASP B 454 -3.41 19.27 -25.79
CA ASP B 454 -4.13 18.46 -26.76
C ASP B 454 -4.62 19.36 -27.90
N GLU B 455 -5.51 18.81 -28.74
CA GLU B 455 -5.88 19.47 -29.98
C GLU B 455 -6.94 20.51 -29.71
N ASP B 456 -7.61 20.43 -28.56
CA ASP B 456 -8.68 21.37 -28.23
C ASP B 456 -8.15 22.57 -27.45
N GLY B 457 -6.91 22.47 -26.95
CA GLY B 457 -6.26 23.50 -26.18
C GLY B 457 -6.27 23.26 -24.66
N TRP B 458 -6.43 21.99 -24.27
CA TRP B 458 -6.40 21.61 -22.86
C TRP B 458 -5.03 21.09 -22.46
N ILE B 459 -4.53 21.62 -21.34
CA ILE B 459 -3.36 21.08 -20.67
C ILE B 459 -3.83 20.69 -19.27
N ALA B 460 -3.60 19.42 -18.88
CA ALA B 460 -4.05 18.98 -17.56
C ALA B 460 -3.33 19.81 -16.52
N ARG B 461 -4.04 20.10 -15.43
CA ARG B 461 -3.51 21.04 -14.46
C ARG B 461 -2.48 20.36 -13.56
N GLU B 462 -2.43 19.02 -13.60
CA GLU B 462 -1.55 18.27 -12.72
C GLU B 462 -0.98 17.13 -13.55
N GLN B 463 0.33 17.18 -13.74
CA GLN B 463 1.01 16.30 -14.67
C GLN B 463 1.71 15.21 -13.87
N ILE B 464 1.06 14.04 -13.84
CA ILE B 464 1.53 12.84 -13.18
C ILE B 464 1.91 11.89 -14.29
N LEU B 465 3.20 11.88 -14.67
CA LEU B 465 3.65 11.15 -15.85
C LEU B 465 4.46 9.92 -15.41
N GLY B 466 3.98 8.71 -15.74
CA GLY B 466 4.68 7.45 -15.48
C GLY B 466 4.42 6.86 -14.08
N ALA B 467 4.77 5.57 -13.92
CA ALA B 467 4.45 4.75 -12.75
C ALA B 467 5.16 5.28 -11.50
N GLU B 468 6.42 5.71 -11.64
CA GLU B 468 7.16 6.33 -10.54
C GLU B 468 6.41 7.57 -10.01
N ALA B 469 5.92 8.42 -10.90
CA ALA B 469 5.18 9.62 -10.47
C ALA B 469 3.87 9.21 -9.79
N ARG B 470 3.22 8.19 -10.32
CA ARG B 470 1.92 7.72 -9.84
C ARG B 470 2.04 7.13 -8.43
N SER B 471 3.21 6.57 -8.08
CA SER B 471 3.39 5.98 -6.75
C SER B 471 3.21 7.01 -5.63
N LYS B 472 3.34 8.29 -5.94
CA LYS B 472 3.18 9.31 -4.91
C LYS B 472 1.71 9.77 -4.81
N VAL B 473 0.80 9.24 -5.64
CA VAL B 473 -0.50 9.87 -5.79
C VAL B 473 -1.64 8.87 -5.58
N PRO B 474 -2.48 9.07 -4.54
CA PRO B 474 -3.65 8.20 -4.30
C PRO B 474 -4.52 8.18 -5.56
N LYS B 475 -5.15 7.03 -5.83
CA LYS B 475 -5.83 6.77 -7.09
C LYS B 475 -6.90 7.83 -7.39
N GLU B 476 -7.65 8.17 -6.34
CA GLU B 476 -8.65 9.22 -6.27
C GLU B 476 -8.22 10.48 -7.02
N PHE B 477 -6.92 10.81 -7.00
CA PHE B 477 -6.47 12.09 -7.56
C PHE B 477 -5.75 11.92 -8.89
N GLN B 478 -5.72 10.71 -9.46
CA GLN B 478 -4.87 10.57 -10.64
C GLN B 478 -5.56 11.05 -11.91
N THR B 479 -6.88 10.84 -12.04
CA THR B 479 -7.47 11.01 -13.37
C THR B 479 -7.54 12.50 -13.71
N GLN B 480 -7.20 12.85 -14.95
CA GLN B 480 -7.30 14.26 -15.33
C GLN B 480 -8.51 14.44 -16.26
N TYR B 481 -9.21 15.59 -16.14
CA TYR B 481 -10.44 15.84 -16.88
C TYR B 481 -10.26 16.99 -17.88
N PRO B 482 -10.46 16.74 -19.19
CA PRO B 482 -10.25 17.75 -20.22
C PRO B 482 -11.16 18.98 -20.16
N HIS B 483 -12.08 19.04 -19.18
CA HIS B 483 -12.86 20.25 -18.96
C HIS B 483 -12.37 21.01 -17.72
N TYR B 484 -11.26 20.56 -17.13
CA TYR B 484 -10.71 21.15 -15.92
C TYR B 484 -9.57 22.11 -16.27
N ALA B 485 -9.75 23.38 -15.94
CA ALA B 485 -8.78 24.41 -16.27
C ALA B 485 -7.92 24.70 -15.03
N ASN B 486 -6.94 25.60 -15.16
CA ASN B 486 -6.15 26.10 -14.04
C ASN B 486 -5.71 27.52 -14.42
N PRO B 487 -5.43 28.47 -13.48
CA PRO B 487 -4.99 29.81 -13.89
C PRO B 487 -3.84 29.82 -14.88
N PRO B 488 -3.97 30.58 -15.99
CA PRO B 488 -2.92 30.64 -17.00
C PRO B 488 -1.76 31.58 -16.65
N THR B 489 -1.19 31.37 -15.45
CA THR B 489 -0.09 32.18 -14.97
C THR B 489 1.12 32.10 -15.89
N LEU B 490 1.22 31.05 -16.70
CA LEU B 490 2.38 31.02 -17.58
C LEU B 490 2.45 32.25 -18.51
N PHE B 491 1.30 32.88 -18.79
CA PHE B 491 1.22 34.10 -19.59
C PHE B 491 2.08 35.21 -18.95
N LEU B 492 2.07 35.32 -17.62
CA LEU B 492 2.87 36.30 -16.89
C LEU B 492 4.35 36.13 -17.23
N VAL B 493 4.83 34.89 -17.42
CA VAL B 493 6.24 34.76 -17.71
C VAL B 493 6.45 35.33 -19.10
N LEU B 494 5.49 35.02 -19.98
CA LEU B 494 5.61 35.48 -21.36
C LEU B 494 5.61 37.01 -21.40
N ASP B 495 4.79 37.66 -20.56
CA ASP B 495 4.70 39.12 -20.50
C ASP B 495 6.08 39.69 -20.16
N ASN B 496 6.75 39.11 -19.16
CA ASN B 496 8.10 39.51 -18.78
C ASN B 496 9.08 39.25 -19.92
N PHE B 497 8.90 38.15 -20.65
CA PHE B 497 9.76 37.89 -21.77
C PHE B 497 9.52 38.92 -22.89
N VAL B 498 8.24 39.31 -23.11
CA VAL B 498 7.89 40.26 -24.17
C VAL B 498 8.52 41.62 -23.87
N GLU B 499 8.35 42.11 -22.63
CA GLU B 499 8.95 43.35 -22.14
C GLU B 499 10.44 43.36 -22.46
N ARG B 500 11.14 42.28 -22.11
CA ARG B 500 12.58 42.19 -22.29
C ARG B 500 12.96 42.17 -23.78
N LEU B 501 12.02 41.77 -24.63
CA LEU B 501 12.32 41.61 -26.04
C LEU B 501 12.21 42.95 -26.76
N ARG B 502 11.39 43.85 -26.19
CA ARG B 502 11.21 45.21 -26.69
C ARG B 502 12.44 46.05 -26.31
N LYS B 503 13.00 45.82 -25.12
CA LYS B 503 14.08 46.64 -24.59
C LYS B 503 15.45 46.28 -25.22
N THR B 520 26.69 33.57 -23.64
CA THR B 520 26.09 32.57 -22.73
C THR B 520 24.78 32.06 -23.35
N LEU B 521 24.42 30.81 -23.07
CA LEU B 521 23.24 30.21 -23.69
C LEU B 521 21.95 30.70 -23.01
N SER B 522 22.10 31.20 -21.78
CA SER B 522 21.07 31.73 -20.91
C SER B 522 20.21 32.81 -21.56
N THR B 523 20.77 33.57 -22.53
CA THR B 523 20.08 34.76 -23.04
C THR B 523 20.04 34.78 -24.56
N ALA B 524 20.41 33.68 -25.23
CA ALA B 524 20.54 33.71 -26.68
C ALA B 524 19.26 34.22 -27.33
N SER B 525 18.13 34.10 -26.61
CA SER B 525 16.81 34.38 -27.13
C SER B 525 16.48 35.86 -26.98
N VAL B 526 17.37 36.58 -26.29
CA VAL B 526 17.24 38.01 -26.12
C VAL B 526 18.36 38.69 -26.90
N ASP B 527 19.57 38.12 -26.82
CA ASP B 527 20.75 38.74 -27.42
C ASP B 527 20.64 38.77 -28.94
N ASN B 528 19.81 37.90 -29.50
CA ASN B 528 19.43 38.02 -30.88
C ASN B 528 17.91 38.01 -30.91
N PRO B 529 17.25 39.18 -30.94
CA PRO B 529 15.80 39.24 -30.77
C PRO B 529 15.04 38.56 -31.90
N GLU B 530 15.74 38.26 -32.99
CA GLU B 530 15.15 37.48 -34.07
C GLU B 530 14.86 36.06 -33.58
N VAL B 531 15.72 35.55 -32.69
CA VAL B 531 15.58 34.21 -32.15
C VAL B 531 14.33 34.14 -31.28
N GLY B 532 14.19 35.09 -30.36
CA GLY B 532 13.05 35.12 -29.46
C GLY B 532 11.75 35.41 -30.19
N LEU B 533 11.84 36.23 -31.25
CA LEU B 533 10.62 36.53 -31.99
C LEU B 533 10.08 35.27 -32.66
N GLU B 534 11.00 34.44 -33.20
CA GLU B 534 10.58 33.19 -33.83
C GLU B 534 10.05 32.18 -32.81
N TYR B 535 10.72 32.09 -31.65
CA TYR B 535 10.16 31.32 -30.55
C TYR B 535 8.67 31.65 -30.34
N LEU B 536 8.32 32.95 -30.30
CA LEU B 536 6.95 33.38 -30.04
C LEU B 536 6.04 33.02 -31.21
N ARG B 537 6.57 33.16 -32.43
CA ARG B 537 5.83 32.84 -33.63
C ARG B 537 5.37 31.39 -33.51
N ARG B 538 6.28 30.51 -33.04
CA ARG B 538 6.00 29.09 -32.95
C ARG B 538 5.05 28.77 -31.80
N LEU B 539 5.02 29.59 -30.74
CA LEU B 539 4.15 29.29 -29.60
C LEU B 539 2.78 30.00 -29.69
N TYR B 540 2.72 31.13 -30.42
CA TYR B 540 1.53 31.96 -30.48
C TYR B 540 0.28 31.16 -30.84
N PRO B 541 0.28 30.25 -31.87
CA PRO B 541 -0.92 29.48 -32.20
C PRO B 541 -1.41 28.65 -31.01
N LEU B 542 -0.48 28.17 -30.16
CA LEU B 542 -0.87 27.34 -29.03
C LEU B 542 -1.52 28.19 -27.95
N LEU B 543 -0.99 29.41 -27.76
CA LEU B 543 -1.59 30.39 -26.86
C LEU B 543 -3.01 30.75 -27.31
N ARG B 544 -3.20 31.03 -28.60
CA ARG B 544 -4.51 31.38 -29.16
C ARG B 544 -5.46 30.20 -28.95
N ARG B 545 -4.94 28.98 -29.19
CA ARG B 545 -5.77 27.78 -29.03
C ARG B 545 -6.24 27.68 -27.58
N GLN B 546 -5.33 27.92 -26.62
CA GLN B 546 -5.69 27.80 -25.21
C GLN B 546 -6.71 28.87 -24.82
N PHE B 547 -6.52 30.09 -25.37
CA PHE B 547 -7.45 31.17 -25.11
C PHE B 547 -8.84 30.81 -25.62
N ASP B 548 -8.92 30.37 -26.89
CA ASP B 548 -10.15 29.85 -27.48
C ASP B 548 -10.77 28.81 -26.55
N TRP B 549 -9.97 27.81 -26.16
CA TRP B 549 -10.38 26.72 -25.29
C TRP B 549 -11.00 27.24 -23.99
N PHE B 550 -10.37 28.23 -23.35
CA PHE B 550 -10.98 28.82 -22.15
C PHE B 550 -12.36 29.40 -22.45
N ARG B 551 -12.48 30.10 -23.58
CA ARG B 551 -13.69 30.86 -23.87
C ARG B 551 -14.82 29.91 -24.26
N LYS B 552 -14.47 28.85 -25.00
CA LYS B 552 -15.42 27.79 -25.29
C LYS B 552 -15.84 27.01 -24.02
N THR B 553 -14.89 26.40 -23.29
CA THR B 553 -15.22 25.38 -22.28
C THR B 553 -15.54 25.99 -20.92
N GLN B 554 -15.11 27.23 -20.65
CA GLN B 554 -15.38 27.82 -19.33
C GLN B 554 -16.37 28.99 -19.42
N ALA B 555 -17.06 29.08 -20.57
CA ALA B 555 -18.12 30.07 -20.79
C ALA B 555 -19.05 30.11 -19.58
N GLY B 556 -19.30 31.31 -19.06
CA GLY B 556 -20.41 31.57 -18.14
C GLY B 556 -21.70 31.93 -18.90
N ASP B 557 -22.83 32.05 -18.19
CA ASP B 557 -24.11 32.20 -18.86
C ASP B 557 -24.71 33.57 -18.58
N ILE B 558 -24.92 34.36 -19.66
CA ILE B 558 -25.56 35.68 -19.62
C ILE B 558 -26.95 35.62 -20.27
N LYS B 559 -26.99 35.30 -21.58
CA LYS B 559 -28.18 35.19 -22.44
C LYS B 559 -29.37 34.50 -21.77
N SER B 560 -29.16 33.46 -20.97
CA SER B 560 -30.27 32.63 -20.55
C SER B 560 -30.90 33.09 -19.21
N TYR B 561 -30.46 34.23 -18.66
CA TYR B 561 -31.02 34.65 -17.38
C TYR B 561 -31.48 36.12 -17.37
N ASP B 562 -31.85 36.56 -16.17
CA ASP B 562 -32.21 37.94 -15.83
C ASP B 562 -30.95 38.80 -15.79
N ARG B 563 -30.23 38.93 -16.92
CA ARG B 563 -28.85 39.42 -16.89
C ARG B 563 -28.64 40.55 -17.89
N GLU B 564 -28.46 41.77 -17.35
CA GLU B 564 -28.16 42.94 -18.16
C GLU B 564 -26.69 43.30 -17.97
N ALA B 565 -25.99 43.46 -19.11
CA ALA B 565 -24.56 43.72 -19.11
C ALA B 565 -24.10 44.22 -20.48
N TYR B 566 -23.07 45.08 -20.43
CA TYR B 566 -22.44 45.70 -21.59
C TYR B 566 -22.18 44.73 -22.74
N SER B 567 -21.66 43.53 -22.43
CA SER B 567 -21.48 42.46 -23.42
C SER B 567 -22.29 41.26 -22.97
N THR B 568 -22.82 40.49 -23.93
CA THR B 568 -23.59 39.31 -23.56
C THR B 568 -22.67 38.10 -23.62
N LYS B 569 -21.44 38.32 -24.10
CA LYS B 569 -20.48 37.30 -24.46
C LYS B 569 -19.46 37.07 -23.34
N GLU B 570 -19.11 38.13 -22.60
CA GLU B 570 -17.92 37.99 -21.76
C GLU B 570 -18.35 37.62 -20.35
N ALA B 571 -18.23 36.31 -20.04
CA ALA B 571 -18.72 35.76 -18.78
C ALA B 571 -18.14 34.35 -18.58
N TYR B 572 -17.81 33.99 -17.32
CA TYR B 572 -16.95 32.84 -17.15
C TYR B 572 -17.25 32.10 -15.85
N ARG B 573 -17.30 30.76 -15.96
CA ARG B 573 -17.54 29.92 -14.80
C ARG B 573 -16.55 28.75 -14.80
N TRP B 574 -15.82 28.58 -13.69
CA TRP B 574 -14.86 27.48 -13.54
C TRP B 574 -15.62 26.16 -13.52
N ARG B 575 -15.47 25.36 -14.58
CA ARG B 575 -15.90 23.97 -14.53
C ARG B 575 -15.29 23.24 -13.33
N GLY B 576 -16.03 22.24 -12.84
CA GLY B 576 -15.47 21.20 -11.98
C GLY B 576 -15.46 21.62 -10.51
N ARG B 577 -16.41 22.46 -10.09
CA ARG B 577 -16.53 22.58 -8.66
C ARG B 577 -17.42 21.51 -8.04
N THR B 578 -17.31 21.45 -6.72
CA THR B 578 -18.10 20.59 -5.85
C THR B 578 -18.62 21.54 -4.77
N VAL B 579 -19.41 20.99 -3.83
CA VAL B 579 -20.13 21.76 -2.83
C VAL B 579 -19.20 22.71 -2.07
N SER B 580 -18.05 22.21 -1.60
CA SER B 580 -17.21 22.98 -0.68
C SER B 580 -15.91 23.50 -1.33
N HIS B 581 -15.75 23.33 -2.66
CA HIS B 581 -14.44 23.46 -3.27
C HIS B 581 -14.54 23.98 -4.70
N CYS B 582 -13.49 24.72 -5.11
CA CYS B 582 -13.24 24.98 -6.52
C CYS B 582 -11.73 24.76 -6.78
N LEU B 583 -11.36 23.52 -7.16
CA LEU B 583 -9.95 23.13 -7.21
C LEU B 583 -9.26 23.71 -8.44
N THR B 584 -10.04 23.77 -9.54
CA THR B 584 -9.54 24.24 -10.81
C THR B 584 -9.07 25.69 -10.68
N SER B 585 -9.71 26.43 -9.77
CA SER B 585 -9.37 27.84 -9.64
C SER B 585 -8.03 27.99 -8.93
N GLY B 586 -7.61 26.94 -8.20
CA GLY B 586 -6.33 26.96 -7.50
C GLY B 586 -6.49 27.49 -6.07
N LEU B 587 -7.61 28.16 -5.78
CA LEU B 587 -7.86 28.58 -4.40
C LEU B 587 -8.89 27.62 -3.81
N ASP B 588 -8.40 26.43 -3.42
CA ASP B 588 -9.14 25.18 -3.26
C ASP B 588 -10.50 25.33 -2.57
N ASP B 589 -10.50 25.90 -1.36
CA ASP B 589 -11.71 25.95 -0.54
C ASP B 589 -12.13 27.39 -0.27
N TYR B 590 -11.71 28.34 -1.12
CA TYR B 590 -12.10 29.72 -0.90
C TYR B 590 -13.62 29.80 -1.05
N PRO B 591 -14.35 30.49 -0.14
CA PRO B 591 -15.82 30.48 -0.16
C PRO B 591 -16.40 30.97 -1.49
N ARG B 592 -17.26 30.15 -2.10
CA ARG B 592 -17.90 30.48 -3.35
C ARG B 592 -19.42 30.54 -3.13
N PRO B 593 -20.25 30.81 -4.18
CA PRO B 593 -21.72 30.78 -4.02
C PRO B 593 -22.23 29.40 -3.62
N GLN B 594 -23.14 29.40 -2.63
CA GLN B 594 -23.78 28.20 -2.11
C GLN B 594 -25.24 28.17 -2.55
N PRO B 595 -25.69 27.13 -3.29
CA PRO B 595 -24.81 26.04 -3.70
C PRO B 595 -24.18 26.32 -5.06
N PRO B 596 -23.32 25.42 -5.59
CA PRO B 596 -22.83 25.60 -6.95
C PRO B 596 -24.06 25.63 -7.87
N HIS B 597 -23.91 26.19 -9.07
CA HIS B 597 -25.03 26.46 -9.95
C HIS B 597 -24.49 26.76 -11.35
N PRO B 598 -25.12 26.24 -12.43
CA PRO B 598 -24.65 26.46 -13.80
C PRO B 598 -24.63 27.93 -14.26
N GLY B 599 -25.05 28.82 -13.36
CA GLY B 599 -25.13 30.24 -13.65
C GLY B 599 -24.28 31.05 -12.66
N GLU B 600 -23.37 30.37 -11.97
CA GLU B 600 -22.29 31.03 -11.27
C GLU B 600 -21.44 31.79 -12.27
N LEU B 601 -20.85 32.89 -11.78
CA LEU B 601 -19.82 33.58 -12.52
C LEU B 601 -18.68 33.84 -11.54
N HIS B 602 -17.45 33.54 -11.99
CA HIS B 602 -16.29 33.71 -11.11
C HIS B 602 -15.42 34.86 -11.60
N VAL B 603 -15.16 35.84 -10.73
CA VAL B 603 -14.49 37.06 -11.15
C VAL B 603 -12.98 36.83 -11.36
N ASP B 604 -12.38 35.97 -10.53
CA ASP B 604 -10.99 35.55 -10.72
C ASP B 604 -10.81 35.02 -12.13
N LEU B 605 -11.73 34.14 -12.59
CA LEU B 605 -11.55 33.49 -13.88
C LEU B 605 -11.61 34.52 -15.01
N MET B 606 -12.58 35.44 -14.92
CA MET B 606 -12.73 36.48 -15.93
C MET B 606 -11.43 37.28 -15.98
N SER B 607 -10.92 37.66 -14.81
CA SER B 607 -9.65 38.40 -14.76
C SER B 607 -8.53 37.67 -15.50
N TRP B 608 -8.41 36.34 -15.34
CA TRP B 608 -7.42 35.52 -16.03
C TRP B 608 -7.61 35.61 -17.54
N VAL B 609 -8.86 35.59 -18.02
CA VAL B 609 -9.07 35.82 -19.45
C VAL B 609 -8.55 37.20 -19.84
N GLY B 610 -8.82 38.19 -18.97
CA GLY B 610 -8.20 39.50 -19.08
C GLY B 610 -6.68 39.41 -19.30
N VAL B 611 -6.00 38.64 -18.43
CA VAL B 611 -4.55 38.47 -18.56
C VAL B 611 -4.20 37.97 -19.96
N MET B 612 -4.92 36.93 -20.41
CA MET B 612 -4.52 36.26 -21.64
C MET B 612 -4.71 37.20 -22.83
N VAL B 613 -5.84 37.93 -22.83
CA VAL B 613 -6.08 38.77 -24.00
C VAL B 613 -5.02 39.87 -24.04
N LYS B 614 -4.56 40.36 -22.87
CA LYS B 614 -3.49 41.36 -22.89
C LYS B 614 -2.19 40.80 -23.49
N SER B 615 -1.79 39.59 -23.07
CA SER B 615 -0.57 38.97 -23.58
C SER B 615 -0.67 38.77 -25.07
N LEU B 616 -1.88 38.37 -25.53
CA LEU B 616 -2.10 38.09 -26.95
C LEU B 616 -2.10 39.39 -27.77
N ILE B 617 -2.65 40.48 -27.21
CA ILE B 617 -2.58 41.79 -27.86
C ILE B 617 -1.10 42.09 -28.13
N SER B 618 -0.31 41.97 -27.08
CA SER B 618 1.09 42.36 -27.09
C SER B 618 1.93 41.41 -27.96
N ILE B 619 1.65 40.09 -27.90
CA ILE B 619 2.39 39.11 -28.70
C ILE B 619 1.94 39.19 -30.15
N GLY B 620 0.62 39.19 -30.36
CA GLY B 620 0.08 39.20 -31.72
C GLY B 620 0.58 40.44 -32.46
N SER B 621 0.68 41.54 -31.72
CA SER B 621 1.13 42.77 -32.33
C SER B 621 2.59 42.64 -32.76
N LEU B 622 3.43 41.99 -31.94
CA LEU B 622 4.85 41.81 -32.21
C LEU B 622 5.06 40.99 -33.49
N LEU B 623 4.11 40.09 -33.79
CA LEU B 623 4.20 39.17 -34.92
C LEU B 623 3.47 39.76 -36.13
N GLY B 624 2.71 40.83 -35.88
CA GLY B 624 1.92 41.49 -36.90
C GLY B 624 0.62 40.76 -37.23
N ALA B 625 0.01 40.09 -36.25
CA ALA B 625 -1.27 39.41 -36.47
C ALA B 625 -2.42 40.41 -36.38
N THR B 626 -2.40 41.31 -37.36
CA THR B 626 -3.26 42.47 -37.54
C THR B 626 -4.72 42.08 -37.32
N GLU B 627 -5.15 41.05 -38.05
CA GLU B 627 -6.52 40.53 -38.03
C GLU B 627 -6.94 40.05 -36.64
N ASP B 628 -5.99 39.62 -35.80
CA ASP B 628 -6.26 39.09 -34.47
C ASP B 628 -6.40 40.21 -33.42
N VAL B 629 -5.51 41.22 -33.51
CA VAL B 629 -5.46 42.29 -32.53
C VAL B 629 -6.85 42.92 -32.43
N GLU B 630 -7.51 43.04 -33.58
CA GLU B 630 -8.82 43.67 -33.63
C GLU B 630 -9.79 42.92 -32.72
N PHE B 631 -9.78 41.57 -32.81
CA PHE B 631 -10.70 40.77 -32.02
C PHE B 631 -10.36 40.88 -30.53
N TYR B 632 -9.06 40.79 -30.23
CA TYR B 632 -8.53 40.88 -28.87
C TYR B 632 -8.99 42.17 -28.19
N THR B 633 -8.87 43.28 -28.93
CA THR B 633 -9.22 44.62 -28.51
C THR B 633 -10.66 44.65 -28.02
N LYS B 634 -11.56 44.04 -28.81
CA LYS B 634 -12.99 43.99 -28.50
C LYS B 634 -13.23 43.22 -27.22
N VAL B 635 -12.51 42.08 -27.07
CA VAL B 635 -12.69 41.21 -25.92
C VAL B 635 -12.27 42.00 -24.67
N LEU B 636 -11.12 42.67 -24.77
CA LEU B 636 -10.53 43.35 -23.62
C LEU B 636 -11.49 44.44 -23.14
N ASP B 637 -12.03 45.20 -24.10
CA ASP B 637 -13.04 46.22 -23.83
C ASP B 637 -14.27 45.61 -23.11
N ALA B 638 -14.74 44.43 -23.56
CA ALA B 638 -15.95 43.84 -22.98
C ALA B 638 -15.72 43.33 -21.56
N ILE B 639 -14.53 42.78 -21.32
CA ILE B 639 -14.24 42.26 -20.00
C ILE B 639 -14.22 43.41 -19.01
N GLU B 640 -13.53 44.51 -19.38
CA GLU B 640 -13.37 45.66 -18.50
C GLU B 640 -14.73 46.17 -18.06
N HIS B 641 -15.68 46.18 -19.00
CA HIS B 641 -17.04 46.59 -18.70
C HIS B 641 -17.75 45.52 -17.88
N ASN B 642 -17.66 44.26 -18.35
CA ASN B 642 -18.42 43.18 -17.73
C ASN B 642 -17.96 42.93 -16.30
N LEU B 643 -16.66 43.13 -16.06
CA LEU B 643 -16.09 43.13 -14.72
C LEU B 643 -16.96 44.01 -13.82
N ASP B 644 -17.32 45.21 -14.32
CA ASP B 644 -18.07 46.17 -13.51
C ASP B 644 -19.54 45.74 -13.41
N ASP B 645 -20.12 45.35 -14.55
CA ASP B 645 -21.54 45.02 -14.65
C ASP B 645 -21.85 43.80 -13.77
N LEU B 646 -21.13 42.70 -13.98
CA LEU B 646 -21.45 41.42 -13.37
C LEU B 646 -20.85 41.26 -11.98
N HIS B 647 -19.75 41.97 -11.67
CA HIS B 647 -18.94 41.55 -10.54
C HIS B 647 -18.66 42.67 -9.55
N TRP B 648 -18.80 43.93 -9.97
CA TRP B 648 -18.54 45.04 -9.05
C TRP B 648 -19.72 45.23 -8.09
N SER B 649 -19.41 45.39 -6.80
CA SER B 649 -20.40 45.64 -5.77
C SER B 649 -20.14 47.00 -5.15
N GLU B 650 -21.05 47.95 -5.38
CA GLU B 650 -20.92 49.28 -4.80
C GLU B 650 -21.16 49.20 -3.30
N LYS B 651 -22.11 48.34 -2.90
CA LYS B 651 -22.43 48.11 -1.50
C LYS B 651 -21.16 47.75 -0.72
N GLU B 652 -20.40 46.80 -1.26
CA GLU B 652 -19.34 46.14 -0.51
C GLU B 652 -17.99 46.80 -0.79
N GLY B 653 -17.90 47.46 -1.95
CA GLY B 653 -16.72 48.25 -2.26
C GLY B 653 -15.57 47.35 -2.68
N CYS B 654 -15.90 46.34 -3.50
CA CYS B 654 -15.01 45.29 -3.92
C CYS B 654 -15.72 44.45 -4.96
N TYR B 655 -14.96 43.57 -5.64
CA TYR B 655 -15.51 42.65 -6.63
C TYR B 655 -15.99 41.39 -5.92
N CYS B 656 -17.02 40.77 -6.50
CA CYS B 656 -17.71 39.63 -5.91
C CYS B 656 -17.94 38.58 -7.01
N ASP B 657 -17.95 37.29 -6.64
CA ASP B 657 -18.49 36.26 -7.54
C ASP B 657 -20.00 36.49 -7.69
N ALA B 658 -20.60 35.91 -8.74
CA ALA B 658 -22.05 35.98 -8.91
C ALA B 658 -22.67 34.60 -9.14
N THR B 659 -23.98 34.51 -8.83
CA THR B 659 -24.79 33.31 -9.03
C THR B 659 -26.14 33.67 -9.64
N ILE B 660 -27.08 32.70 -9.64
CA ILE B 660 -28.52 32.87 -9.80
C ILE B 660 -29.14 32.33 -8.52
N ASP B 661 -30.03 33.09 -7.88
CA ASP B 661 -30.47 32.64 -6.56
C ASP B 661 -31.76 31.83 -6.65
N GLU B 662 -32.31 31.52 -5.48
CA GLU B 662 -33.50 30.68 -5.31
C GLU B 662 -34.66 31.23 -6.14
N PHE B 663 -34.63 32.54 -6.43
CA PHE B 663 -35.70 33.24 -7.11
C PHE B 663 -35.31 33.56 -8.54
N GLU B 664 -34.31 32.83 -9.08
CA GLU B 664 -33.86 32.97 -10.47
C GLU B 664 -33.25 34.36 -10.77
N GLU B 665 -32.90 35.10 -9.70
CA GLU B 665 -32.34 36.45 -9.78
C GLU B 665 -30.80 36.43 -9.69
N HIS B 666 -30.12 37.04 -10.69
CA HIS B 666 -28.70 37.38 -10.62
C HIS B 666 -28.37 38.00 -9.27
N LYS B 667 -27.43 37.36 -8.54
CA LYS B 667 -27.08 37.78 -7.20
C LYS B 667 -25.56 37.70 -7.05
N LEU B 668 -25.02 38.76 -6.44
CA LEU B 668 -23.61 38.83 -6.11
C LEU B 668 -23.43 38.12 -4.77
N VAL B 669 -22.39 37.29 -4.72
CA VAL B 669 -22.00 36.58 -3.51
C VAL B 669 -20.62 37.08 -3.14
N CYS B 670 -20.58 37.92 -2.12
CA CYS B 670 -19.38 38.69 -1.85
C CYS B 670 -18.71 38.15 -0.58
N HIS B 671 -17.48 37.69 -0.74
CA HIS B 671 -16.69 37.27 0.40
C HIS B 671 -15.33 37.94 0.30
N LYS B 672 -15.02 38.79 1.29
CA LYS B 672 -13.87 39.68 1.17
C LYS B 672 -12.58 38.91 1.39
N GLY B 673 -11.74 38.90 0.36
CA GLY B 673 -10.44 38.24 0.41
C GLY B 673 -9.75 38.31 -0.94
N TYR B 674 -8.90 37.32 -1.22
CA TYR B 674 -8.11 37.39 -2.44
C TYR B 674 -9.04 37.56 -3.63
N ILE B 675 -10.12 36.74 -3.70
CA ILE B 675 -10.94 36.71 -4.89
C ILE B 675 -11.45 38.11 -5.18
N SER B 676 -11.76 38.82 -4.10
CA SER B 676 -12.44 40.09 -4.28
C SER B 676 -11.46 41.19 -4.72
N LEU B 677 -10.18 40.82 -4.96
CA LEU B 677 -9.15 41.75 -5.38
C LEU B 677 -8.72 41.50 -6.81
N PHE B 678 -9.33 40.52 -7.47
CA PHE B 678 -8.68 39.90 -8.61
C PHE B 678 -8.37 40.87 -9.74
N PRO B 679 -9.31 41.73 -10.19
CA PRO B 679 -9.02 42.67 -11.29
C PRO B 679 -7.78 43.54 -11.04
N PHE B 680 -7.54 43.89 -9.78
CA PHE B 680 -6.34 44.58 -9.34
C PHE B 680 -5.11 43.66 -9.48
N LEU B 681 -5.16 42.49 -8.82
CA LEU B 681 -4.09 41.50 -8.78
C LEU B 681 -3.53 41.21 -10.17
N THR B 682 -4.38 41.20 -11.20
CA THR B 682 -4.01 40.77 -12.54
C THR B 682 -3.71 41.97 -13.44
N GLY B 683 -3.74 43.19 -12.86
CA GLY B 683 -3.34 44.41 -13.55
C GLY B 683 -4.32 44.88 -14.62
N LEU B 684 -5.64 44.81 -14.32
CA LEU B 684 -6.67 45.20 -15.29
C LEU B 684 -7.20 46.62 -15.02
N LEU B 685 -6.97 47.14 -13.81
CA LEU B 685 -7.46 48.44 -13.42
C LEU B 685 -6.44 49.54 -13.79
N LYS B 686 -6.96 50.62 -14.40
CA LYS B 686 -6.17 51.80 -14.74
C LYS B 686 -5.80 52.54 -13.45
N PRO B 687 -4.64 53.22 -13.37
CA PRO B 687 -4.21 53.88 -12.13
C PRO B 687 -5.17 54.90 -11.53
N ASP B 688 -6.07 55.43 -12.36
CA ASP B 688 -7.02 56.48 -11.98
C ASP B 688 -8.43 55.89 -11.75
N SER B 689 -8.52 54.59 -11.46
CA SER B 689 -9.82 53.96 -11.31
C SER B 689 -10.38 54.20 -9.91
N PRO B 690 -11.60 54.77 -9.80
CA PRO B 690 -12.23 54.98 -8.49
C PRO B 690 -12.42 53.67 -7.74
N LYS B 691 -12.44 52.55 -8.47
CA LYS B 691 -12.59 51.22 -7.88
C LYS B 691 -11.26 50.76 -7.32
N LEU B 692 -10.17 51.01 -8.06
CA LEU B 692 -8.84 50.71 -7.56
C LEU B 692 -8.66 51.24 -6.14
N GLY B 693 -9.06 52.49 -5.92
CA GLY B 693 -8.88 53.18 -4.65
C GLY B 693 -9.60 52.49 -3.50
N LYS B 694 -10.83 52.00 -3.75
CA LYS B 694 -11.62 51.27 -2.76
C LYS B 694 -10.98 49.91 -2.47
N LEU B 695 -10.42 49.26 -3.51
CA LEU B 695 -9.73 48.01 -3.28
C LEU B 695 -8.53 48.24 -2.37
N LEU B 696 -7.81 49.34 -2.59
CA LEU B 696 -6.64 49.72 -1.81
C LEU B 696 -7.05 49.87 -0.34
N ALA B 697 -8.28 50.33 -0.12
CA ALA B 697 -8.71 50.58 1.25
C ALA B 697 -8.86 49.25 1.99
N LEU B 698 -9.36 48.24 1.27
CA LEU B 698 -9.64 46.92 1.83
C LEU B 698 -8.31 46.19 2.10
N ILE B 699 -7.39 46.31 1.15
CA ILE B 699 -6.05 45.76 1.28
C ILE B 699 -5.44 46.28 2.58
N GLY B 700 -5.56 47.59 2.80
CA GLY B 700 -4.89 48.25 3.91
C GLY B 700 -5.58 48.04 5.27
N ASP B 701 -6.79 47.46 5.24
CA ASP B 701 -7.68 47.42 6.38
C ASP B 701 -7.31 46.27 7.33
N GLU B 702 -6.83 46.62 8.53
CA GLU B 702 -6.31 45.70 9.55
C GLU B 702 -7.41 44.81 10.13
N SER B 703 -8.67 45.24 9.99
CA SER B 703 -9.80 44.47 10.48
C SER B 703 -10.29 43.48 9.43
N GLU B 704 -9.76 43.58 8.21
CA GLU B 704 -10.26 42.76 7.10
C GLU B 704 -9.13 41.86 6.58
N LEU B 705 -8.26 42.42 5.73
CA LEU B 705 -7.33 41.65 4.93
C LEU B 705 -5.90 41.76 5.45
N TRP B 706 -5.58 42.82 6.20
CA TRP B 706 -4.21 43.20 6.51
C TRP B 706 -3.78 42.69 7.89
N SER B 707 -2.92 41.67 7.87
CA SER B 707 -2.21 41.14 9.02
C SER B 707 -0.79 41.74 9.09
N PRO B 708 -0.07 41.56 10.22
CA PRO B 708 1.35 41.94 10.29
C PRO B 708 2.27 41.11 9.40
N TYR B 709 1.71 40.05 8.82
CA TYR B 709 2.48 38.99 8.16
C TYR B 709 2.16 38.92 6.67
N GLY B 710 1.27 39.81 6.19
CA GLY B 710 0.84 39.88 4.81
C GLY B 710 -0.68 39.89 4.71
N LEU B 711 -1.20 39.92 3.46
CA LEU B 711 -2.64 39.89 3.21
C LEU B 711 -3.22 38.50 3.49
N ARG B 712 -4.25 38.45 4.33
CA ARG B 712 -5.04 37.26 4.60
C ARG B 712 -5.81 36.87 3.33
N SER B 713 -5.92 35.56 3.06
CA SER B 713 -6.69 35.05 1.94
C SER B 713 -8.17 35.39 2.06
N LEU B 714 -8.68 35.40 3.30
CA LEU B 714 -10.07 35.68 3.60
C LEU B 714 -10.14 36.59 4.81
N SER B 715 -11.00 37.61 4.73
CA SER B 715 -11.20 38.68 5.71
C SER B 715 -11.62 38.13 7.08
N LYS B 716 -11.00 38.68 8.13
CA LYS B 716 -11.35 38.34 9.50
C LYS B 716 -12.85 38.39 9.74
N LYS B 717 -13.54 39.25 8.97
CA LYS B 717 -14.95 39.58 9.20
C LYS B 717 -15.85 38.67 8.39
N ASP B 718 -15.27 37.90 7.47
CA ASP B 718 -16.06 36.96 6.72
C ASP B 718 -16.53 35.84 7.65
N GLU B 719 -17.75 35.36 7.38
CA GLU B 719 -18.38 34.34 8.21
C GLU B 719 -17.63 33.02 8.09
N PHE B 720 -16.86 32.85 7.01
CA PHE B 720 -16.15 31.60 6.79
C PHE B 720 -14.73 31.64 7.33
N TYR B 721 -14.30 32.81 7.84
CA TYR B 721 -12.94 32.95 8.32
C TYR B 721 -12.62 31.79 9.25
N GLY B 722 -11.55 31.06 8.89
CA GLY B 722 -10.94 30.08 9.77
C GLY B 722 -11.68 28.75 9.79
N THR B 723 -12.71 28.60 8.94
CA THR B 723 -13.58 27.44 8.99
C THR B 723 -13.04 26.28 8.14
N ALA B 724 -13.51 25.06 8.49
CA ALA B 724 -13.22 23.83 7.79
C ALA B 724 -11.70 23.56 7.71
N GLU B 725 -11.22 23.21 6.51
CA GLU B 725 -9.82 22.89 6.31
C GLU B 725 -8.99 24.18 6.38
N ASN B 726 -9.66 25.34 6.31
CA ASN B 726 -9.01 26.62 6.55
C ASN B 726 -7.77 26.79 5.66
N TYR B 727 -7.93 26.48 4.38
CA TYR B 727 -6.80 26.39 3.47
C TYR B 727 -6.59 27.76 2.83
N TRP B 728 -7.67 28.26 2.22
CA TRP B 728 -7.64 29.59 1.63
C TRP B 728 -8.69 30.45 2.34
N ARG B 729 -8.99 30.08 3.60
CA ARG B 729 -10.02 30.74 4.39
C ARG B 729 -9.44 31.61 5.51
N SER B 730 -8.19 32.08 5.39
CA SER B 730 -7.58 33.01 6.35
C SER B 730 -6.08 33.18 6.10
N PRO B 731 -5.31 32.09 5.80
CA PRO B 731 -3.84 32.17 5.82
C PRO B 731 -3.23 33.05 4.73
N VAL B 732 -1.94 33.40 4.94
CA VAL B 732 -1.13 34.22 4.06
C VAL B 732 -0.46 33.35 2.98
N TRP B 733 -0.80 33.58 1.71
CA TRP B 733 -0.16 32.88 0.61
C TRP B 733 0.76 33.83 -0.16
N ILE B 734 1.95 33.32 -0.52
CA ILE B 734 3.01 34.17 -1.03
C ILE B 734 2.77 34.54 -2.49
N ASN B 735 2.15 33.64 -3.27
CA ASN B 735 1.91 33.87 -4.70
C ASN B 735 0.94 35.03 -4.87
N ILE B 736 -0.12 35.11 -4.05
CA ILE B 736 -1.11 36.17 -4.21
C ILE B 736 -0.53 37.48 -3.67
N ASN B 737 0.20 37.38 -2.56
CA ASN B 737 0.85 38.55 -1.99
C ASN B 737 1.86 39.13 -2.99
N TYR B 738 2.63 38.26 -3.65
CA TYR B 738 3.55 38.69 -4.69
C TYR B 738 2.82 39.58 -5.70
N LEU B 739 1.63 39.14 -6.12
CA LEU B 739 0.90 39.78 -7.19
C LEU B 739 0.46 41.17 -6.73
N ALA B 740 -0.01 41.25 -5.48
CA ALA B 740 -0.36 42.51 -4.83
C ALA B 740 0.82 43.48 -4.85
N ILE B 741 1.97 43.01 -4.35
CA ILE B 741 3.20 43.80 -4.27
C ILE B 741 3.52 44.40 -5.63
N VAL B 742 3.47 43.58 -6.67
CA VAL B 742 3.90 43.98 -8.00
C VAL B 742 2.95 45.06 -8.53
N GLN B 743 1.64 44.93 -8.24
CA GLN B 743 0.64 45.86 -8.75
C GLN B 743 0.69 47.15 -7.94
N LEU B 744 0.84 47.05 -6.60
CA LEU B 744 1.09 48.18 -5.72
C LEU B 744 2.28 49.02 -6.24
N TYR B 745 3.36 48.36 -6.66
CA TYR B 745 4.53 49.01 -7.22
C TYR B 745 4.19 49.75 -8.52
N ASN B 746 3.33 49.15 -9.35
CA ASN B 746 2.96 49.76 -10.61
C ASN B 746 2.24 51.09 -10.36
N ILE B 747 1.26 51.10 -9.42
CA ILE B 747 0.55 52.30 -9.07
C ILE B 747 1.52 53.32 -8.45
N ALA B 748 2.48 52.84 -7.66
CA ALA B 748 3.34 53.71 -6.86
C ALA B 748 4.36 54.46 -7.71
N THR B 749 4.43 54.18 -9.01
CA THR B 749 5.50 54.69 -9.84
C THR B 749 4.92 55.36 -11.08
N GLN B 750 3.65 55.73 -11.03
CA GLN B 750 3.09 56.61 -12.04
C GLN B 750 2.18 57.64 -11.37
N ASP B 751 1.83 58.69 -12.13
CA ASP B 751 1.00 59.78 -11.64
C ASP B 751 -0.43 59.28 -11.43
N GLY B 752 -1.03 59.67 -10.29
CA GLY B 752 -2.41 59.37 -10.01
C GLY B 752 -2.80 59.69 -8.56
N PRO B 753 -4.12 59.73 -8.26
CA PRO B 753 -4.59 59.97 -6.90
C PRO B 753 -4.12 58.99 -5.83
N TYR B 754 -3.76 57.76 -6.25
CA TYR B 754 -3.43 56.69 -5.30
C TYR B 754 -1.94 56.41 -5.23
N LYS B 755 -1.12 57.20 -5.96
CA LYS B 755 0.33 57.00 -6.04
C LYS B 755 0.91 56.78 -4.65
N GLU B 756 0.61 57.71 -3.74
CA GLU B 756 1.15 57.72 -2.39
C GLU B 756 0.54 56.60 -1.55
N THR B 757 -0.76 56.34 -1.73
CA THR B 757 -1.38 55.21 -1.08
C THR B 757 -0.65 53.91 -1.45
N ALA B 758 -0.44 53.74 -2.76
CA ALA B 758 0.22 52.55 -3.27
C ALA B 758 1.67 52.48 -2.79
N ARG B 759 2.43 53.60 -2.82
CA ARG B 759 3.79 53.62 -2.31
C ARG B 759 3.86 53.06 -0.88
N ASP B 760 2.90 53.47 -0.03
CA ASP B 760 2.99 53.13 1.37
C ASP B 760 2.63 51.64 1.57
N LEU B 761 1.58 51.16 0.89
CA LEU B 761 1.23 49.76 1.04
C LEU B 761 2.33 48.88 0.44
N TYR B 762 2.90 49.32 -0.69
CA TYR B 762 4.01 48.60 -1.30
C TYR B 762 5.11 48.40 -0.27
N THR B 763 5.59 49.50 0.33
CA THR B 763 6.72 49.43 1.25
C THR B 763 6.41 48.49 2.41
N ARG B 764 5.18 48.60 2.91
CA ARG B 764 4.80 47.90 4.12
C ARG B 764 4.55 46.41 3.84
N LEU B 765 3.79 46.08 2.79
CA LEU B 765 3.49 44.70 2.45
C LEU B 765 4.79 43.93 2.18
N ARG B 766 5.71 44.58 1.46
CA ARG B 766 6.98 44.00 1.10
C ARG B 766 7.74 43.58 2.36
N LYS B 767 7.90 44.51 3.32
CA LYS B 767 8.62 44.25 4.56
C LYS B 767 7.92 43.11 5.31
N ASN B 768 6.59 43.15 5.37
CA ASN B 768 5.85 42.15 6.12
C ASN B 768 6.08 40.72 5.58
N ILE B 769 6.03 40.60 4.24
CA ILE B 769 6.09 39.33 3.52
C ILE B 769 7.53 38.79 3.60
N VAL B 770 8.51 39.65 3.27
CA VAL B 770 9.89 39.22 3.36
C VAL B 770 10.18 38.76 4.80
N GLU B 771 9.75 39.56 5.78
CA GLU B 771 10.08 39.26 7.17
C GLU B 771 9.49 37.91 7.60
N THR B 772 8.20 37.72 7.35
CA THR B 772 7.53 36.47 7.65
C THR B 772 8.28 35.26 7.08
N VAL B 773 8.53 35.26 5.76
CA VAL B 773 9.20 34.15 5.10
C VAL B 773 10.63 34.04 5.63
N TYR B 774 11.30 35.20 5.82
CA TYR B 774 12.67 35.21 6.33
C TYR B 774 12.75 34.59 7.73
N ARG B 775 11.90 35.06 8.65
CA ARG B 775 12.01 34.68 10.05
C ARG B 775 11.78 33.17 10.17
N ASN B 776 10.85 32.63 9.37
CA ASN B 776 10.48 31.22 9.46
C ASN B 776 11.61 30.36 8.89
N TRP B 777 12.28 30.89 7.86
CA TRP B 777 13.42 30.21 7.27
C TRP B 777 14.56 30.16 8.28
N GLU B 778 14.77 31.26 8.99
CA GLU B 778 15.85 31.32 9.99
C GLU B 778 15.57 30.34 11.13
N GLU B 779 14.31 30.26 11.60
CA GLU B 779 14.02 29.38 12.72
C GLU B 779 13.95 27.91 12.30
N THR B 780 13.47 27.59 11.08
CA THR B 780 13.14 26.20 10.76
C THR B 780 13.99 25.62 9.63
N GLY B 781 14.59 26.46 8.78
CA GLY B 781 15.28 25.93 7.61
C GLY B 781 14.38 25.76 6.38
N PHE B 782 13.04 25.90 6.56
CA PHE B 782 12.07 25.67 5.49
C PHE B 782 11.37 26.95 4.98
N ALA B 783 11.15 26.97 3.67
CA ALA B 783 10.06 27.67 3.03
C ALA B 783 8.76 26.92 3.30
N TRP B 784 7.69 27.65 3.69
CA TRP B 784 6.41 26.99 3.94
C TRP B 784 5.39 27.29 2.84
N GLU B 785 4.40 26.41 2.78
CA GLU B 785 3.31 26.48 1.82
C GLU B 785 2.44 27.71 2.10
N GLN B 786 2.23 28.02 3.38
CA GLN B 786 1.46 29.20 3.77
C GLN B 786 1.88 29.64 5.17
N TYR B 787 1.40 30.80 5.59
CA TYR B 787 1.79 31.42 6.85
C TYR B 787 0.55 31.84 7.63
N ASN B 788 0.64 31.61 8.94
CA ASN B 788 -0.38 31.98 9.90
C ASN B 788 -0.54 33.49 9.95
N PRO B 789 -1.80 34.01 9.84
CA PRO B 789 -2.07 35.45 9.98
C PRO B 789 -2.13 36.03 11.40
N GLU B 790 -2.32 35.17 12.42
CA GLU B 790 -2.26 35.59 13.83
C GLU B 790 -0.81 35.60 14.32
N THR B 791 0.00 34.60 13.91
CA THR B 791 1.28 34.34 14.58
C THR B 791 2.47 34.56 13.65
N GLY B 792 2.27 34.33 12.34
CA GLY B 792 3.34 34.43 11.38
C GLY B 792 3.98 33.08 11.02
N LYS B 793 3.67 32.02 11.79
CA LYS B 793 4.31 30.72 11.71
C LYS B 793 4.05 30.05 10.35
N GLY B 794 5.08 29.42 9.77
CA GLY B 794 4.95 28.46 8.68
C GLY B 794 4.05 27.27 9.04
N GLN B 795 3.12 26.93 8.14
CA GLN B 795 2.18 25.84 8.37
C GLN B 795 1.77 25.24 7.04
N ARG B 796 0.99 24.15 7.09
CA ARG B 796 0.90 23.22 5.98
C ARG B 796 2.29 22.67 5.64
N THR B 797 2.58 22.37 4.37
CA THR B 797 3.78 21.62 4.08
C THR B 797 5.04 22.50 4.13
N GLN B 798 6.15 21.87 4.57
CA GLN B 798 7.50 22.40 4.50
C GLN B 798 8.04 22.16 3.10
N HIS B 799 9.22 22.72 2.80
CA HIS B 799 9.90 22.44 1.54
C HIS B 799 9.14 22.98 0.32
N PHE B 800 8.36 24.06 0.51
CA PHE B 800 7.49 24.53 -0.55
C PHE B 800 8.19 25.54 -1.46
N THR B 801 9.03 25.04 -2.39
CA THR B 801 9.75 25.90 -3.30
C THR B 801 9.57 25.44 -4.75
N GLY B 802 8.36 25.62 -5.30
CA GLY B 802 7.26 26.28 -4.60
C GLY B 802 7.30 27.79 -4.79
N TRP B 803 6.12 28.41 -4.88
CA TRP B 803 6.00 29.80 -5.23
C TRP B 803 6.42 30.70 -4.06
N THR B 804 6.70 30.09 -2.89
CA THR B 804 7.21 30.85 -1.76
C THR B 804 8.56 31.50 -2.08
N SER B 805 9.28 30.94 -3.04
CA SER B 805 10.58 31.43 -3.45
C SER B 805 10.45 32.72 -4.25
N LEU B 806 9.21 33.13 -4.55
CA LEU B 806 8.94 34.42 -5.18
C LEU B 806 9.55 35.52 -4.31
N VAL B 807 9.73 35.20 -3.03
CA VAL B 807 10.29 36.12 -2.06
C VAL B 807 11.61 36.71 -2.57
N VAL B 808 12.38 35.95 -3.35
CA VAL B 808 13.63 36.47 -3.90
C VAL B 808 13.38 37.71 -4.74
N LYS B 809 12.29 37.72 -5.53
CA LYS B 809 12.06 38.81 -6.45
C LYS B 809 11.45 39.96 -5.67
N ILE B 810 10.76 39.64 -4.57
CA ILE B 810 10.17 40.70 -3.78
C ILE B 810 11.33 41.55 -3.24
N MET B 811 12.41 40.88 -2.80
CA MET B 811 13.56 41.55 -2.24
C MET B 811 14.31 42.36 -3.30
N SER B 812 14.18 41.96 -4.58
CA SER B 812 14.86 42.51 -5.73
C SER B 812 14.27 43.83 -6.26
N GLY B 813 12.93 43.95 -6.33
CA GLY B 813 12.31 45.14 -6.95
C GLY B 813 11.97 44.94 -8.43
N HIS B 814 11.10 45.82 -8.98
CA HIS B 814 10.38 45.50 -10.21
C HIS B 814 10.80 46.42 -11.37
N1 UF6 C . -10.75 -22.63 -2.08
N3 UF6 C . 0.14 -27.34 -1.70
C4 UF6 C . -10.54 -21.56 0.05
C5 UF6 C . -9.82 -23.26 -1.84
C6 UF6 C . -8.64 -22.38 -2.19
C7 UF6 C . -7.30 -23.07 -2.32
C8 UF6 C . -6.19 -22.08 -2.70
C10 UF6 C . -4.08 -23.53 -2.76
C13 UF6 C . -1.14 -27.13 -2.34
C15 UF6 C . -3.09 -28.15 -3.22
C17 UF6 C . -5.06 -29.63 -3.78
C20 UF6 C . -3.03 -30.60 -3.13
C21 UF6 C . -3.62 -26.92 -3.54
C22 UF6 C . -11.65 -23.17 -3.05
C1 UF6 C . -13.41 -21.77 -2.20
C11 UF6 C . -2.89 -25.79 -3.26
C12 UF6 C . -1.65 -25.90 -2.68
C14 UF6 C . -1.87 -28.25 -2.62
C16 UF6 C . -3.76 -29.49 -3.41
C18 UF6 C . -5.54 -30.91 -3.89
C19 UF6 C . -3.57 -31.85 -3.26
C2 UF6 C . -12.34 -21.09 -1.60
C23 UF6 C . -12.77 -22.23 -3.37
C3 UF6 C . -11.43 -22.10 -0.89
C9 UF6 C . -5.09 -22.69 -3.57
N2 UF6 C . -3.40 -24.47 -3.64
N4 UF6 C . -4.81 -31.96 -3.63
O1 UF6 C . -14.56 -20.90 -2.50
O2 UF6 C . -12.75 -20.06 -0.81
O3 UF6 C . -10.34 -22.66 0.85
O4 UF6 C . 0.64 -26.39 -0.83
O5 UF6 C . 0.87 -28.50 -1.98
O6 UF6 C . -13.75 -22.86 -4.22
C1 GOL D . 11.58 -36.45 31.93
O1 GOL D . 12.32 -37.10 32.95
C2 GOL D . 10.19 -37.03 31.80
O2 GOL D . 9.54 -36.47 30.67
C3 GOL D . 9.34 -36.80 33.03
O3 GOL D . 7.96 -36.95 32.71
S SO4 E . 8.56 -10.88 5.78
O1 SO4 E . 7.28 -10.63 5.18
O2 SO4 E . 8.52 -12.07 6.61
O3 SO4 E . 9.55 -11.12 4.76
O4 SO4 E . 8.89 -9.74 6.58
S SO4 F . -9.68 -18.81 -17.41
O1 SO4 F . -10.65 -19.80 -17.05
O2 SO4 F . -10.36 -17.68 -18.01
O3 SO4 F . -8.76 -19.38 -18.37
O4 SO4 F . -8.95 -18.41 -16.23
S SO4 G . -4.88 -6.18 3.56
O1 SO4 G . -4.40 -6.28 4.91
O2 SO4 G . -5.85 -7.21 3.33
O3 SO4 G . -3.76 -6.33 2.63
O4 SO4 G . -5.49 -4.85 3.37
S SO4 H . 13.13 -7.54 21.83
O1 SO4 H . 13.27 -7.43 23.27
O2 SO4 H . 12.35 -8.72 21.52
O3 SO4 H . 12.47 -6.38 21.32
O4 SO4 H . 14.42 -7.66 21.21
S SO4 I . -27.67 -20.64 15.07
O1 SO4 I . -28.66 -20.33 16.06
O2 SO4 I . -27.46 -22.08 15.04
O3 SO4 I . -28.11 -20.20 13.76
O4 SO4 I . -26.43 -20.00 15.41
N1 UF6 J . -1.28 22.76 -3.82
N3 UF6 J . 2.31 12.88 0.31
C4 UF6 J . 0.21 22.78 -5.75
C5 UF6 J . -1.72 21.76 -4.18
C6 UF6 J . -1.39 20.58 -3.28
C7 UF6 J . -1.40 19.29 -4.12
C8 UF6 J . -2.03 18.06 -3.44
C10 UF6 J . -1.31 15.83 -2.34
C13 UF6 J . 1.48 14.05 0.53
C15 UF6 J . 0.81 15.74 2.08
C17 UF6 J . 2.20 16.37 4.04
C20 UF6 J . -0.13 16.76 4.14
C21 UF6 J . -0.03 16.31 1.17
C22 UF6 J . -2.31 23.47 -3.15
C1 UF6 J . -2.54 24.99 -4.99
C11 UF6 J . -0.13 15.75 -0.08
C12 UF6 J . 0.63 14.62 -0.41
C14 UF6 J . 1.55 14.62 1.78
C16 UF6 J . 0.95 16.31 3.46
C18 UF6 J . 2.33 16.90 5.29
C19 UF6 J . 0.07 17.26 5.40
C2 UF6 J . -2.01 24.03 -5.87
C23 UF6 J . -3.26 24.22 -4.04
C3 UF6 J . -0.82 23.44 -5.04
C9 UF6 J . -1.06 16.89 -3.43
N2 UF6 J . -1.03 16.40 -1.04
N4 UF6 J . 1.26 17.32 5.92
O1 UF6 J . -3.33 26.04 -5.65
O2 UF6 J . -1.58 24.65 -7.05
O3 UF6 J . 1.32 23.50 -5.39
O4 UF6 J . 3.05 12.36 1.37
O5 UF6 J . 2.41 12.23 -0.91
O6 UF6 J . -4.08 25.07 -3.21
C1 NAG K . 16.79 17.18 -28.00
C2 NAG K . 15.30 16.84 -27.86
C3 NAG K . 15.00 15.38 -28.25
C4 NAG K . 15.67 14.95 -29.56
C5 NAG K . 17.18 15.14 -29.33
C6 NAG K . 18.13 14.63 -30.40
C7 NAG K . 14.22 17.91 -25.87
C8 NAG K . 13.70 19.07 -26.70
N2 NAG K . 15.01 17.00 -26.44
O3 NAG K . 13.61 15.26 -28.35
O4 NAG K . 15.29 13.60 -29.94
O5 NAG K . 17.39 16.55 -29.15
O6 NAG K . 17.71 15.14 -31.68
O7 NAG K . 13.94 17.77 -24.69
C1 GOL L . -2.08 15.98 -22.48
O1 GOL L . -3.32 16.65 -22.75
C2 GOL L . -1.68 16.20 -21.05
O2 GOL L . -2.37 17.37 -20.60
C3 GOL L . -2.04 15.03 -20.17
O3 GOL L . -1.12 14.82 -19.08
S SO4 M . 40.17 -4.03 -7.75
O1 SO4 M . 40.01 -4.61 -9.07
O2 SO4 M . 39.70 -4.98 -6.74
O3 SO4 M . 39.43 -2.79 -7.63
O4 SO4 M . 41.57 -3.75 -7.52
S SO4 N . 4.11 4.42 -17.65
O1 SO4 N . 2.98 5.26 -17.33
O2 SO4 N . 3.66 3.10 -17.97
O3 SO4 N . 4.77 4.92 -18.81
O4 SO4 N . 5.01 4.39 -16.54
S SO4 O . 10.32 -6.58 -7.44
O1 SO4 O . 9.24 -7.35 -6.89
O2 SO4 O . 10.32 -6.64 -8.91
O3 SO4 O . 10.19 -5.20 -7.01
O4 SO4 O . 11.57 -7.12 -6.95
S SO4 P . 10.20 3.79 -2.00
O1 SO4 P . 9.29 3.42 -0.95
O2 SO4 P . 10.69 2.61 -2.67
O3 SO4 P . 9.52 4.61 -2.97
O4 SO4 P . 11.31 4.53 -1.44
S SO4 Q . -16.97 18.74 -1.29
O1 SO4 Q . -18.28 18.48 -1.81
O2 SO4 Q . -17.05 18.99 0.12
O3 SO4 Q . -16.43 19.90 -1.94
O4 SO4 Q . -16.10 17.60 -1.54
S SO4 R . 2.23 47.42 9.27
O1 SO4 R . 1.32 48.50 9.54
O2 SO4 R . 1.49 46.29 8.76
O3 SO4 R . 3.19 47.86 8.28
O4 SO4 R . 2.90 47.02 10.48
#